data_5XZT
#
_entry.id   5XZT
#
_cell.length_a   85.494
_cell.length_b   87.830
_cell.length_c   104.578
_cell.angle_alpha   90.00
_cell.angle_beta   105.23
_cell.angle_gamma   90.00
#
_symmetry.space_group_name_H-M   'P 1 21 1'
#
loop_
_entity.id
_entity.type
_entity.pdbx_description
1 polymer 'Hydroxynitrile lyase'
2 non-polymer HEXANE-1,6-DIOL
3 water water
#
_entity_poly.entity_id   1
_entity_poly.type   'polypeptide(L)'
_entity_poly.pdbx_seq_one_letter_code
;GNPPEIVRHIVFNRYKSQLSQKQIDQIIADYGNLQNIAPEMKEWKWGTDLGPAVEDRADGFTHAYESTFHSVADFLNFFY
SPPALEFAKEFFPACEKIVVLNYIINE
;
_entity_poly.pdbx_strand_id   A,B,C,D,E,F,G,H,I,J,K,L
#
loop_
_chem_comp.id
_chem_comp.type
_chem_comp.name
_chem_comp.formula
HEZ non-polymer HEXANE-1,6-DIOL 'C6 H14 O2'
#
# COMPACT_ATOMS: atom_id res chain seq x y z
N PRO A 4 -15.83 6.96 40.69
CA PRO A 4 -14.70 7.57 41.40
C PRO A 4 -14.92 9.07 41.67
N GLU A 5 -14.13 9.61 42.60
CA GLU A 5 -14.25 11.01 43.06
C GLU A 5 -13.41 11.95 42.17
N ILE A 6 -13.95 12.26 40.99
CA ILE A 6 -13.25 13.12 40.01
C ILE A 6 -13.40 14.59 40.44
N VAL A 7 -12.29 15.33 40.35
CA VAL A 7 -12.18 16.68 40.94
C VAL A 7 -12.06 17.70 39.82
N ARG A 8 -12.82 18.80 39.89
CA ARG A 8 -12.66 19.93 39.00
C ARG A 8 -11.84 20.99 39.72
N HIS A 9 -10.96 21.65 38.97
CA HIS A 9 -10.12 22.72 39.46
C HIS A 9 -10.44 23.90 38.56
N ILE A 10 -11.10 24.91 39.13
CA ILE A 10 -11.48 26.08 38.37
C ILE A 10 -10.84 27.32 38.96
N VAL A 11 -10.14 28.03 38.08
CA VAL A 11 -9.44 29.27 38.39
C VAL A 11 -10.13 30.44 37.69
N PHE A 12 -10.39 31.51 38.43
CA PHE A 12 -10.71 32.81 37.83
C PHE A 12 -9.55 33.76 38.16
N ASN A 13 -9.12 34.58 37.20
CA ASN A 13 -8.15 35.62 37.50
C ASN A 13 -8.37 36.90 36.71
N ARG A 14 -7.57 37.89 37.12
CA ARG A 14 -7.41 39.15 36.44
C ARG A 14 -5.90 39.39 36.41
N TYR A 15 -5.39 39.81 35.26
CA TYR A 15 -3.96 40.03 35.07
C TYR A 15 -3.54 41.42 35.49
N LYS A 16 -2.30 41.54 35.97
CA LYS A 16 -1.71 42.84 36.27
CA LYS A 16 -1.66 42.83 36.24
C LYS A 16 -1.75 43.70 35.01
N SER A 17 -2.07 44.99 35.19
CA SER A 17 -2.22 45.90 34.06
C SER A 17 -0.96 46.19 33.27
N GLN A 18 0.22 46.06 33.88
CA GLN A 18 1.46 46.40 33.16
C GLN A 18 1.90 45.35 32.16
N LEU A 19 1.30 44.16 32.18
CA LEU A 19 1.73 43.07 31.32
C LEU A 19 1.21 43.24 29.90
N SER A 20 2.09 43.01 28.93
CA SER A 20 1.67 43.02 27.52
C SER A 20 0.64 41.90 27.29
N GLN A 21 -0.26 42.11 26.35
CA GLN A 21 -1.16 41.02 25.97
C GLN A 21 -0.35 39.85 25.41
N LYS A 22 0.75 40.15 24.73
CA LYS A 22 1.68 39.11 24.27
C LYS A 22 2.13 38.20 25.41
N GLN A 23 2.52 38.80 26.53
CA GLN A 23 2.97 38.00 27.66
C GLN A 23 1.82 37.25 28.31
N ILE A 24 0.66 37.89 28.41
CA ILE A 24 -0.54 37.23 28.94
C ILE A 24 -0.85 36.00 28.09
N ASP A 25 -0.82 36.16 26.77
CA ASP A 25 -1.01 35.02 25.83
C ASP A 25 0.00 33.90 26.11
N GLN A 26 1.27 34.27 26.33
CA GLN A 26 2.31 33.30 26.66
C GLN A 26 2.03 32.55 27.95
N ILE A 27 1.61 33.28 28.98
CA ILE A 27 1.34 32.68 30.27
C ILE A 27 0.21 31.65 30.15
N ILE A 28 -0.83 32.00 29.38
CA ILE A 28 -1.98 31.10 29.15
C ILE A 28 -1.51 29.86 28.36
N ALA A 29 -0.73 30.08 27.32
CA ALA A 29 -0.16 28.97 26.55
C ALA A 29 0.66 28.02 27.44
N ASP A 30 1.51 28.61 28.29
CA ASP A 30 2.35 27.86 29.24
C ASP A 30 1.50 27.02 30.17
N TYR A 31 0.39 27.57 30.63
CA TYR A 31 -0.54 26.86 31.51
C TYR A 31 -1.09 25.61 30.80
N GLY A 32 -1.65 25.82 29.61
CA GLY A 32 -2.21 24.73 28.81
C GLY A 32 -1.19 23.65 28.50
N ASN A 33 0.04 24.08 28.22
CA ASN A 33 1.09 23.13 27.87
CA ASN A 33 1.14 23.18 27.88
C ASN A 33 1.54 22.23 29.02
N LEU A 34 1.20 22.59 30.26
CA LEU A 34 1.45 21.66 31.37
C LEU A 34 0.80 20.29 31.14
N GLN A 35 -0.28 20.21 30.34
CA GLN A 35 -0.94 18.92 30.06
C GLN A 35 -0.11 17.96 29.20
N ASN A 36 0.85 18.49 28.44
CA ASN A 36 1.55 17.72 27.41
C ASN A 36 2.48 16.64 27.97
N ILE A 37 3.06 16.90 29.13
CA ILE A 37 3.81 15.86 29.87
C ILE A 37 3.18 15.45 31.20
N ALA A 38 2.14 16.16 31.66
CA ALA A 38 1.42 15.80 32.88
C ALA A 38 0.18 14.99 32.51
N PRO A 39 0.22 13.65 32.72
CA PRO A 39 -1.05 12.93 32.57
C PRO A 39 -2.12 13.31 33.62
N GLU A 40 -1.73 13.85 34.78
CA GLU A 40 -2.71 14.18 35.83
C GLU A 40 -3.76 15.22 35.36
N MET A 41 -3.29 16.28 34.68
CA MET A 41 -4.16 17.40 34.28
C MET A 41 -4.92 17.13 32.99
N LYS A 42 -6.24 16.98 33.09
CA LYS A 42 -7.09 16.62 31.95
C LYS A 42 -8.13 17.68 31.62
N GLU A 43 -8.65 17.62 30.40
CA GLU A 43 -9.80 18.45 29.98
CA GLU A 43 -9.75 18.45 29.92
C GLU A 43 -9.53 19.96 30.13
N TRP A 44 -8.28 20.41 29.97
CA TRP A 44 -7.99 21.83 30.16
C TRP A 44 -8.71 22.69 29.12
N LYS A 45 -9.34 23.75 29.60
CA LYS A 45 -10.00 24.73 28.75
C LYS A 45 -9.98 26.06 29.46
N TRP A 46 -10.16 27.11 28.69
CA TRP A 46 -10.12 28.46 29.23
C TRP A 46 -10.89 29.43 28.33
N GLY A 47 -11.14 30.62 28.85
CA GLY A 47 -11.64 31.70 28.05
C GLY A 47 -11.77 32.98 28.80
N THR A 48 -12.26 33.98 28.10
CA THR A 48 -12.42 35.32 28.67
C THR A 48 -13.89 35.58 28.90
N ASP A 49 -14.17 36.22 30.01
CA ASP A 49 -15.53 36.61 30.32
C ASP A 49 -16.16 37.42 29.18
N LEU A 50 -17.42 37.11 28.91
CA LEU A 50 -18.15 37.66 27.78
C LEU A 50 -18.64 39.09 27.97
N GLY A 51 -18.54 39.61 29.19
CA GLY A 51 -18.80 41.03 29.44
C GLY A 51 -20.26 41.32 29.78
N PRO A 52 -20.56 42.60 30.03
CA PRO A 52 -21.83 42.99 30.64
C PRO A 52 -23.06 42.88 29.74
N ALA A 53 -22.86 42.74 28.42
CA ALA A 53 -23.99 42.46 27.53
C ALA A 53 -24.49 41.02 27.65
N VAL A 54 -23.70 40.15 28.26
CA VAL A 54 -24.12 38.77 28.49
C VAL A 54 -24.58 38.63 29.94
N GLU A 55 -23.68 38.96 30.88
CA GLU A 55 -24.02 39.00 32.29
C GLU A 55 -22.98 39.85 33.01
N ASP A 56 -23.39 40.56 34.07
CA ASP A 56 -22.51 41.51 34.74
C ASP A 56 -22.19 41.17 36.19
N ARG A 57 -21.73 39.94 36.43
CA ARG A 57 -21.42 39.47 37.78
C ARG A 57 -20.00 38.89 37.91
N ALA A 58 -19.12 39.25 36.99
CA ALA A 58 -17.73 38.75 36.99
C ALA A 58 -16.83 39.48 37.97
N ASP A 59 -17.29 40.60 38.51
CA ASP A 59 -16.62 41.31 39.60
C ASP A 59 -15.14 41.54 39.32
N GLY A 60 -14.83 41.95 38.10
CA GLY A 60 -13.48 42.29 37.70
C GLY A 60 -12.59 41.13 37.29
N PHE A 61 -13.05 39.88 37.44
CA PHE A 61 -12.31 38.74 36.90
C PHE A 61 -12.54 38.68 35.38
N THR A 62 -11.48 38.44 34.65
CA THR A 62 -11.50 38.47 33.19
C THR A 62 -11.35 37.13 32.50
N HIS A 63 -10.72 36.19 33.18
CA HIS A 63 -10.35 34.88 32.60
C HIS A 63 -10.79 33.74 33.52
N ALA A 64 -11.22 32.64 32.91
CA ALA A 64 -11.51 31.39 33.61
C ALA A 64 -10.69 30.27 32.99
N TYR A 65 -10.26 29.33 33.83
CA TYR A 65 -9.52 28.15 33.40
C TYR A 65 -10.05 26.94 34.15
N GLU A 66 -10.35 25.86 33.43
CA GLU A 66 -10.84 24.66 34.05
C GLU A 66 -9.93 23.49 33.74
N SER A 67 -9.73 22.64 34.72
CA SER A 67 -9.07 21.35 34.52
C SER A 67 -9.68 20.27 35.41
N THR A 68 -9.42 19.02 35.03
CA THR A 68 -10.03 17.88 35.67
C THR A 68 -8.91 16.94 36.13
N PHE A 69 -9.03 16.44 37.36
CA PHE A 69 -8.11 15.48 37.94
C PHE A 69 -8.92 14.29 38.42
N HIS A 70 -8.40 13.08 38.18
CA HIS A 70 -9.18 11.91 38.53
CA HIS A 70 -9.08 11.82 38.53
C HIS A 70 -9.19 11.62 40.05
N SER A 71 -8.30 12.27 40.80
CA SER A 71 -8.32 12.24 42.26
C SER A 71 -7.60 13.44 42.85
N VAL A 72 -7.88 13.75 44.11
CA VAL A 72 -7.08 14.71 44.88
C VAL A 72 -5.60 14.29 44.93
N ALA A 73 -5.34 13.00 45.06
CA ALA A 73 -3.96 12.49 44.98
C ALA A 73 -3.25 12.93 43.67
N ASP A 74 -3.93 12.74 42.53
CA ASP A 74 -3.41 13.19 41.23
C ASP A 74 -3.19 14.71 41.21
N PHE A 75 -4.14 15.47 41.75
CA PHE A 75 -4.02 16.92 41.80
C PHE A 75 -2.79 17.39 42.59
N LEU A 76 -2.60 16.84 43.78
CA LEU A 76 -1.49 17.25 44.62
C LEU A 76 -0.13 16.79 44.05
N ASN A 77 -0.08 15.60 43.44
CA ASN A 77 1.14 15.18 42.71
C ASN A 77 1.48 16.17 41.58
N PHE A 78 0.47 16.57 40.81
CA PHE A 78 0.63 17.60 39.78
C PHE A 78 1.05 18.94 40.36
N PHE A 79 0.35 19.40 41.39
CA PHE A 79 0.59 20.72 41.99
C PHE A 79 2.04 20.90 42.46
N TYR A 80 2.62 19.84 43.02
CA TYR A 80 3.99 19.86 43.53
C TYR A 80 5.02 19.32 42.55
N SER A 81 4.63 19.07 41.31
CA SER A 81 5.55 18.62 40.28
C SER A 81 6.47 19.78 39.89
N PRO A 82 7.72 19.48 39.52
CA PRO A 82 8.62 20.58 39.12
C PRO A 82 8.05 21.53 38.04
N PRO A 83 7.45 20.99 36.96
CA PRO A 83 6.90 21.92 35.96
C PRO A 83 5.79 22.83 36.50
N ALA A 84 4.94 22.30 37.38
CA ALA A 84 3.86 23.11 37.98
C ALA A 84 4.41 24.19 38.91
N LEU A 85 5.44 23.84 39.67
CA LEU A 85 6.07 24.81 40.58
C LEU A 85 6.76 25.92 39.78
N GLU A 86 7.39 25.57 38.67
CA GLU A 86 8.04 26.59 37.82
C GLU A 86 7.01 27.50 37.19
N PHE A 87 5.90 26.93 36.72
CA PHE A 87 4.84 27.74 36.15
C PHE A 87 4.21 28.67 37.18
N ALA A 88 4.07 28.21 38.43
CA ALA A 88 3.49 29.02 39.50
C ALA A 88 4.25 30.34 39.73
N LYS A 89 5.57 30.31 39.51
CA LYS A 89 6.42 31.52 39.65
C LYS A 89 6.12 32.59 38.61
N GLU A 90 5.53 32.20 37.48
CA GLU A 90 5.13 33.17 36.49
C GLU A 90 3.64 33.47 36.60
N PHE A 91 2.82 32.49 36.99
CA PHE A 91 1.37 32.71 37.02
C PHE A 91 0.90 33.59 38.18
N PHE A 92 1.22 33.24 39.42
CA PHE A 92 0.66 33.96 40.56
C PHE A 92 1.09 35.43 40.66
N PRO A 93 2.39 35.74 40.38
CA PRO A 93 2.79 37.17 40.37
C PRO A 93 2.15 37.99 39.25
N ALA A 94 1.70 37.32 38.17
CA ALA A 94 0.98 37.98 37.09
C ALA A 94 -0.50 38.27 37.39
N CYS A 95 -1.03 37.76 38.51
CA CYS A 95 -2.43 37.92 38.86
C CYS A 95 -2.61 39.16 39.71
N GLU A 96 -3.46 40.08 39.26
CA GLU A 96 -3.92 41.18 40.08
C GLU A 96 -4.83 40.59 41.16
N LYS A 97 -5.67 39.64 40.76
CA LYS A 97 -6.39 38.83 41.73
C LYS A 97 -6.73 37.46 41.18
N ILE A 98 -7.13 36.57 42.08
CA ILE A 98 -7.33 35.18 41.74
C ILE A 98 -8.29 34.55 42.74
N VAL A 99 -9.10 33.62 42.25
CA VAL A 99 -9.91 32.77 43.11
C VAL A 99 -9.88 31.39 42.48
N VAL A 100 -9.74 30.37 43.32
CA VAL A 100 -9.62 29.00 42.85
C VAL A 100 -10.51 28.09 43.71
N LEU A 101 -11.34 27.26 43.07
CA LEU A 101 -12.09 26.24 43.77
C LEU A 101 -11.70 24.87 43.24
N ASN A 102 -11.65 23.92 44.14
CA ASN A 102 -11.38 22.51 43.82
C ASN A 102 -12.53 21.73 44.42
N TYR A 103 -13.21 20.91 43.61
CA TYR A 103 -14.39 20.20 44.12
C TYR A 103 -14.66 18.89 43.42
N ILE A 104 -15.23 17.96 44.17
CA ILE A 104 -15.75 16.74 43.60
C ILE A 104 -16.98 17.13 42.79
N ILE A 105 -17.04 16.62 41.57
CA ILE A 105 -18.10 16.93 40.62
C ILE A 105 -19.34 16.12 41.00
N ASN A 106 -20.43 16.81 41.37
CA ASN A 106 -21.74 16.19 41.64
C ASN A 106 -22.70 16.54 40.52
N GLU A 107 -23.61 15.63 40.17
CA GLU A 107 -24.57 15.92 39.09
C GLU A 107 -26.00 15.66 39.51
N PRO B 4 -18.90 25.80 16.22
CA PRO B 4 -19.79 26.13 17.34
C PRO B 4 -19.04 26.78 18.50
N GLU B 5 -19.55 27.90 18.99
CA GLU B 5 -18.97 28.63 20.11
C GLU B 5 -19.73 28.25 21.38
N ILE B 6 -19.18 27.25 22.05
CA ILE B 6 -19.77 26.66 23.25
C ILE B 6 -19.47 27.57 24.43
N VAL B 7 -20.50 27.86 25.21
CA VAL B 7 -20.41 28.77 26.34
C VAL B 7 -20.43 28.00 27.65
N ARG B 8 -19.46 28.27 28.52
CA ARG B 8 -19.49 27.76 29.89
C ARG B 8 -19.96 28.86 30.81
N HIS B 9 -20.85 28.50 31.73
CA HIS B 9 -21.42 29.39 32.73
C HIS B 9 -20.98 28.86 34.08
N ILE B 10 -20.05 29.55 34.73
CA ILE B 10 -19.46 29.09 35.97
C ILE B 10 -19.78 30.07 37.09
N VAL B 11 -20.36 29.55 38.15
CA VAL B 11 -20.80 30.31 39.30
C VAL B 11 -20.05 29.81 40.53
N PHE B 12 -19.44 30.74 41.28
CA PHE B 12 -19.00 30.46 42.65
C PHE B 12 -19.89 31.25 43.61
N ASN B 13 -20.26 30.67 44.73
CA ASN B 13 -20.97 31.42 45.78
C ASN B 13 -20.62 30.93 47.18
N ARG B 14 -21.13 31.71 48.14
CA ARG B 14 -21.15 31.38 49.54
C ARG B 14 -22.55 31.75 49.99
N TYR B 15 -23.21 30.85 50.73
CA TYR B 15 -24.56 31.10 51.22
C TYR B 15 -24.55 31.90 52.51
N LYS B 16 -25.60 32.70 52.70
CA LYS B 16 -25.78 33.42 53.96
C LYS B 16 -25.91 32.44 55.13
N SER B 17 -25.31 32.81 56.26
CA SER B 17 -25.17 31.91 57.42
C SER B 17 -26.49 31.57 58.12
N GLN B 18 -27.52 32.40 57.94
CA GLN B 18 -28.83 32.17 58.56
C GLN B 18 -29.70 31.11 57.89
N LEU B 19 -29.32 30.66 56.69
CA LEU B 19 -30.10 29.64 55.97
C LEU B 19 -29.82 28.26 56.56
N SER B 20 -30.87 27.46 56.76
CA SER B 20 -30.69 26.06 57.16
C SER B 20 -30.04 25.29 56.02
N GLN B 21 -29.31 24.20 56.34
CA GLN B 21 -28.80 23.33 55.27
C GLN B 21 -29.95 22.78 54.41
N LYS B 22 -31.11 22.50 55.02
CA LYS B 22 -32.29 22.10 54.27
C LYS B 22 -32.68 23.12 53.20
N GLN B 23 -32.67 24.40 53.57
CA GLN B 23 -32.96 25.51 52.64
C GLN B 23 -31.94 25.55 51.50
N ILE B 24 -30.66 25.41 51.86
CA ILE B 24 -29.55 25.45 50.87
C ILE B 24 -29.65 24.27 49.91
N ASP B 25 -29.91 23.08 50.47
CA ASP B 25 -30.10 21.87 49.65
C ASP B 25 -31.24 22.07 48.63
N GLN B 26 -32.30 22.73 49.06
CA GLN B 26 -33.44 23.00 48.17
C GLN B 26 -33.06 23.95 47.04
N ILE B 27 -32.31 25.00 47.36
CA ILE B 27 -31.88 25.94 46.33
C ILE B 27 -31.03 25.22 45.28
N ILE B 28 -30.10 24.39 45.74
CA ILE B 28 -29.22 23.65 44.83
C ILE B 28 -30.02 22.67 43.96
N ALA B 29 -30.94 21.94 44.56
CA ALA B 29 -31.83 21.03 43.82
C ALA B 29 -32.66 21.79 42.78
N ASP B 30 -33.16 22.96 43.17
CA ASP B 30 -33.94 23.79 42.24
C ASP B 30 -33.09 24.24 41.05
N TYR B 31 -31.85 24.61 41.32
CA TYR B 31 -30.94 25.04 40.27
C TYR B 31 -30.75 23.90 39.26
N GLY B 32 -30.39 22.72 39.76
CA GLY B 32 -30.19 21.54 38.92
C GLY B 32 -31.44 21.19 38.13
N ASN B 33 -32.60 21.33 38.76
CA ASN B 33 -33.86 21.00 38.10
C ASN B 33 -34.29 22.00 37.02
N LEU B 34 -33.59 23.13 36.88
CA LEU B 34 -33.79 24.01 35.71
C LEU B 34 -33.46 23.32 34.38
N GLN B 35 -32.62 22.29 34.40
CA GLN B 35 -32.35 21.49 33.22
C GLN B 35 -33.59 20.82 32.66
N ASN B 36 -34.53 20.45 33.54
CA ASN B 36 -35.81 19.82 33.17
C ASN B 36 -36.83 20.81 32.58
N ILE B 37 -36.54 22.11 32.71
CA ILE B 37 -37.41 23.17 32.27
C ILE B 37 -36.83 23.90 31.06
N ALA B 38 -35.53 24.21 31.10
CA ALA B 38 -34.86 25.00 30.09
C ALA B 38 -34.05 24.06 29.19
N PRO B 39 -34.50 23.84 27.95
CA PRO B 39 -33.79 22.87 27.12
C PRO B 39 -32.37 23.30 26.75
N GLU B 40 -32.06 24.60 26.85
CA GLU B 40 -30.72 25.09 26.50
C GLU B 40 -29.61 24.69 27.49
N MET B 41 -29.99 24.43 28.75
CA MET B 41 -29.00 24.20 29.80
C MET B 41 -28.48 22.77 29.76
N LYS B 42 -27.18 22.62 29.54
CA LYS B 42 -26.55 21.32 29.41
C LYS B 42 -25.49 21.10 30.50
N GLU B 43 -25.24 19.83 30.81
CA GLU B 43 -24.08 19.40 31.60
C GLU B 43 -24.00 20.05 32.99
N TRP B 44 -25.15 20.26 33.64
CA TRP B 44 -25.14 20.93 34.93
C TRP B 44 -24.44 20.03 35.98
N LYS B 45 -23.51 20.63 36.70
CA LYS B 45 -22.79 19.97 37.76
C LYS B 45 -22.54 20.97 38.87
N TRP B 46 -22.26 20.46 40.06
CA TRP B 46 -21.95 21.36 41.17
C TRP B 46 -21.02 20.67 42.15
N GLY B 47 -20.45 21.43 43.07
CA GLY B 47 -19.71 20.82 44.17
C GLY B 47 -19.30 21.84 45.20
N THR B 48 -18.74 21.34 46.29
CA THR B 48 -18.25 22.17 47.38
C THR B 48 -16.72 22.21 47.38
N ASP B 49 -16.16 23.39 47.61
CA ASP B 49 -14.72 23.53 47.68
C ASP B 49 -14.12 22.61 48.74
N LEU B 50 -12.99 22.01 48.39
CA LEU B 50 -12.32 21.04 49.24
C LEU B 50 -11.58 21.62 50.41
N GLY B 51 -11.37 22.94 50.39
CA GLY B 51 -10.79 23.64 51.52
C GLY B 51 -9.28 23.71 51.47
N PRO B 52 -8.69 24.37 52.48
CA PRO B 52 -7.28 24.75 52.45
C PRO B 52 -6.29 23.61 52.55
N ALA B 53 -6.71 22.40 52.94
CA ALA B 53 -5.83 21.23 52.88
C ALA B 53 -5.45 20.86 51.45
N VAL B 54 -6.30 21.19 50.49
CA VAL B 54 -6.03 20.94 49.10
C VAL B 54 -5.42 22.19 48.45
N GLU B 55 -6.05 23.34 48.62
CA GLU B 55 -5.55 24.63 48.14
C GLU B 55 -6.30 25.76 48.84
N ASP B 56 -5.62 26.85 49.21
CA ASP B 56 -6.23 27.91 50.02
C ASP B 56 -6.44 29.23 49.26
N ARG B 57 -7.12 29.14 48.12
CA ARG B 57 -7.34 30.29 47.25
CA ARG B 57 -7.34 30.33 47.29
C ARG B 57 -8.82 30.53 46.94
N ALA B 58 -9.71 29.93 47.74
CA ALA B 58 -11.15 30.03 47.49
C ALA B 58 -11.75 31.36 47.99
N ASP B 59 -11.01 32.10 48.81
CA ASP B 59 -11.40 33.45 49.25
C ASP B 59 -12.82 33.50 49.84
N GLY B 60 -13.18 32.46 50.58
CA GLY B 60 -14.48 32.40 51.25
C GLY B 60 -15.63 31.82 50.43
N PHE B 61 -15.42 31.58 49.13
CA PHE B 61 -16.41 30.89 48.32
C PHE B 61 -16.43 29.40 48.69
N THR B 62 -17.63 28.81 48.77
CA THR B 62 -17.81 27.45 49.23
C THR B 62 -18.35 26.48 48.20
N HIS B 63 -19.05 27.00 47.20
CA HIS B 63 -19.76 26.17 46.21
C HIS B 63 -19.44 26.64 44.79
N ALA B 64 -19.36 25.68 43.87
CA ALA B 64 -19.22 25.94 42.44
C ALA B 64 -20.37 25.28 41.67
N TYR B 65 -20.80 25.91 40.59
CA TYR B 65 -21.82 25.36 39.70
C TYR B 65 -21.39 25.58 38.27
N GLU B 66 -21.51 24.56 37.43
CA GLU B 66 -21.09 24.65 36.04
C GLU B 66 -22.25 24.26 35.17
N SER B 67 -22.35 24.93 34.03
CA SER B 67 -23.26 24.50 32.98
C SER B 67 -22.75 24.95 31.63
N THR B 68 -23.30 24.34 30.60
CA THR B 68 -22.88 24.54 29.22
C THR B 68 -24.07 24.93 28.36
N PHE B 69 -23.83 25.86 27.45
CA PHE B 69 -24.80 26.31 26.48
C PHE B 69 -24.18 26.23 25.09
N HIS B 70 -24.98 25.83 24.11
CA HIS B 70 -24.41 25.60 22.77
C HIS B 70 -24.11 26.86 21.97
N SER B 71 -24.64 27.99 22.39
CA SER B 71 -24.33 29.28 21.78
C SER B 71 -24.62 30.39 22.76
N VAL B 72 -24.09 31.58 22.49
CA VAL B 72 -24.43 32.75 23.30
C VAL B 72 -25.95 33.03 23.20
N ALA B 73 -26.51 32.88 21.99
CA ALA B 73 -27.94 33.07 21.77
C ALA B 73 -28.78 32.13 22.64
N ASP B 74 -28.36 30.87 22.75
CA ASP B 74 -29.03 29.92 23.65
C ASP B 74 -28.90 30.30 25.12
N PHE B 75 -27.71 30.73 25.53
CA PHE B 75 -27.56 31.24 26.91
C PHE B 75 -28.51 32.40 27.20
N LEU B 76 -28.56 33.36 26.29
CA LEU B 76 -29.41 34.55 26.48
C LEU B 76 -30.90 34.20 26.53
N ASN B 77 -31.32 33.28 25.67
CA ASN B 77 -32.72 32.85 25.71
C ASN B 77 -33.06 32.25 27.07
N PHE B 78 -32.15 31.43 27.59
CA PHE B 78 -32.29 30.87 28.95
C PHE B 78 -32.30 31.97 30.03
N PHE B 79 -31.29 32.82 30.00
CA PHE B 79 -31.09 33.86 31.01
C PHE B 79 -32.30 34.78 31.19
N TYR B 80 -32.93 35.15 30.08
CA TYR B 80 -34.12 36.00 30.10
C TYR B 80 -35.46 35.26 30.13
N SER B 81 -35.44 33.93 30.25
CA SER B 81 -36.66 33.12 30.31
C SER B 81 -37.34 33.30 31.66
N PRO B 82 -38.68 33.19 31.69
CA PRO B 82 -39.34 33.36 32.98
C PRO B 82 -38.85 32.46 34.14
N PRO B 83 -38.62 31.15 33.90
CA PRO B 83 -38.09 30.31 34.99
C PRO B 83 -36.71 30.72 35.51
N ALA B 84 -35.82 31.18 34.64
CA ALA B 84 -34.51 31.70 35.07
C ALA B 84 -34.62 32.98 35.88
N LEU B 85 -35.47 33.90 35.41
CA LEU B 85 -35.70 35.15 36.13
C LEU B 85 -36.24 34.86 37.52
N GLU B 86 -37.17 33.91 37.62
CA GLU B 86 -37.74 33.48 38.89
C GLU B 86 -36.68 32.87 39.81
N PHE B 87 -35.88 31.95 39.29
CA PHE B 87 -34.87 31.31 40.12
C PHE B 87 -33.82 32.30 40.61
N ALA B 88 -33.40 33.22 39.74
CA ALA B 88 -32.45 34.28 40.12
C ALA B 88 -32.91 35.07 41.35
N LYS B 89 -34.22 35.32 41.44
CA LYS B 89 -34.80 36.01 42.63
C LYS B 89 -34.76 35.21 43.93
N GLU B 90 -34.64 33.88 43.83
CA GLU B 90 -34.41 32.99 44.98
C GLU B 90 -32.91 32.83 45.28
N PHE B 91 -32.11 32.68 44.23
CA PHE B 91 -30.69 32.35 44.37
C PHE B 91 -29.82 33.52 44.84
N PHE B 92 -29.87 34.64 44.12
CA PHE B 92 -28.92 35.74 44.42
C PHE B 92 -29.06 36.37 45.81
N PRO B 93 -30.30 36.58 46.29
CA PRO B 93 -30.44 37.08 47.66
C PRO B 93 -29.97 36.13 48.77
N ALA B 94 -29.91 34.83 48.48
CA ALA B 94 -29.35 33.83 49.39
C ALA B 94 -27.81 33.80 49.44
N CYS B 95 -27.15 34.50 48.53
CA CYS B 95 -25.69 34.54 48.46
C CYS B 95 -25.09 35.59 49.37
N GLU B 96 -24.20 35.16 50.25
CA GLU B 96 -23.31 36.07 50.96
C GLU B 96 -22.26 36.63 49.99
N LYS B 97 -21.75 35.78 49.10
CA LYS B 97 -20.79 36.17 48.06
C LYS B 97 -21.17 35.53 46.75
N ILE B 98 -20.84 36.19 45.64
CA ILE B 98 -21.20 35.66 44.32
C ILE B 98 -20.22 36.15 43.27
N VAL B 99 -19.80 35.24 42.40
CA VAL B 99 -19.09 35.62 41.19
C VAL B 99 -19.53 34.67 40.07
N VAL B 100 -19.71 35.22 38.88
CA VAL B 100 -20.16 34.46 37.72
C VAL B 100 -19.35 34.87 36.51
N LEU B 101 -18.77 33.88 35.82
CA LEU B 101 -18.15 34.12 34.52
C LEU B 101 -18.82 33.29 33.46
N ASN B 102 -18.99 33.90 32.29
CA ASN B 102 -19.49 33.24 31.10
C ASN B 102 -18.39 33.37 30.08
N TYR B 103 -17.98 32.26 29.48
CA TYR B 103 -16.92 32.31 28.48
C TYR B 103 -17.11 31.30 27.35
N ILE B 104 -16.64 31.69 26.17
CA ILE B 104 -16.56 30.79 25.03
C ILE B 104 -15.32 29.91 25.22
N ILE B 105 -15.51 28.59 25.14
CA ILE B 105 -14.43 27.63 25.36
C ILE B 105 -13.29 27.78 24.35
N ASN B 106 -12.06 27.82 24.90
CA ASN B 106 -10.82 27.61 24.15
C ASN B 106 -10.11 26.40 24.73
N GLU B 107 -9.40 25.66 23.90
CA GLU B 107 -8.64 24.49 24.36
C GLU B 107 -7.17 24.57 23.97
N GLY C 1 7.88 -14.02 -50.61
CA GLY C 1 8.58 -12.72 -50.92
C GLY C 1 10.06 -12.89 -51.20
N ASN C 2 10.82 -11.83 -50.96
CA ASN C 2 12.27 -11.83 -51.18
C ASN C 2 12.96 -12.69 -50.11
N PRO C 3 13.65 -13.78 -50.51
CA PRO C 3 14.33 -14.60 -49.49
C PRO C 3 15.61 -13.92 -48.95
N PRO C 4 16.15 -14.33 -47.80
CA PRO C 4 15.67 -15.47 -47.00
C PRO C 4 14.37 -15.19 -46.23
N GLU C 5 13.52 -16.20 -46.15
CA GLU C 5 12.30 -16.13 -45.35
C GLU C 5 11.80 -17.55 -45.10
N ILE C 6 11.22 -17.78 -43.92
CA ILE C 6 10.88 -19.14 -43.54
C ILE C 6 9.58 -19.60 -44.23
N VAL C 7 9.64 -20.80 -44.82
CA VAL C 7 8.48 -21.50 -45.37
C VAL C 7 8.28 -22.78 -44.57
N ARG C 8 7.04 -23.01 -44.14
CA ARG C 8 6.68 -24.19 -43.36
C ARG C 8 5.91 -25.16 -44.23
N HIS C 9 6.24 -26.44 -44.09
CA HIS C 9 5.63 -27.53 -44.84
C HIS C 9 5.01 -28.42 -43.78
N ILE C 10 3.68 -28.34 -43.63
CA ILE C 10 2.96 -29.05 -42.57
C ILE C 10 2.08 -30.16 -43.18
N VAL C 11 2.25 -31.39 -42.70
CA VAL C 11 1.53 -32.54 -43.18
C VAL C 11 0.78 -33.17 -42.01
N PHE C 12 -0.53 -33.40 -42.17
CA PHE C 12 -1.29 -34.27 -41.27
C PHE C 12 -1.71 -35.53 -42.02
N ASN C 13 -1.64 -36.68 -41.36
CA ASN C 13 -2.19 -37.89 -41.94
C ASN C 13 -2.82 -38.82 -40.91
N ARG C 14 -3.47 -39.83 -41.47
CA ARG C 14 -3.94 -41.00 -40.74
C ARG C 14 -3.49 -42.21 -41.57
N TYR C 15 -2.94 -43.23 -40.91
CA TYR C 15 -2.45 -44.42 -41.58
C TYR C 15 -3.55 -45.43 -41.81
N LYS C 16 -3.47 -46.13 -42.95
CA LYS C 16 -4.39 -47.24 -43.21
C LYS C 16 -4.28 -48.32 -42.14
N SER C 17 -5.41 -48.94 -41.80
CA SER C 17 -5.47 -49.92 -40.71
C SER C 17 -4.74 -51.23 -41.02
N GLN C 18 -4.47 -51.50 -42.29
CA GLN C 18 -3.68 -52.66 -42.70
C GLN C 18 -2.20 -52.58 -42.28
N LEU C 19 -1.71 -51.37 -41.97
CA LEU C 19 -0.34 -51.20 -41.54
C LEU C 19 -0.18 -51.56 -40.05
N SER C 20 0.94 -52.18 -39.75
CA SER C 20 1.36 -52.47 -38.37
C SER C 20 2.16 -51.29 -37.86
N GLN C 21 2.30 -51.19 -36.53
CA GLN C 21 3.14 -50.14 -35.94
C GLN C 21 4.60 -50.27 -36.39
N LYS C 22 5.07 -51.50 -36.63
CA LYS C 22 6.41 -51.68 -37.18
C LYS C 22 6.57 -51.00 -38.54
N GLN C 23 5.58 -51.18 -39.42
CA GLN C 23 5.57 -50.53 -40.75
C GLN C 23 5.45 -49.02 -40.67
N ILE C 24 4.60 -48.54 -39.76
CA ILE C 24 4.46 -47.11 -39.52
C ILE C 24 5.78 -46.52 -39.02
N ASP C 25 6.42 -47.19 -38.05
CA ASP C 25 7.71 -46.73 -37.52
C ASP C 25 8.77 -46.57 -38.64
N GLN C 26 8.79 -47.52 -39.57
CA GLN C 26 9.74 -47.49 -40.70
C GLN C 26 9.49 -46.27 -41.60
N ILE C 27 8.22 -46.03 -41.91
CA ILE C 27 7.82 -44.87 -42.72
C ILE C 27 8.26 -43.57 -42.03
N ILE C 28 8.05 -43.47 -40.72
CA ILE C 28 8.43 -42.24 -40.00
C ILE C 28 9.94 -42.07 -39.93
N ALA C 29 10.67 -43.16 -39.74
CA ALA C 29 12.13 -43.13 -39.74
C ALA C 29 12.67 -42.64 -41.09
N ASP C 30 12.11 -43.17 -42.18
CA ASP C 30 12.50 -42.76 -43.53
C ASP C 30 12.16 -41.28 -43.79
N TYR C 31 11.00 -40.83 -43.31
CA TYR C 31 10.65 -39.41 -43.40
C TYR C 31 11.69 -38.58 -42.67
N GLY C 32 12.05 -38.99 -41.46
CA GLY C 32 13.04 -38.30 -40.64
C GLY C 32 14.45 -38.26 -41.22
N ASN C 33 14.79 -39.23 -42.08
CA ASN C 33 16.09 -39.29 -42.75
CA ASN C 33 16.10 -39.28 -42.74
C ASN C 33 16.16 -38.30 -43.92
N LEU C 34 15.01 -37.93 -44.46
CA LEU C 34 14.93 -37.02 -45.61
C LEU C 34 15.69 -35.70 -45.39
N GLN C 35 15.72 -35.19 -44.15
CA GLN C 35 16.50 -33.98 -43.81
C GLN C 35 18.03 -34.15 -43.95
N ASN C 36 18.52 -35.38 -43.97
CA ASN C 36 19.96 -35.67 -44.08
C ASN C 36 20.44 -35.71 -45.53
N ILE C 37 19.54 -36.03 -46.45
CA ILE C 37 19.84 -36.06 -47.90
C ILE C 37 19.24 -34.89 -48.69
N ALA C 38 18.30 -34.14 -48.10
CA ALA C 38 17.79 -32.90 -48.69
C ALA C 38 18.38 -31.71 -47.93
N PRO C 39 19.35 -31.00 -48.53
CA PRO C 39 19.90 -29.82 -47.85
C PRO C 39 18.91 -28.64 -47.73
N GLU C 40 17.88 -28.64 -48.58
CA GLU C 40 16.81 -27.62 -48.51
C GLU C 40 16.04 -27.68 -47.18
N MET C 41 15.78 -28.89 -46.69
CA MET C 41 15.00 -29.09 -45.47
C MET C 41 15.88 -28.79 -44.25
N LYS C 42 15.57 -27.73 -43.53
CA LYS C 42 16.44 -27.25 -42.45
C LYS C 42 16.09 -27.85 -41.09
N GLU C 43 14.79 -28.02 -40.83
CA GLU C 43 14.30 -28.63 -39.59
C GLU C 43 13.22 -29.62 -39.98
N TRP C 44 13.05 -30.66 -39.15
CA TRP C 44 11.96 -31.62 -39.33
C TRP C 44 11.60 -32.17 -37.95
N LYS C 45 10.30 -32.20 -37.65
CA LYS C 45 9.80 -32.75 -36.40
C LYS C 45 8.46 -33.44 -36.70
N TRP C 46 8.00 -34.26 -35.78
CA TRP C 46 6.71 -34.94 -35.96
C TRP C 46 6.07 -35.20 -34.60
N GLY C 47 4.81 -35.60 -34.63
CA GLY C 47 4.13 -36.05 -33.43
C GLY C 47 2.81 -36.70 -33.72
N THR C 48 2.21 -37.24 -32.67
CA THR C 48 0.90 -37.85 -32.73
C THR C 48 -0.09 -36.97 -31.99
N ASP C 49 -1.27 -36.78 -32.58
CA ASP C 49 -2.31 -36.01 -31.95
C ASP C 49 -2.68 -36.60 -30.58
N LEU C 50 -2.82 -35.71 -29.61
CA LEU C 50 -3.14 -36.09 -28.23
C LEU C 50 -4.57 -36.56 -27.98
N GLY C 51 -5.45 -36.40 -28.96
CA GLY C 51 -6.76 -37.03 -28.91
C GLY C 51 -7.80 -36.12 -28.25
N PRO C 52 -9.06 -36.58 -28.20
CA PRO C 52 -10.18 -35.73 -27.83
C PRO C 52 -10.23 -35.27 -26.37
N ALA C 53 -9.47 -35.91 -25.48
CA ALA C 53 -9.41 -35.45 -24.09
C ALA C 53 -8.65 -34.13 -23.95
N VAL C 54 -7.79 -33.82 -24.92
CA VAL C 54 -7.12 -32.53 -25.00
C VAL C 54 -7.93 -31.56 -25.85
N GLU C 55 -8.24 -31.97 -27.08
CA GLU C 55 -9.11 -31.17 -27.97
C GLU C 55 -9.65 -32.13 -29.03
N ASP C 56 -10.92 -31.97 -29.40
CA ASP C 56 -11.58 -32.90 -30.31
C ASP C 56 -11.91 -32.27 -31.67
N ARG C 57 -10.87 -31.76 -32.35
CA ARG C 57 -11.01 -31.12 -33.65
CA ARG C 57 -11.03 -31.12 -33.65
C ARG C 57 -10.04 -31.68 -34.69
N ALA C 58 -9.50 -32.88 -34.43
CA ALA C 58 -8.52 -33.48 -35.33
C ALA C 58 -9.10 -34.19 -36.54
N ASP C 59 -10.42 -34.42 -36.55
CA ASP C 59 -11.13 -34.95 -37.71
C ASP C 59 -10.52 -36.26 -38.23
N GLY C 60 -10.06 -37.11 -37.31
CA GLY C 60 -9.50 -38.40 -37.64
C GLY C 60 -8.03 -38.43 -38.02
N PHE C 61 -7.39 -37.26 -38.17
CA PHE C 61 -5.95 -37.22 -38.38
C PHE C 61 -5.24 -37.62 -37.08
N THR C 62 -4.20 -38.44 -37.19
CA THR C 62 -3.49 -38.95 -36.03
C THR C 62 -2.06 -38.47 -35.89
N HIS C 63 -1.41 -38.10 -37.00
CA HIS C 63 -0.01 -37.71 -37.01
C HIS C 63 0.17 -36.36 -37.71
N ALA C 64 1.19 -35.62 -37.26
CA ALA C 64 1.61 -34.38 -37.87
C ALA C 64 3.12 -34.44 -38.14
N TYR C 65 3.54 -33.81 -39.24
CA TYR C 65 4.95 -33.71 -39.62
C TYR C 65 5.19 -32.27 -40.05
N GLU C 66 6.27 -31.67 -39.56
CA GLU C 66 6.53 -30.26 -39.77
C GLU C 66 7.98 -30.06 -40.19
N SER C 67 8.18 -29.27 -41.24
CA SER C 67 9.53 -28.97 -41.70
C SER C 67 9.67 -27.55 -42.18
N THR C 68 10.91 -27.08 -42.22
CA THR C 68 11.23 -25.70 -42.44
C THR C 68 12.16 -25.57 -43.62
N PHE C 69 11.88 -24.56 -44.46
CA PHE C 69 12.70 -24.21 -45.61
C PHE C 69 13.00 -22.71 -45.53
N HIS C 70 14.13 -22.28 -46.07
CA HIS C 70 14.53 -20.86 -46.00
C HIS C 70 14.21 -20.01 -47.24
N SER C 71 13.46 -20.58 -48.19
CA SER C 71 12.84 -19.83 -49.27
C SER C 71 11.78 -20.68 -49.95
N VAL C 72 10.90 -20.02 -50.71
CA VAL C 72 9.89 -20.74 -51.48
C VAL C 72 10.58 -21.60 -52.53
N ALA C 73 11.59 -21.04 -53.20
CA ALA C 73 12.30 -21.78 -54.25
C ALA C 73 12.97 -23.06 -53.70
N ASP C 74 13.55 -22.97 -52.51
CA ASP C 74 14.14 -24.13 -51.84
C ASP C 74 13.08 -25.20 -51.57
N PHE C 75 11.93 -24.78 -51.06
CA PHE C 75 10.83 -25.72 -50.83
C PHE C 75 10.38 -26.39 -52.12
N LEU C 76 10.23 -25.59 -53.17
CA LEU C 76 9.79 -26.12 -54.45
C LEU C 76 10.81 -27.07 -55.05
N ASN C 77 12.10 -26.72 -54.93
CA ASN C 77 13.16 -27.60 -55.41
C ASN C 77 13.23 -28.89 -54.59
N PHE C 78 13.01 -28.80 -53.28
CA PHE C 78 12.86 -30.00 -52.45
C PHE C 78 11.67 -30.84 -52.91
N PHE C 79 10.52 -30.20 -53.06
CA PHE C 79 9.24 -30.90 -53.31
C PHE C 79 9.30 -31.81 -54.53
N TYR C 80 9.92 -31.30 -55.59
CA TYR C 80 10.06 -32.02 -56.85
C TYR C 80 11.44 -32.68 -57.03
N SER C 81 12.23 -32.83 -55.95
CA SER C 81 13.52 -33.54 -56.01
C SER C 81 13.31 -35.06 -55.97
N PRO C 82 14.32 -35.83 -56.44
CA PRO C 82 14.27 -37.29 -56.35
C PRO C 82 13.99 -37.89 -54.95
N PRO C 83 14.73 -37.47 -53.89
CA PRO C 83 14.43 -38.06 -52.56
C PRO C 83 13.00 -37.80 -52.05
N ALA C 84 12.47 -36.61 -52.28
CA ALA C 84 11.08 -36.27 -51.87
C ALA C 84 10.06 -37.06 -52.70
N LEU C 85 10.27 -37.11 -54.00
CA LEU C 85 9.45 -37.95 -54.86
C LEU C 85 9.60 -39.45 -54.50
N GLU C 86 10.77 -39.90 -54.04
CA GLU C 86 10.95 -41.30 -53.61
C GLU C 86 10.21 -41.58 -52.30
N PHE C 87 10.34 -40.68 -51.33
CA PHE C 87 9.59 -40.81 -50.08
C PHE C 87 8.09 -40.74 -50.29
N ALA C 88 7.64 -39.86 -51.18
CA ALA C 88 6.21 -39.72 -51.49
C ALA C 88 5.55 -41.04 -51.94
N LYS C 89 6.33 -41.92 -52.57
CA LYS C 89 5.84 -43.24 -53.04
C LYS C 89 5.66 -44.23 -51.88
N GLU C 90 6.47 -44.08 -50.85
CA GLU C 90 6.34 -44.83 -49.60
C GLU C 90 5.18 -44.31 -48.72
N PHE C 91 4.93 -43.00 -48.79
CA PHE C 91 4.05 -42.32 -47.84
C PHE C 91 2.57 -42.25 -48.26
N PHE C 92 2.29 -41.68 -49.43
CA PHE C 92 0.89 -41.40 -49.80
C PHE C 92 -0.05 -42.63 -49.89
N PRO C 93 0.44 -43.77 -50.42
CA PRO C 93 -0.37 -45.00 -50.41
C PRO C 93 -0.68 -45.56 -49.01
N ALA C 94 0.17 -45.24 -48.04
CA ALA C 94 -0.03 -45.64 -46.64
C ALA C 94 -1.08 -44.82 -45.90
N CYS C 95 -1.47 -43.68 -46.48
CA CYS C 95 -2.39 -42.76 -45.82
C CYS C 95 -3.85 -43.07 -46.12
N GLU C 96 -4.67 -43.27 -45.08
CA GLU C 96 -6.12 -43.30 -45.21
CA GLU C 96 -6.12 -43.32 -45.28
C GLU C 96 -6.61 -41.87 -45.47
N LYS C 97 -5.96 -40.92 -44.81
CA LYS C 97 -6.27 -39.48 -44.96
C LYS C 97 -4.96 -38.70 -45.03
N ILE C 98 -4.96 -37.62 -45.79
CA ILE C 98 -3.79 -36.73 -45.90
C ILE C 98 -4.25 -35.30 -46.16
N VAL C 99 -3.56 -34.34 -45.55
CA VAL C 99 -3.71 -32.92 -45.89
C VAL C 99 -2.36 -32.26 -45.70
N VAL C 100 -2.02 -31.35 -46.61
CA VAL C 100 -0.72 -30.67 -46.62
C VAL C 100 -0.97 -29.18 -46.85
N LEU C 101 -0.37 -28.36 -46.00
CA LEU C 101 -0.41 -26.92 -46.19
C LEU C 101 1.00 -26.37 -46.07
N ASN C 102 1.38 -25.55 -47.05
CA ASN C 102 2.69 -24.96 -47.14
C ASN C 102 2.50 -23.46 -47.12
N TYR C 103 3.24 -22.76 -46.27
CA TYR C 103 3.05 -21.32 -46.12
C TYR C 103 4.31 -20.56 -45.76
N ILE C 104 4.37 -19.32 -46.25
CA ILE C 104 5.39 -18.35 -45.85
C ILE C 104 4.96 -17.80 -44.49
N ILE C 105 5.86 -17.88 -43.53
CA ILE C 105 5.59 -17.49 -42.14
C ILE C 105 5.29 -15.99 -42.00
N ASN C 106 4.25 -15.68 -41.23
CA ASN C 106 4.01 -14.35 -40.65
C ASN C 106 4.04 -14.49 -39.13
N GLU C 107 4.64 -13.51 -38.43
CA GLU C 107 4.77 -13.56 -36.96
C GLU C 107 4.22 -12.30 -36.28
N PRO D 3 13.08 -37.07 -22.90
CA PRO D 3 12.64 -36.26 -24.04
C PRO D 3 11.78 -35.06 -23.62
N PRO D 4 11.77 -33.98 -24.43
CA PRO D 4 10.92 -32.83 -24.06
C PRO D 4 9.41 -33.15 -24.14
N GLU D 5 8.64 -32.41 -23.35
CA GLU D 5 7.17 -32.54 -23.32
C GLU D 5 6.47 -31.38 -24.05
N ILE D 6 7.24 -30.62 -24.82
CA ILE D 6 6.77 -29.38 -25.43
C ILE D 6 5.75 -29.74 -26.52
N VAL D 7 4.66 -28.99 -26.56
CA VAL D 7 3.51 -29.29 -27.42
C VAL D 7 3.37 -28.27 -28.54
N ARG D 8 3.12 -28.76 -29.75
CA ARG D 8 2.72 -27.90 -30.87
C ARG D 8 1.20 -27.98 -31.04
N HIS D 9 0.59 -26.82 -31.26
CA HIS D 9 -0.83 -26.67 -31.55
C HIS D 9 -0.89 -26.10 -32.95
N ILE D 10 -1.41 -26.88 -33.91
CA ILE D 10 -1.54 -26.41 -35.29
C ILE D 10 -2.99 -26.43 -35.73
N VAL D 11 -3.45 -25.28 -36.23
CA VAL D 11 -4.78 -25.08 -36.76
C VAL D 11 -4.69 -24.84 -38.27
N PHE D 12 -5.47 -25.56 -39.07
CA PHE D 12 -5.75 -25.17 -40.46
C PHE D 12 -7.20 -24.73 -40.51
N ASN D 13 -7.49 -23.69 -41.28
CA ASN D 13 -8.89 -23.31 -41.52
C ASN D 13 -9.13 -22.77 -42.92
N ARG D 14 -10.42 -22.56 -43.18
CA ARG D 14 -10.92 -21.88 -44.35
C ARG D 14 -12.03 -20.97 -43.82
N TYR D 15 -11.99 -19.71 -44.20
CA TYR D 15 -12.98 -18.74 -43.73
C TYR D 15 -14.27 -18.80 -44.52
N LYS D 16 -15.39 -18.47 -43.84
CA LYS D 16 -16.70 -18.30 -44.48
C LYS D 16 -16.57 -17.29 -45.62
N SER D 17 -17.22 -17.56 -46.75
CA SER D 17 -17.10 -16.72 -47.95
C SER D 17 -17.66 -15.31 -47.77
N GLN D 18 -18.60 -15.16 -46.84
CA GLN D 18 -19.16 -13.83 -46.50
C GLN D 18 -18.11 -12.85 -45.97
N LEU D 19 -17.07 -13.34 -45.31
CA LEU D 19 -16.09 -12.45 -44.70
C LEU D 19 -15.20 -11.76 -45.73
N SER D 20 -15.00 -10.45 -45.53
CA SER D 20 -14.06 -9.68 -46.34
C SER D 20 -12.63 -9.97 -45.88
N GLN D 21 -11.64 -9.62 -46.71
CA GLN D 21 -10.24 -9.75 -46.30
C GLN D 21 -9.94 -8.91 -45.08
N LYS D 22 -10.56 -7.75 -44.99
CA LYS D 22 -10.42 -6.89 -43.82
C LYS D 22 -10.88 -7.61 -42.56
N GLN D 23 -12.00 -8.33 -42.66
CA GLN D 23 -12.54 -9.06 -41.50
C GLN D 23 -11.63 -10.24 -41.13
N ILE D 24 -11.07 -10.90 -42.15
CA ILE D 24 -10.08 -11.97 -41.93
C ILE D 24 -8.83 -11.41 -41.23
N ASP D 25 -8.33 -10.28 -41.73
CA ASP D 25 -7.16 -9.63 -41.17
C ASP D 25 -7.37 -9.35 -39.67
N GLN D 26 -8.57 -8.89 -39.31
CA GLN D 26 -8.89 -8.53 -37.93
C GLN D 26 -8.90 -9.76 -37.02
N ILE D 27 -9.47 -10.86 -37.49
CA ILE D 27 -9.49 -12.12 -36.72
C ILE D 27 -8.06 -12.61 -36.48
N ILE D 28 -7.24 -12.60 -37.52
CA ILE D 28 -5.87 -13.06 -37.41
C ILE D 28 -5.06 -12.16 -36.48
N ALA D 29 -5.28 -10.85 -36.54
CA ALA D 29 -4.61 -9.91 -35.62
C ALA D 29 -4.98 -10.18 -34.16
N ASP D 30 -6.27 -10.40 -33.90
CA ASP D 30 -6.76 -10.72 -32.56
C ASP D 30 -6.27 -12.08 -32.06
N TYR D 31 -6.08 -13.03 -32.97
CA TYR D 31 -5.52 -14.35 -32.62
C TYR D 31 -4.09 -14.13 -32.12
N GLY D 32 -3.29 -13.41 -32.88
CA GLY D 32 -1.92 -13.10 -32.50
C GLY D 32 -1.80 -12.33 -31.20
N ASN D 33 -2.70 -11.37 -31.00
CA ASN D 33 -2.75 -10.56 -29.76
C ASN D 33 -2.97 -11.40 -28.51
N LEU D 34 -3.64 -12.55 -28.64
CA LEU D 34 -3.74 -13.50 -27.52
C LEU D 34 -2.38 -13.82 -26.89
N GLN D 35 -1.31 -13.83 -27.68
CA GLN D 35 0.04 -14.11 -27.19
C GLN D 35 0.54 -13.11 -26.15
N ASN D 36 0.09 -11.85 -26.24
CA ASN D 36 0.54 -10.79 -25.32
C ASN D 36 -0.13 -10.92 -23.96
N ILE D 37 -1.39 -11.35 -23.97
CA ILE D 37 -2.17 -11.55 -22.75
C ILE D 37 -1.77 -12.88 -22.12
N ALA D 38 -1.53 -13.88 -22.96
CA ALA D 38 -1.32 -15.27 -22.53
C ALA D 38 0.16 -15.63 -22.51
N PRO D 39 0.77 -15.69 -21.32
CA PRO D 39 2.18 -16.08 -21.27
C PRO D 39 2.45 -17.54 -21.72
N GLU D 40 1.43 -18.40 -21.69
CA GLU D 40 1.57 -19.80 -22.11
C GLU D 40 1.79 -19.95 -23.62
N MET D 41 1.20 -19.05 -24.41
CA MET D 41 1.18 -19.17 -25.87
C MET D 41 2.45 -18.58 -26.45
N LYS D 42 3.24 -19.41 -27.11
CA LYS D 42 4.58 -19.04 -27.58
C LYS D 42 4.73 -19.35 -29.07
N GLU D 43 5.67 -18.63 -29.70
CA GLU D 43 6.11 -18.90 -31.08
C GLU D 43 4.98 -18.90 -32.09
N TRP D 44 4.06 -17.96 -31.95
CA TRP D 44 2.88 -17.88 -32.81
C TRP D 44 3.32 -17.48 -34.20
N LYS D 45 2.76 -18.16 -35.18
CA LYS D 45 3.00 -17.85 -36.57
C LYS D 45 1.83 -18.33 -37.40
N TRP D 46 1.72 -17.77 -38.59
CA TRP D 46 0.61 -18.11 -39.47
C TRP D 46 0.96 -17.78 -40.91
N GLY D 47 0.18 -18.33 -41.81
CA GLY D 47 0.28 -17.95 -43.21
C GLY D 47 -0.77 -18.59 -44.07
N THR D 48 -0.73 -18.23 -45.36
CA THR D 48 -1.65 -18.75 -46.33
C THR D 48 -0.97 -19.83 -47.14
N ASP D 49 -1.76 -20.82 -47.52
CA ASP D 49 -1.27 -21.88 -48.38
C ASP D 49 -0.70 -21.32 -49.69
N LEU D 50 0.40 -21.89 -50.16
CA LEU D 50 1.12 -21.39 -51.34
C LEU D 50 0.33 -21.56 -52.63
N GLY D 51 -0.59 -22.52 -52.67
CA GLY D 51 -1.45 -22.70 -53.84
C GLY D 51 -0.78 -23.52 -54.92
N PRO D 52 -1.17 -23.30 -56.20
CA PRO D 52 -0.93 -24.27 -57.28
C PRO D 52 0.51 -24.43 -57.82
N ALA D 53 1.48 -23.67 -57.29
CA ALA D 53 2.92 -23.89 -57.57
C ALA D 53 3.33 -25.30 -57.23
N VAL D 54 2.76 -25.83 -56.16
CA VAL D 54 2.85 -27.26 -55.85
C VAL D 54 1.51 -27.95 -56.04
N GLU D 55 1.57 -29.26 -56.15
CA GLU D 55 0.39 -30.11 -56.11
C GLU D 55 -0.45 -29.69 -54.91
N ASP D 56 -1.73 -29.48 -55.14
CA ASP D 56 -2.62 -29.01 -54.10
C ASP D 56 -3.15 -30.20 -53.32
N ARG D 57 -2.67 -30.35 -52.10
CA ARG D 57 -3.21 -31.32 -51.17
C ARG D 57 -3.80 -30.63 -49.95
N ALA D 58 -4.13 -29.34 -50.07
CA ALA D 58 -4.65 -28.58 -48.92
C ALA D 58 -6.14 -28.80 -48.67
N ASP D 59 -6.84 -29.51 -49.57
CA ASP D 59 -8.24 -29.90 -49.37
C ASP D 59 -9.17 -28.73 -49.05
N GLY D 60 -8.89 -27.57 -49.65
CA GLY D 60 -9.69 -26.37 -49.41
C GLY D 60 -9.27 -25.51 -48.24
N PHE D 61 -8.38 -26.00 -47.36
CA PHE D 61 -7.82 -25.16 -46.29
C PHE D 61 -6.95 -24.06 -46.87
N THR D 62 -7.10 -22.84 -46.38
CA THR D 62 -6.37 -21.68 -46.91
C THR D 62 -5.32 -21.12 -45.97
N HIS D 63 -5.48 -21.32 -44.66
CA HIS D 63 -4.59 -20.72 -43.68
C HIS D 63 -4.11 -21.78 -42.66
N ALA D 64 -2.88 -21.59 -42.16
CA ALA D 64 -2.34 -22.38 -41.05
C ALA D 64 -1.89 -21.44 -39.94
N TYR D 65 -2.04 -21.89 -38.69
CA TYR D 65 -1.61 -21.12 -37.51
C TYR D 65 -0.93 -22.09 -36.56
N GLU D 66 0.30 -21.78 -36.15
CA GLU D 66 1.05 -22.61 -35.20
C GLU D 66 1.30 -21.84 -33.92
N SER D 67 1.18 -22.56 -32.80
CA SER D 67 1.67 -22.06 -31.52
C SER D 67 2.29 -23.19 -30.71
N THR D 68 3.13 -22.79 -29.76
CA THR D 68 3.90 -23.74 -28.95
C THR D 68 3.55 -23.53 -27.49
N PHE D 69 3.42 -24.64 -26.76
CA PHE D 69 3.14 -24.63 -25.34
C PHE D 69 4.12 -25.52 -24.61
N HIS D 70 4.47 -25.14 -23.40
CA HIS D 70 5.46 -25.85 -22.60
C HIS D 70 5.00 -27.28 -22.28
N SER D 71 3.70 -27.46 -22.08
CA SER D 71 3.12 -28.74 -21.73
C SER D 71 1.64 -28.72 -22.05
N VAL D 72 1.02 -29.89 -22.07
CA VAL D 72 -0.45 -29.96 -22.15
C VAL D 72 -1.14 -29.18 -21.04
N ALA D 73 -0.61 -29.26 -19.82
CA ALA D 73 -1.17 -28.50 -18.70
C ALA D 73 -1.23 -27.01 -19.02
N ASP D 74 -0.14 -26.47 -19.57
CA ASP D 74 -0.09 -25.06 -19.97
C ASP D 74 -1.05 -24.75 -21.11
N PHE D 75 -1.11 -25.63 -22.12
CA PHE D 75 -2.11 -25.50 -23.19
C PHE D 75 -3.53 -25.42 -22.63
N LEU D 76 -3.87 -26.31 -21.72
CA LEU D 76 -5.23 -26.32 -21.16
C LEU D 76 -5.52 -25.08 -20.29
N ASN D 77 -4.53 -24.58 -19.57
CA ASN D 77 -4.71 -23.34 -18.80
C ASN D 77 -4.99 -22.17 -19.75
N PHE D 78 -4.26 -22.13 -20.85
CA PHE D 78 -4.52 -21.17 -21.91
C PHE D 78 -5.90 -21.33 -22.52
N PHE D 79 -6.21 -22.57 -22.93
CA PHE D 79 -7.45 -22.85 -23.67
C PHE D 79 -8.71 -22.43 -22.93
N TYR D 80 -8.76 -22.67 -21.62
CA TYR D 80 -9.91 -22.35 -20.78
C TYR D 80 -9.78 -20.99 -20.06
N SER D 81 -8.80 -20.18 -20.46
CA SER D 81 -8.65 -18.82 -19.94
C SER D 81 -9.74 -17.94 -20.57
N PRO D 82 -10.25 -16.94 -19.83
CA PRO D 82 -11.33 -16.13 -20.44
C PRO D 82 -11.02 -15.51 -21.81
N PRO D 83 -9.81 -14.93 -22.01
CA PRO D 83 -9.48 -14.35 -23.32
C PRO D 83 -9.48 -15.37 -24.46
N ALA D 84 -8.97 -16.57 -24.21
CA ALA D 84 -8.99 -17.63 -25.23
C ALA D 84 -10.40 -18.14 -25.50
N LEU D 85 -11.20 -18.34 -24.45
CA LEU D 85 -12.60 -18.77 -24.65
C LEU D 85 -13.42 -17.73 -25.41
N GLU D 86 -13.16 -16.44 -25.18
CA GLU D 86 -13.90 -15.38 -25.90
C GLU D 86 -13.48 -15.33 -27.36
N PHE D 87 -12.18 -15.39 -27.61
CA PHE D 87 -11.68 -15.41 -28.98
C PHE D 87 -12.17 -16.62 -29.77
N ALA D 88 -12.24 -17.78 -29.12
CA ALA D 88 -12.77 -19.00 -29.76
C ALA D 88 -14.22 -18.80 -30.25
N LYS D 89 -15.01 -18.08 -29.47
CA LYS D 89 -16.39 -17.80 -29.86
C LYS D 89 -16.52 -16.94 -31.14
N GLU D 90 -15.52 -16.12 -31.42
CA GLU D 90 -15.41 -15.39 -32.69
C GLU D 90 -14.80 -16.27 -33.80
N PHE D 91 -13.72 -16.98 -33.48
CA PHE D 91 -12.99 -17.77 -34.49
C PHE D 91 -13.81 -18.91 -35.10
N PHE D 92 -14.43 -19.75 -34.27
CA PHE D 92 -15.14 -20.92 -34.79
C PHE D 92 -16.26 -20.65 -35.79
N PRO D 93 -17.20 -19.73 -35.47
CA PRO D 93 -18.23 -19.44 -36.47
C PRO D 93 -17.72 -18.73 -37.73
N ALA D 94 -16.51 -18.15 -37.68
CA ALA D 94 -15.86 -17.59 -38.87
C ALA D 94 -15.28 -18.64 -39.83
N CYS D 95 -15.23 -19.92 -39.40
CA CYS D 95 -14.64 -21.00 -40.20
C CYS D 95 -15.67 -21.77 -41.00
N GLU D 96 -15.48 -21.84 -42.32
CA GLU D 96 -16.17 -22.83 -43.13
C GLU D 96 -15.64 -24.23 -42.78
N LYS D 97 -14.33 -24.35 -42.63
CA LYS D 97 -13.67 -25.62 -42.25
C LYS D 97 -12.63 -25.34 -41.17
N ILE D 98 -12.41 -26.33 -40.30
CA ILE D 98 -11.31 -26.28 -39.32
C ILE D 98 -10.77 -27.69 -39.04
N VAL D 99 -9.46 -27.78 -38.87
CA VAL D 99 -8.81 -28.97 -38.30
C VAL D 99 -7.73 -28.49 -37.34
N VAL D 100 -7.62 -29.16 -36.20
CA VAL D 100 -6.64 -28.82 -35.18
C VAL D 100 -5.95 -30.09 -34.67
N LEU D 101 -4.62 -30.05 -34.62
CA LEU D 101 -3.83 -31.10 -33.97
C LEU D 101 -2.99 -30.50 -32.85
N ASN D 102 -2.88 -31.27 -31.77
CA ASN D 102 -2.04 -30.95 -30.62
C ASN D 102 -1.12 -32.13 -30.40
N TYR D 103 0.19 -31.90 -30.39
CA TYR D 103 1.09 -33.04 -30.25
C TYR D 103 2.39 -32.69 -29.56
N ILE D 104 2.93 -33.68 -28.85
CA ILE D 104 4.28 -33.55 -28.31
C ILE D 104 5.24 -33.59 -29.49
N ILE D 105 6.12 -32.60 -29.56
CA ILE D 105 7.07 -32.47 -30.64
C ILE D 105 8.18 -33.52 -30.44
N ASN D 106 8.34 -34.38 -31.44
CA ASN D 106 9.40 -35.41 -31.48
C ASN D 106 10.41 -35.00 -32.56
N GLU D 107 11.71 -35.13 -32.26
CA GLU D 107 12.72 -34.94 -33.32
C GLU D 107 12.99 -36.29 -33.99
N PRO E 3 19.46 -14.18 13.46
CA PRO E 3 19.95 -13.63 12.18
C PRO E 3 19.43 -14.44 10.96
N PRO E 4 18.54 -13.85 10.13
CA PRO E 4 18.02 -14.60 8.97
C PRO E 4 19.11 -14.90 7.93
N GLU E 5 19.01 -16.07 7.32
CA GLU E 5 19.98 -16.50 6.33
C GLU E 5 19.36 -16.28 4.95
N ILE E 6 19.66 -15.10 4.41
CA ILE E 6 19.26 -14.72 3.07
C ILE E 6 20.16 -15.46 2.08
N VAL E 7 19.56 -16.10 1.09
CA VAL E 7 20.26 -16.89 0.09
C VAL E 7 20.21 -16.21 -1.26
N ARG E 8 21.37 -16.11 -1.92
CA ARG E 8 21.47 -15.65 -3.29
C ARG E 8 21.65 -16.82 -4.24
N HIS E 9 20.94 -16.78 -5.36
CA HIS E 9 20.99 -17.80 -6.41
C HIS E 9 21.44 -17.09 -7.67
N ILE E 10 22.68 -17.35 -8.08
CA ILE E 10 23.28 -16.70 -9.26
C ILE E 10 23.57 -17.73 -10.34
N VAL E 11 23.04 -17.46 -11.54
CA VAL E 11 23.20 -18.29 -12.71
C VAL E 11 23.95 -17.48 -13.77
N PHE E 12 25.01 -18.07 -14.31
CA PHE E 12 25.60 -17.60 -15.57
C PHE E 12 25.33 -18.66 -16.63
N ASN E 13 25.01 -18.23 -17.85
CA ASN E 13 24.88 -19.18 -18.96
C ASN E 13 25.34 -18.59 -20.28
N ARG E 14 25.43 -19.49 -21.25
CA ARG E 14 25.59 -19.15 -22.65
C ARG E 14 24.56 -20.03 -23.37
N TYR E 15 23.79 -19.42 -24.27
CA TYR E 15 22.76 -20.15 -25.00
C TYR E 15 23.32 -20.90 -26.19
N LYS E 16 22.69 -22.02 -26.51
CA LYS E 16 23.05 -22.78 -27.71
C LYS E 16 22.88 -21.86 -28.93
N SER E 17 23.82 -21.95 -29.86
CA SER E 17 23.83 -21.13 -31.07
C SER E 17 22.56 -21.27 -31.93
N GLN E 18 21.93 -22.44 -31.87
CA GLN E 18 20.75 -22.77 -32.67
C GLN E 18 19.54 -21.89 -32.31
N LEU E 19 19.48 -21.42 -31.07
CA LEU E 19 18.38 -20.56 -30.62
C LEU E 19 18.45 -19.20 -31.30
N SER E 20 17.28 -18.70 -31.70
CA SER E 20 17.15 -17.35 -32.21
C SER E 20 17.04 -16.39 -31.04
N GLN E 21 17.24 -15.09 -31.29
CA GLN E 21 17.10 -14.08 -30.24
C GLN E 21 15.66 -14.01 -29.73
N LYS E 22 14.70 -14.21 -30.64
CA LYS E 22 13.27 -14.28 -30.29
C LYS E 22 13.02 -15.39 -29.24
N GLN E 23 13.65 -16.54 -29.44
CA GLN E 23 13.54 -17.67 -28.52
C GLN E 23 14.27 -17.43 -27.19
N ILE E 24 15.46 -16.84 -27.27
CA ILE E 24 16.18 -16.40 -26.07
C ILE E 24 15.33 -15.44 -25.26
N ASP E 25 14.76 -14.43 -25.92
CA ASP E 25 13.86 -13.46 -25.29
C ASP E 25 12.70 -14.15 -24.57
N GLN E 26 12.13 -15.17 -25.22
CA GLN E 26 11.02 -15.93 -24.67
C GLN E 26 11.42 -16.68 -23.40
N ILE E 27 12.56 -17.35 -23.43
CA ILE E 27 13.07 -18.05 -22.23
C ILE E 27 13.26 -17.09 -21.07
N ILE E 28 13.83 -15.92 -21.35
CA ILE E 28 14.11 -14.92 -20.32
C ILE E 28 12.82 -14.34 -19.77
N ALA E 29 11.82 -14.15 -20.64
CA ALA E 29 10.49 -13.72 -20.20
C ALA E 29 9.89 -14.77 -19.26
N ASP E 30 10.00 -16.05 -19.64
CA ASP E 30 9.51 -17.15 -18.82
C ASP E 30 10.25 -17.23 -17.47
N TYR E 31 11.56 -17.02 -17.51
CA TYR E 31 12.36 -16.93 -16.27
C TYR E 31 11.81 -15.79 -15.39
N GLY E 32 11.63 -14.62 -15.98
CA GLY E 32 11.07 -13.47 -15.29
C GLY E 32 9.67 -13.70 -14.71
N ASN E 33 8.90 -14.56 -15.37
CA ASN E 33 7.56 -14.93 -14.91
C ASN E 33 7.52 -15.86 -13.68
N LEU E 34 8.63 -16.56 -13.37
CA LEU E 34 8.68 -17.48 -12.21
C LEU E 34 8.36 -16.81 -10.89
N GLN E 35 8.93 -15.63 -10.65
CA GLN E 35 8.68 -14.87 -9.42
C GLN E 35 7.19 -14.62 -9.14
N ASN E 36 6.38 -14.55 -10.19
CA ASN E 36 4.94 -14.32 -10.03
C ASN E 36 4.15 -15.58 -9.72
N ILE E 37 4.59 -16.75 -10.22
CA ILE E 37 3.97 -18.04 -9.84
C ILE E 37 4.65 -18.69 -8.63
N ALA E 38 5.82 -18.18 -8.22
CA ALA E 38 6.58 -18.74 -7.10
C ALA E 38 6.95 -17.62 -6.13
N PRO E 39 6.24 -17.52 -4.99
CA PRO E 39 6.46 -16.39 -4.10
C PRO E 39 7.78 -16.44 -3.31
N GLU E 40 8.47 -17.57 -3.31
CA GLU E 40 9.76 -17.69 -2.63
C GLU E 40 10.84 -16.81 -3.28
N MET E 41 10.78 -16.68 -4.61
CA MET E 41 11.80 -15.98 -5.39
C MET E 41 11.60 -14.45 -5.34
N LYS E 42 12.61 -13.73 -4.86
CA LYS E 42 12.57 -12.28 -4.71
C LYS E 42 13.65 -11.61 -5.56
N GLU E 43 13.39 -10.35 -5.92
CA GLU E 43 14.39 -9.47 -6.50
C GLU E 43 15.05 -10.05 -7.75
N TRP E 44 14.27 -10.76 -8.58
CA TRP E 44 14.84 -11.40 -9.76
C TRP E 44 15.32 -10.31 -10.72
N LYS E 45 16.53 -10.48 -11.24
CA LYS E 45 17.14 -9.53 -12.17
C LYS E 45 18.05 -10.29 -13.12
N TRP E 46 18.41 -9.67 -14.22
CA TRP E 46 19.26 -10.31 -15.21
C TRP E 46 19.95 -9.27 -16.06
N GLY E 47 20.95 -9.73 -16.79
CA GLY E 47 21.59 -8.90 -17.81
C GLY E 47 22.63 -9.62 -18.62
N THR E 48 23.16 -8.91 -19.61
CA THR E 48 24.13 -9.49 -20.52
C THR E 48 25.50 -8.93 -20.21
N ASP E 49 26.52 -9.77 -20.36
CA ASP E 49 27.88 -9.36 -20.03
C ASP E 49 28.30 -8.22 -20.94
N LEU E 50 29.00 -7.25 -20.37
CA LEU E 50 29.38 -6.00 -21.09
C LEU E 50 30.53 -6.13 -22.08
N GLY E 51 31.25 -7.25 -22.06
CA GLY E 51 32.26 -7.53 -23.05
C GLY E 51 33.66 -7.09 -22.65
N PRO E 52 34.64 -7.39 -23.52
CA PRO E 52 36.06 -7.20 -23.20
C PRO E 52 36.53 -5.75 -23.04
N ALA E 53 35.78 -4.78 -23.54
CA ALA E 53 36.07 -3.37 -23.26
C ALA E 53 35.90 -3.02 -21.78
N VAL E 54 35.13 -3.81 -21.04
CA VAL E 54 34.94 -3.60 -19.61
C VAL E 54 35.83 -4.54 -18.81
N GLU E 55 35.73 -5.84 -19.11
CA GLU E 55 36.57 -6.85 -18.47
C GLU E 55 36.45 -8.13 -19.29
N ASP E 56 37.54 -8.85 -19.46
CA ASP E 56 37.55 -10.04 -20.32
C ASP E 56 37.75 -11.35 -19.56
N ARG E 57 36.92 -11.58 -18.55
CA ARG E 57 37.02 -12.80 -17.73
C ARG E 57 35.72 -13.58 -17.71
N ALA E 58 34.82 -13.34 -18.67
CA ALA E 58 33.52 -14.02 -18.71
C ALA E 58 33.59 -15.46 -19.23
N ASP E 59 34.71 -15.84 -19.85
CA ASP E 59 34.96 -17.22 -20.25
C ASP E 59 33.82 -17.79 -21.11
N GLY E 60 33.29 -16.95 -22.01
CA GLY E 60 32.22 -17.35 -22.92
C GLY E 60 30.79 -17.29 -22.38
N PHE E 61 30.62 -17.06 -21.07
CA PHE E 61 29.29 -16.83 -20.52
C PHE E 61 28.80 -15.45 -20.99
N THR E 62 27.54 -15.36 -21.39
CA THR E 62 26.96 -14.14 -21.94
C THR E 62 25.92 -13.47 -21.07
N HIS E 63 25.24 -14.25 -20.23
CA HIS E 63 24.11 -13.79 -19.46
C HIS E 63 24.30 -14.16 -17.99
N ALA E 64 23.73 -13.33 -17.12
CA ALA E 64 23.68 -13.57 -15.68
C ALA E 64 22.26 -13.36 -15.22
N TYR E 65 21.85 -14.14 -14.22
CA TYR E 65 20.52 -14.02 -13.63
C TYR E 65 20.67 -14.18 -12.13
N GLU E 66 20.00 -13.32 -11.38
CA GLU E 66 20.15 -13.30 -9.94
C GLU E 66 18.77 -13.29 -9.27
N SER E 67 18.66 -14.07 -8.20
CA SER E 67 17.45 -14.06 -7.38
C SER E 67 17.82 -14.27 -5.93
N THR E 68 16.89 -13.87 -5.07
CA THR E 68 17.09 -13.82 -3.65
C THR E 68 16.00 -14.61 -2.99
N PHE E 69 16.38 -15.34 -1.94
CA PHE E 69 15.46 -16.08 -1.07
C PHE E 69 15.70 -15.63 0.35
N HIS E 70 14.63 -15.35 1.09
CA HIS E 70 14.75 -14.77 2.42
C HIS E 70 15.02 -15.78 3.53
N SER E 71 15.06 -17.07 3.17
CA SER E 71 15.45 -18.12 4.09
C SER E 71 15.94 -19.31 3.30
N VAL E 72 16.67 -20.19 3.98
CA VAL E 72 17.06 -21.49 3.42
C VAL E 72 15.81 -22.33 3.11
N ALA E 73 14.81 -22.29 4.00
CA ALA E 73 13.52 -22.99 3.76
C ALA E 73 12.87 -22.61 2.43
N ASP E 74 12.77 -21.31 2.16
CA ASP E 74 12.18 -20.79 0.92
C ASP E 74 12.96 -21.25 -0.32
N PHE E 75 14.27 -21.16 -0.23
CA PHE E 75 15.20 -21.64 -1.26
C PHE E 75 14.92 -23.11 -1.60
N LEU E 76 14.91 -23.98 -0.59
CA LEU E 76 14.66 -25.42 -0.81
C LEU E 76 13.25 -25.67 -1.37
N ASN E 77 12.26 -25.02 -0.77
CA ASN E 77 10.87 -25.15 -1.23
C ASN E 77 10.75 -24.77 -2.70
N PHE E 78 11.35 -23.64 -3.08
CA PHE E 78 11.36 -23.21 -4.48
C PHE E 78 11.96 -24.28 -5.42
N PHE E 79 13.18 -24.73 -5.12
CA PHE E 79 13.89 -25.62 -6.05
C PHE E 79 13.35 -27.04 -6.13
N TYR E 80 12.57 -27.46 -5.15
CA TYR E 80 11.92 -28.77 -5.18
C TYR E 80 10.45 -28.75 -5.61
N SER E 81 9.92 -27.58 -5.96
CA SER E 81 8.50 -27.45 -6.32
CA SER E 81 8.51 -27.45 -6.32
C SER E 81 8.33 -27.37 -7.84
N PRO E 82 7.07 -27.63 -8.32
CA PRO E 82 6.91 -27.75 -9.78
C PRO E 82 7.24 -26.54 -10.67
N PRO E 83 6.92 -25.30 -10.24
CA PRO E 83 7.29 -24.16 -11.13
C PRO E 83 8.78 -24.12 -11.52
N ALA E 84 9.66 -24.28 -10.54
CA ALA E 84 11.11 -24.31 -10.81
C ALA E 84 11.52 -25.53 -11.62
N LEU E 85 10.97 -26.69 -11.28
CA LEU E 85 11.33 -27.92 -12.00
C LEU E 85 10.89 -27.86 -13.47
N GLU E 86 9.71 -27.29 -13.70
CA GLU E 86 9.19 -27.12 -15.07
C GLU E 86 10.03 -26.11 -15.86
N PHE E 87 10.34 -24.95 -15.26
CA PHE E 87 11.22 -24.01 -15.95
C PHE E 87 12.59 -24.63 -16.27
N ALA E 88 13.17 -25.40 -15.34
CA ALA E 88 14.45 -26.11 -15.57
C ALA E 88 14.44 -27.05 -16.79
N LYS E 89 13.30 -27.67 -17.08
CA LYS E 89 13.15 -28.52 -18.28
C LYS E 89 13.36 -27.76 -19.60
N GLU E 90 12.99 -26.49 -19.59
CA GLU E 90 13.11 -25.56 -20.73
C GLU E 90 14.54 -24.97 -20.75
N PHE E 91 14.97 -24.45 -19.61
CA PHE E 91 16.18 -23.63 -19.51
C PHE E 91 17.47 -24.41 -19.76
N PHE E 92 17.63 -25.55 -19.09
CA PHE E 92 18.91 -26.25 -19.09
C PHE E 92 19.27 -26.85 -20.45
N PRO E 93 18.28 -27.43 -21.18
CA PRO E 93 18.61 -27.88 -22.54
C PRO E 93 18.94 -26.75 -23.53
N ALA E 94 18.47 -25.53 -23.24
CA ALA E 94 18.84 -24.35 -24.04
C ALA E 94 20.27 -23.83 -23.76
N CYS E 95 20.93 -24.32 -22.71
CA CYS E 95 22.27 -23.83 -22.36
C CYS E 95 23.37 -24.61 -23.05
N GLU E 96 24.27 -23.89 -23.73
CA GLU E 96 25.55 -24.47 -24.14
C GLU E 96 26.45 -24.61 -22.91
N LYS E 97 26.46 -23.59 -22.06
CA LYS E 97 27.23 -23.55 -20.82
C LYS E 97 26.35 -23.07 -19.67
N ILE E 98 26.61 -23.58 -18.47
CA ILE E 98 25.86 -23.19 -17.28
C ILE E 98 26.76 -23.27 -16.05
N VAL E 99 26.64 -22.28 -15.18
CA VAL E 99 27.17 -22.39 -13.82
C VAL E 99 26.20 -21.71 -12.87
N VAL E 100 25.99 -22.34 -11.72
CA VAL E 100 25.04 -21.85 -10.71
C VAL E 100 25.71 -21.94 -9.36
N LEU E 101 25.72 -20.82 -8.63
CA LEU E 101 26.14 -20.81 -7.22
C LEU E 101 25.01 -20.29 -6.36
N ASN E 102 24.81 -20.96 -5.23
CA ASN E 102 23.83 -20.55 -4.23
C ASN E 102 24.59 -20.36 -2.95
N TYR E 103 24.40 -19.21 -2.30
CA TYR E 103 25.17 -18.87 -1.11
CA TYR E 103 25.14 -18.91 -1.07
C TYR E 103 24.36 -18.05 -0.10
N ILE E 104 24.61 -18.28 1.19
CA ILE E 104 24.12 -17.42 2.24
C ILE E 104 24.97 -16.14 2.21
N ILE E 105 24.30 -15.00 2.19
CA ILE E 105 24.96 -13.69 2.16
C ILE E 105 25.82 -13.42 3.40
N ASN E 106 27.07 -13.02 3.14
CA ASN E 106 27.94 -12.38 4.11
C ASN E 106 28.23 -10.97 3.63
N GLU E 107 28.34 -10.04 4.57
CA GLU E 107 28.66 -8.65 4.23
C GLU E 107 29.96 -8.18 4.89
N PRO F 4 19.38 5.77 -15.06
CA PRO F 4 20.64 5.22 -14.55
C PRO F 4 20.87 3.77 -14.97
N GLU F 5 22.09 3.47 -15.44
CA GLU F 5 22.48 2.13 -15.86
C GLU F 5 23.34 1.53 -14.75
N ILE F 6 22.67 0.93 -13.75
CA ILE F 6 23.32 0.27 -12.59
C ILE F 6 24.01 -1.02 -13.04
N VAL F 7 25.27 -1.19 -12.62
CA VAL F 7 26.11 -2.31 -13.07
C VAL F 7 26.36 -3.29 -11.93
N ARG F 8 26.09 -4.59 -12.18
CA ARG F 8 26.49 -5.62 -11.24
CA ARG F 8 26.47 -5.66 -11.26
C ARG F 8 27.79 -6.27 -11.71
N HIS F 9 28.70 -6.48 -10.77
CA HIS F 9 29.98 -7.12 -11.00
C HIS F 9 29.96 -8.37 -10.14
N ILE F 10 29.90 -9.55 -10.77
CA ILE F 10 29.84 -10.81 -10.02
C ILE F 10 31.06 -11.65 -10.36
N VAL F 11 31.77 -12.06 -9.30
CA VAL F 11 32.96 -12.89 -9.42
C VAL F 11 32.67 -14.26 -8.81
N PHE F 12 32.95 -15.33 -9.55
CA PHE F 12 33.04 -16.67 -8.96
C PHE F 12 34.50 -17.11 -8.99
N ASN F 13 34.98 -17.74 -7.91
CA ASN F 13 36.31 -18.34 -7.92
C ASN F 13 36.37 -19.64 -7.14
N ARG F 14 37.52 -20.27 -7.29
CA ARG F 14 37.94 -21.42 -6.52
C ARG F 14 39.39 -21.12 -6.14
N TYR F 15 39.73 -21.30 -4.86
CA TYR F 15 41.09 -21.06 -4.40
C TYR F 15 42.02 -22.25 -4.66
N LYS F 16 43.29 -21.95 -4.91
CA LYS F 16 44.29 -22.99 -5.01
C LYS F 16 44.39 -23.75 -3.69
N SER F 17 44.70 -25.04 -3.79
CA SER F 17 44.76 -25.91 -2.62
C SER F 17 45.91 -25.55 -1.68
N GLN F 18 46.93 -24.85 -2.18
CA GLN F 18 48.03 -24.38 -1.32
C GLN F 18 47.59 -23.37 -0.25
N LEU F 19 46.49 -22.68 -0.46
CA LEU F 19 46.01 -21.72 0.53
C LEU F 19 45.35 -22.40 1.72
N SER F 20 45.54 -21.82 2.88
CA SER F 20 44.81 -22.20 4.08
C SER F 20 43.54 -21.36 4.19
N GLN F 21 42.60 -21.85 5.00
CA GLN F 21 41.41 -21.04 5.29
C GLN F 21 41.76 -19.70 5.94
N LYS F 22 42.82 -19.68 6.76
CA LYS F 22 43.25 -18.44 7.37
C LYS F 22 43.68 -17.43 6.30
N GLN F 23 44.41 -17.90 5.29
CA GLN F 23 44.83 -17.05 4.16
C GLN F 23 43.65 -16.56 3.32
N ILE F 24 42.69 -17.44 3.08
CA ILE F 24 41.47 -17.11 2.33
C ILE F 24 40.68 -16.04 3.07
N ASP F 25 40.54 -16.20 4.38
CA ASP F 25 39.81 -15.25 5.20
C ASP F 25 40.42 -13.84 5.07
N GLN F 26 41.75 -13.76 5.05
CA GLN F 26 42.46 -12.48 4.93
C GLN F 26 42.22 -11.83 3.56
N ILE F 27 42.28 -12.65 2.52
CA ILE F 27 42.01 -12.19 1.15
C ILE F 27 40.59 -11.64 1.04
N ILE F 28 39.62 -12.37 1.59
CA ILE F 28 38.22 -11.95 1.53
C ILE F 28 38.01 -10.65 2.33
N ALA F 29 38.64 -10.55 3.49
CA ALA F 29 38.64 -9.32 4.28
C ALA F 29 39.20 -8.14 3.51
N ASP F 30 40.34 -8.35 2.85
CA ASP F 30 40.98 -7.32 2.02
C ASP F 30 40.10 -6.89 0.84
N TYR F 31 39.44 -7.87 0.21
CA TYR F 31 38.51 -7.58 -0.89
C TYR F 31 37.39 -6.65 -0.41
N GLY F 32 36.71 -7.05 0.66
CA GLY F 32 35.63 -6.25 1.25
C GLY F 32 36.07 -4.86 1.68
N ASN F 33 37.30 -4.75 2.18
CA ASN F 33 37.78 -3.46 2.66
CA ASN F 33 37.86 -3.48 2.66
C ASN F 33 38.05 -2.46 1.52
N LEU F 34 38.12 -2.94 0.29
CA LEU F 34 38.18 -2.04 -0.86
C LEU F 34 36.99 -1.06 -0.91
N GLN F 35 35.83 -1.48 -0.43
CA GLN F 35 34.68 -0.57 -0.38
C GLN F 35 34.88 0.67 0.52
N ASN F 36 35.81 0.60 1.48
CA ASN F 36 36.10 1.74 2.37
C ASN F 36 36.97 2.78 1.68
N ILE F 37 37.81 2.35 0.75
CA ILE F 37 38.73 3.23 -0.01
C ILE F 37 38.07 3.75 -1.28
N ALA F 38 37.25 2.91 -1.93
CA ALA F 38 36.64 3.20 -3.23
C ALA F 38 35.14 3.47 -3.06
N PRO F 39 34.73 4.74 -3.15
CA PRO F 39 33.30 5.04 -3.05
C PRO F 39 32.45 4.44 -4.19
N GLU F 40 33.07 4.11 -5.31
CA GLU F 40 32.36 3.53 -6.46
C GLU F 40 31.83 2.12 -6.15
N MET F 41 32.54 1.38 -5.32
CA MET F 41 32.20 -0.06 -5.06
C MET F 41 31.15 -0.13 -3.97
N LYS F 42 29.94 -0.53 -4.34
CA LYS F 42 28.81 -0.56 -3.41
C LYS F 42 28.19 -1.95 -3.24
N GLU F 43 27.50 -2.12 -2.11
CA GLU F 43 26.72 -3.32 -1.82
CA GLU F 43 26.70 -3.33 -1.86
C GLU F 43 27.53 -4.62 -1.94
N TRP F 44 28.78 -4.57 -1.47
CA TRP F 44 29.63 -5.76 -1.54
C TRP F 44 29.07 -6.84 -0.64
N LYS F 45 29.01 -8.05 -1.18
CA LYS F 45 28.64 -9.22 -0.41
C LYS F 45 29.31 -10.44 -1.02
N TRP F 46 29.37 -11.51 -0.25
CA TRP F 46 30.04 -12.72 -0.71
C TRP F 46 29.50 -13.92 0.03
N GLY F 47 29.82 -15.10 -0.47
CA GLY F 47 29.50 -16.31 0.25
C GLY F 47 30.08 -17.54 -0.40
N THR F 48 29.84 -18.67 0.25
CA THR F 48 30.32 -19.95 -0.25
C THR F 48 29.16 -20.76 -0.77
N ASP F 49 29.43 -21.51 -1.83
CA ASP F 49 28.41 -22.35 -2.40
C ASP F 49 27.87 -23.34 -1.37
N LEU F 50 26.55 -23.52 -1.41
CA LEU F 50 25.82 -24.33 -0.43
C LEU F 50 25.90 -25.82 -0.70
N GLY F 51 26.48 -26.21 -1.82
CA GLY F 51 26.77 -27.59 -2.13
C GLY F 51 25.56 -28.27 -2.71
N PRO F 52 25.51 -29.60 -2.67
CA PRO F 52 24.49 -30.34 -3.39
C PRO F 52 23.11 -30.53 -2.69
N ALA F 53 22.67 -29.60 -1.84
CA ALA F 53 21.29 -29.62 -1.30
C ALA F 53 20.26 -29.53 -2.42
N VAL F 54 20.64 -28.82 -3.49
CA VAL F 54 19.99 -28.89 -4.79
C VAL F 54 21.05 -29.45 -5.73
N GLU F 55 20.74 -29.70 -6.98
CA GLU F 55 21.75 -30.25 -7.89
C GLU F 55 23.01 -29.36 -7.90
N ASP F 56 24.18 -29.99 -7.83
CA ASP F 56 25.46 -29.28 -7.88
C ASP F 56 25.76 -28.87 -9.32
N ARG F 57 25.60 -27.58 -9.60
CA ARG F 57 25.91 -26.99 -10.92
CA ARG F 57 25.95 -27.02 -10.92
C ARG F 57 26.98 -25.89 -10.77
N ALA F 58 27.73 -25.91 -9.66
CA ALA F 58 28.75 -24.89 -9.39
C ALA F 58 30.05 -25.17 -10.13
N ASP F 59 30.19 -26.37 -10.72
CA ASP F 59 31.34 -26.71 -11.57
C ASP F 59 32.68 -26.43 -10.90
N GLY F 60 32.77 -26.68 -9.60
CA GLY F 60 34.01 -26.53 -8.86
C GLY F 60 34.28 -25.13 -8.31
N PHE F 61 33.46 -24.14 -8.67
CA PHE F 61 33.53 -22.82 -8.04
C PHE F 61 33.00 -22.92 -6.62
N THR F 62 33.70 -22.30 -5.67
CA THR F 62 33.35 -22.39 -4.25
C THR F 62 32.84 -21.10 -3.63
N HIS F 63 33.20 -19.95 -4.23
CA HIS F 63 32.90 -18.65 -3.64
C HIS F 63 32.32 -17.73 -4.70
N ALA F 64 31.41 -16.87 -4.27
CA ALA F 64 30.90 -15.78 -5.09
C ALA F 64 31.05 -14.46 -4.35
N TYR F 65 31.29 -13.41 -5.12
CA TYR F 65 31.47 -12.04 -4.61
C TYR F 65 30.72 -11.10 -5.53
N GLU F 66 29.85 -10.28 -4.94
CA GLU F 66 29.01 -9.37 -5.70
C GLU F 66 29.35 -7.94 -5.32
N SER F 67 29.39 -7.10 -6.33
CA SER F 67 29.61 -5.64 -6.18
C SER F 67 28.65 -4.91 -7.12
N THR F 68 28.28 -3.68 -6.75
CA THR F 68 27.39 -2.84 -7.53
C THR F 68 28.08 -1.50 -7.79
N PHE F 69 27.95 -1.03 -9.03
CA PHE F 69 28.50 0.24 -9.48
C PHE F 69 27.41 1.04 -10.16
N HIS F 70 27.45 2.35 -9.97
CA HIS F 70 26.39 3.19 -10.52
C HIS F 70 26.59 3.56 -11.99
N SER F 71 27.73 3.22 -12.57
CA SER F 71 27.94 3.32 -14.02
C SER F 71 29.11 2.45 -14.44
N VAL F 72 29.20 2.17 -15.74
CA VAL F 72 30.36 1.46 -16.28
C VAL F 72 31.63 2.29 -16.05
N ALA F 73 31.56 3.60 -16.29
CA ALA F 73 32.68 4.49 -15.98
C ALA F 73 33.17 4.35 -14.54
N ASP F 74 32.25 4.33 -13.58
CA ASP F 74 32.62 4.18 -12.16
C ASP F 74 33.31 2.85 -11.87
N PHE F 75 32.84 1.78 -12.50
CA PHE F 75 33.51 0.48 -12.42
C PHE F 75 34.95 0.57 -12.93
N LEU F 76 35.15 1.17 -14.11
CA LEU F 76 36.48 1.23 -14.68
C LEU F 76 37.43 2.08 -13.84
N ASN F 77 36.93 3.18 -13.30
CA ASN F 77 37.71 4.03 -12.39
C ASN F 77 38.14 3.29 -11.13
N PHE F 78 37.24 2.46 -10.60
CA PHE F 78 37.57 1.58 -9.48
C PHE F 78 38.60 0.53 -9.88
N PHE F 79 38.35 -0.17 -10.99
CA PHE F 79 39.18 -1.31 -11.37
C PHE F 79 40.65 -0.93 -11.55
N TYR F 80 40.89 0.23 -12.15
CA TYR F 80 42.26 0.67 -12.43
C TYR F 80 42.83 1.63 -11.39
N SER F 81 42.14 1.78 -10.26
CA SER F 81 42.65 2.54 -9.12
C SER F 81 43.80 1.77 -8.47
N PRO F 82 44.75 2.49 -7.84
CA PRO F 82 45.90 1.76 -7.27
C PRO F 82 45.53 0.68 -6.25
N PRO F 83 44.59 0.95 -5.32
CA PRO F 83 44.23 -0.12 -4.37
C PRO F 83 43.62 -1.39 -4.98
N ALA F 84 42.80 -1.22 -6.03
CA ALA F 84 42.17 -2.37 -6.70
C ALA F 84 43.20 -3.18 -7.48
N LEU F 85 44.13 -2.50 -8.14
CA LEU F 85 45.21 -3.17 -8.86
C LEU F 85 46.12 -3.92 -7.90
N GLU F 86 46.41 -3.29 -6.77
CA GLU F 86 47.23 -3.91 -5.73
C GLU F 86 46.55 -5.16 -5.19
N PHE F 87 45.26 -5.06 -4.87
CA PHE F 87 44.54 -6.24 -4.41
C PHE F 87 44.47 -7.34 -5.47
N ALA F 88 44.24 -6.96 -6.73
CA ALA F 88 44.16 -7.93 -7.83
C ALA F 88 45.41 -8.77 -7.94
N LYS F 89 46.58 -8.17 -7.67
CA LYS F 89 47.86 -8.90 -7.64
C LYS F 89 47.95 -9.96 -6.56
N GLU F 90 47.19 -9.80 -5.48
CA GLU F 90 47.07 -10.81 -4.43
C GLU F 90 46.00 -11.84 -4.81
N PHE F 91 44.88 -11.37 -5.35
CA PHE F 91 43.72 -12.23 -5.61
C PHE F 91 43.92 -13.20 -6.76
N PHE F 92 44.40 -12.70 -7.90
CA PHE F 92 44.52 -13.56 -9.07
C PHE F 92 45.41 -14.80 -8.86
N PRO F 93 46.61 -14.64 -8.27
CA PRO F 93 47.45 -15.83 -8.02
C PRO F 93 46.88 -16.81 -7.01
N ALA F 94 45.95 -16.37 -6.16
CA ALA F 94 45.27 -17.25 -5.22
C ALA F 94 44.19 -18.12 -5.88
N CYS F 95 43.73 -17.75 -7.07
CA CYS F 95 42.65 -18.45 -7.75
C CYS F 95 43.14 -19.63 -8.58
N GLU F 96 42.57 -20.81 -8.34
CA GLU F 96 42.73 -21.94 -9.26
CA GLU F 96 42.71 -21.96 -9.25
C GLU F 96 41.99 -21.62 -10.54
N LYS F 97 40.81 -21.02 -10.39
CA LYS F 97 40.08 -20.47 -11.53
C LYS F 97 39.14 -19.35 -11.11
N ILE F 98 38.69 -18.62 -12.10
CA ILE F 98 37.86 -17.44 -11.89
C ILE F 98 36.94 -17.24 -13.09
N VAL F 99 35.73 -16.73 -12.83
CA VAL F 99 34.89 -16.22 -13.89
C VAL F 99 34.22 -14.96 -13.37
N VAL F 100 34.16 -13.95 -14.21
CA VAL F 100 33.59 -12.64 -13.84
C VAL F 100 32.63 -12.16 -14.92
N LEU F 101 31.43 -11.76 -14.53
CA LEU F 101 30.51 -11.06 -15.45
C LEU F 101 30.20 -9.68 -14.92
N ASN F 102 30.07 -8.73 -15.85
CA ASN F 102 29.66 -7.36 -15.56
C ASN F 102 28.47 -7.10 -16.42
N TYR F 103 27.38 -6.62 -15.84
CA TYR F 103 26.17 -6.41 -16.60
CA TYR F 103 26.16 -6.41 -16.60
C TYR F 103 25.31 -5.28 -16.06
N ILE F 104 24.61 -4.61 -16.96
CA ILE F 104 23.66 -3.59 -16.59
C ILE F 104 22.38 -4.33 -16.21
N ILE F 105 21.85 -3.98 -15.04
CA ILE F 105 20.71 -4.66 -14.46
C ILE F 105 19.43 -4.41 -15.26
N ASN F 106 18.71 -5.51 -15.54
CA ASN F 106 17.33 -5.47 -16.02
C ASN F 106 16.41 -6.06 -14.95
N GLU F 107 15.44 -5.26 -14.49
CA GLU F 107 14.42 -5.71 -13.54
C GLU F 107 13.55 -6.82 -14.16
N PRO G 4 -6.31 -20.18 6.71
CA PRO G 4 -5.23 -20.41 7.67
C PRO G 4 -5.46 -19.87 9.10
N GLU G 5 -6.45 -19.00 9.32
CA GLU G 5 -6.59 -18.23 10.56
C GLU G 5 -7.46 -18.89 11.62
N ILE G 6 -6.90 -19.84 12.37
CA ILE G 6 -7.66 -20.54 13.41
C ILE G 6 -7.68 -19.66 14.65
N VAL G 7 -8.86 -19.54 15.26
CA VAL G 7 -9.05 -18.64 16.41
C VAL G 7 -9.29 -19.47 17.68
N ARG G 8 -8.57 -19.07 18.74
CA ARG G 8 -8.79 -19.66 20.07
CA ARG G 8 -8.76 -19.63 20.10
C ARG G 8 -9.57 -18.67 20.93
N HIS G 9 -10.55 -19.20 21.66
CA HIS G 9 -11.41 -18.43 22.55
C HIS G 9 -11.15 -19.04 23.92
N ILE G 10 -10.45 -18.31 24.77
CA ILE G 10 -10.15 -18.78 26.10
C ILE G 10 -10.75 -17.87 27.16
N VAL G 11 -11.44 -18.49 28.10
CA VAL G 11 -12.18 -17.82 29.16
C VAL G 11 -11.62 -18.28 30.49
N PHE G 12 -11.29 -17.35 31.38
CA PHE G 12 -11.04 -17.66 32.79
C PHE G 12 -12.15 -17.05 33.61
N ASN G 13 -12.68 -17.76 34.60
CA ASN G 13 -13.62 -17.13 35.52
C ASN G 13 -13.47 -17.60 36.95
N ARG G 14 -14.20 -16.89 37.82
CA ARG G 14 -14.48 -17.27 39.19
C ARG G 14 -15.96 -17.09 39.37
N TYR G 15 -16.64 -18.07 39.96
CA TYR G 15 -18.08 -18.01 40.18
C TYR G 15 -18.44 -17.18 41.40
N LYS G 16 -19.58 -16.49 41.32
CA LYS G 16 -20.10 -15.74 42.46
C LYS G 16 -20.40 -16.66 43.64
N SER G 17 -20.18 -16.15 44.85
CA SER G 17 -20.22 -16.98 46.06
C SER G 17 -21.60 -17.57 46.38
N GLN G 18 -22.68 -16.93 45.93
CA GLN G 18 -24.03 -17.45 46.20
C GLN G 18 -24.42 -18.69 45.40
N LEU G 19 -23.64 -19.03 44.37
CA LEU G 19 -23.94 -20.20 43.55
C LEU G 19 -23.41 -21.48 44.21
N SER G 20 -24.28 -22.49 44.30
CA SER G 20 -23.91 -23.81 44.83
C SER G 20 -23.07 -24.56 43.80
N GLN G 21 -22.40 -25.63 44.23
CA GLN G 21 -21.68 -26.48 43.28
C GLN G 21 -22.62 -27.10 42.26
N LYS G 22 -23.84 -27.44 42.68
CA LYS G 22 -24.87 -27.92 41.77
C LYS G 22 -25.17 -26.93 40.66
N GLN G 23 -25.39 -25.67 41.02
CA GLN G 23 -25.63 -24.59 40.04
C GLN G 23 -24.42 -24.37 39.11
N ILE G 24 -23.22 -24.42 39.67
CA ILE G 24 -21.99 -24.28 38.87
C ILE G 24 -21.87 -25.44 37.89
N ASP G 25 -22.05 -26.66 38.38
CA ASP G 25 -22.04 -27.85 37.51
C ASP G 25 -23.02 -27.70 36.35
N GLN G 26 -24.19 -27.12 36.60
CA GLN G 26 -25.20 -26.96 35.55
C GLN G 26 -24.81 -25.89 34.52
N ILE G 27 -24.23 -24.78 34.98
CA ILE G 27 -23.70 -23.77 34.05
C ILE G 27 -22.64 -24.39 33.13
N ILE G 28 -21.74 -25.17 33.72
CA ILE G 28 -20.69 -25.85 32.95
C ILE G 28 -21.28 -26.86 31.97
N ALA G 29 -22.30 -27.60 32.40
CA ALA G 29 -23.01 -28.53 31.50
C ALA G 29 -23.68 -27.80 30.33
N ASP G 30 -24.28 -26.65 30.62
CA ASP G 30 -24.87 -25.81 29.59
C ASP G 30 -23.85 -25.24 28.63
N TYR G 31 -22.65 -24.92 29.11
CA TYR G 31 -21.56 -24.47 28.24
C TYR G 31 -21.14 -25.62 27.31
N GLY G 32 -20.99 -26.80 27.88
CA GLY G 32 -20.73 -28.02 27.10
C GLY G 32 -21.77 -28.29 26.04
N ASN G 33 -23.04 -28.06 26.39
CA ASN G 33 -24.14 -28.23 25.43
C ASN G 33 -24.17 -27.18 24.31
N LEU G 34 -23.60 -26.00 24.55
CA LEU G 34 -23.53 -24.95 23.53
C LEU G 34 -22.81 -25.41 22.27
N GLN G 35 -21.71 -26.12 22.48
CA GLN G 35 -20.98 -26.78 21.39
C GLN G 35 -21.87 -27.71 20.55
N ASN G 36 -22.78 -28.42 21.21
CA ASN G 36 -23.73 -29.32 20.53
C ASN G 36 -24.78 -28.59 19.69
N ILE G 37 -25.00 -27.30 19.92
CA ILE G 37 -25.98 -26.50 19.17
C ILE G 37 -25.40 -25.28 18.43
N ALA G 38 -24.07 -25.13 18.46
CA ALA G 38 -23.37 -24.04 17.79
C ALA G 38 -22.34 -24.64 16.85
N PRO G 39 -22.65 -24.69 15.54
CA PRO G 39 -21.74 -25.36 14.62
C PRO G 39 -20.34 -24.75 14.52
N GLU G 40 -20.21 -23.46 14.85
CA GLU G 40 -18.94 -22.75 14.74
C GLU G 40 -17.93 -23.15 15.84
N MET G 41 -18.45 -23.58 17.00
CA MET G 41 -17.62 -23.80 18.19
C MET G 41 -17.13 -25.24 18.22
N LYS G 42 -15.81 -25.42 18.24
CA LYS G 42 -15.19 -26.74 18.22
C LYS G 42 -14.24 -26.93 19.42
N GLU G 43 -13.90 -28.20 19.68
CA GLU G 43 -12.81 -28.58 20.60
C GLU G 43 -12.97 -27.98 22.00
N TRP G 44 -14.19 -27.89 22.50
CA TRP G 44 -14.42 -27.29 23.82
C TRP G 44 -13.81 -28.16 24.91
N LYS G 45 -13.11 -27.52 25.84
CA LYS G 45 -12.55 -28.19 27.00
C LYS G 45 -12.56 -27.21 28.15
N TRP G 46 -12.53 -27.75 29.36
CA TRP G 46 -12.48 -26.92 30.55
C TRP G 46 -11.77 -27.63 31.68
N GLY G 47 -11.49 -26.86 32.72
CA GLY G 47 -11.02 -27.45 33.97
C GLY G 47 -10.82 -26.45 35.05
N THR G 48 -10.44 -26.95 36.21
CA THR G 48 -10.22 -26.11 37.38
C THR G 48 -8.74 -25.92 37.60
N ASP G 49 -8.36 -24.73 38.06
CA ASP G 49 -6.96 -24.46 38.36
C ASP G 49 -6.39 -25.48 39.38
N LEU G 50 -5.12 -25.86 39.19
CA LEU G 50 -4.48 -26.87 40.06
C LEU G 50 -4.28 -26.46 41.51
N GLY G 51 -4.37 -25.16 41.79
CA GLY G 51 -4.40 -24.67 43.16
C GLY G 51 -3.08 -24.94 43.87
N PRO G 52 -3.12 -25.59 45.05
CA PRO G 52 -1.90 -25.72 45.84
C PRO G 52 -0.85 -26.74 45.32
N ALA G 53 -1.06 -27.35 44.15
CA ALA G 53 -0.05 -28.22 43.56
C ALA G 53 1.15 -27.45 42.99
N VAL G 54 0.96 -26.16 42.75
CA VAL G 54 1.96 -25.34 42.11
C VAL G 54 1.81 -23.88 42.57
N GLU G 55 2.83 -23.06 42.34
CA GLU G 55 2.76 -21.63 42.69
C GLU G 55 1.52 -20.97 42.06
N ASP G 56 0.74 -20.29 42.89
CA ASP G 56 -0.56 -19.75 42.46
C ASP G 56 -0.40 -18.35 41.86
N ARG G 57 -0.53 -18.26 40.55
CA ARG G 57 -0.59 -16.99 39.82
C ARG G 57 -1.94 -16.84 39.10
N ALA G 58 -2.95 -17.55 39.61
CA ALA G 58 -4.31 -17.51 39.03
C ALA G 58 -5.12 -16.29 39.43
N ASP G 59 -4.65 -15.51 40.41
CA ASP G 59 -5.28 -14.26 40.84
C ASP G 59 -6.77 -14.40 41.18
N GLY G 60 -7.13 -15.52 41.79
CA GLY G 60 -8.51 -15.82 42.18
C GLY G 60 -9.39 -16.46 41.14
N PHE G 61 -8.93 -16.54 39.88
CA PHE G 61 -9.64 -17.30 38.85
C PHE G 61 -9.53 -18.80 39.18
N THR G 62 -10.64 -19.52 39.02
CA THR G 62 -10.75 -20.91 39.43
C THR G 62 -10.96 -21.88 38.27
N HIS G 63 -11.51 -21.41 37.15
CA HIS G 63 -11.86 -22.24 36.01
C HIS G 63 -11.35 -21.64 34.71
N ALA G 64 -10.95 -22.50 33.79
CA ALA G 64 -10.65 -22.11 32.41
C ALA G 64 -11.50 -22.90 31.45
N TYR G 65 -11.83 -22.28 30.31
CA TYR G 65 -12.59 -22.93 29.24
C TYR G 65 -11.98 -22.53 27.92
N GLU G 66 -11.77 -23.50 27.03
CA GLU G 66 -11.19 -23.24 25.72
C GLU G 66 -12.12 -23.71 24.64
N SER G 67 -12.07 -23.04 23.50
CA SER G 67 -12.73 -23.52 22.29
C SER G 67 -12.01 -22.94 21.09
N THR G 68 -12.30 -23.54 19.94
CA THR G 68 -11.60 -23.23 18.70
C THR G 68 -12.61 -22.90 17.64
N PHE G 69 -12.29 -21.88 16.85
CA PHE G 69 -13.11 -21.45 15.73
C PHE G 69 -12.25 -21.44 14.49
N HIS G 70 -12.82 -21.87 13.36
CA HIS G 70 -12.01 -22.05 12.16
C HIS G 70 -11.67 -20.75 11.44
N SER G 71 -12.34 -19.66 11.78
CA SER G 71 -12.03 -18.34 11.27
C SER G 71 -12.61 -17.28 12.19
N VAL G 72 -12.13 -16.04 12.03
CA VAL G 72 -12.68 -14.90 12.75
C VAL G 72 -14.17 -14.75 12.40
N ALA G 73 -14.51 -14.90 11.11
CA ALA G 73 -15.91 -14.83 10.67
C ALA G 73 -16.81 -15.84 11.39
N ASP G 74 -16.31 -17.07 11.54
CA ASP G 74 -17.05 -18.11 12.26
C ASP G 74 -17.26 -17.70 13.71
N PHE G 75 -16.23 -17.18 14.38
CA PHE G 75 -16.41 -16.70 15.75
C PHE G 75 -17.47 -15.61 15.84
N LEU G 76 -17.42 -14.62 14.95
CA LEU G 76 -18.39 -13.52 14.96
C LEU G 76 -19.80 -14.02 14.74
N ASN G 77 -19.98 -14.91 13.77
CA ASN G 77 -21.29 -15.53 13.55
C ASN G 77 -21.77 -16.20 14.83
N PHE G 78 -20.89 -16.98 15.46
CA PHE G 78 -21.20 -17.62 16.76
C PHE G 78 -21.58 -16.59 17.83
N PHE G 79 -20.77 -15.53 17.96
CA PHE G 79 -20.90 -14.57 19.06
C PHE G 79 -22.25 -13.85 19.04
N TYR G 80 -22.79 -13.63 17.84
CA TYR G 80 -24.11 -12.99 17.68
C TYR G 80 -25.28 -13.96 17.43
N SER G 81 -25.01 -15.27 17.47
CA SER G 81 -26.05 -16.28 17.27
C SER G 81 -26.95 -16.41 18.51
N PRO G 82 -28.22 -16.78 18.32
CA PRO G 82 -29.11 -16.91 19.49
C PRO G 82 -28.63 -17.87 20.61
N PRO G 83 -28.03 -19.04 20.26
CA PRO G 83 -27.56 -19.92 21.35
C PRO G 83 -26.45 -19.29 22.21
N ALA G 84 -25.50 -18.61 21.57
CA ALA G 84 -24.44 -17.90 22.30
C ALA G 84 -25.00 -16.74 23.12
N LEU G 85 -25.94 -16.00 22.54
CA LEU G 85 -26.55 -14.87 23.23
C LEU G 85 -27.28 -15.34 24.48
N GLU G 86 -27.98 -16.46 24.37
CA GLU G 86 -28.70 -17.05 25.49
C GLU G 86 -27.73 -17.52 26.59
N PHE G 87 -26.69 -18.25 26.18
CA PHE G 87 -25.73 -18.77 27.16
C PHE G 87 -24.97 -17.65 27.87
N ALA G 88 -24.63 -16.59 27.13
CA ALA G 88 -23.98 -15.41 27.72
C ALA G 88 -24.79 -14.83 28.88
N LYS G 89 -26.11 -14.82 28.73
CA LYS G 89 -26.99 -14.29 29.77
C LYS G 89 -27.03 -15.15 31.05
N GLU G 90 -26.67 -16.42 30.93
CA GLU G 90 -26.54 -17.30 32.09
C GLU G 90 -25.13 -17.25 32.67
N PHE G 91 -24.14 -17.17 31.81
CA PHE G 91 -22.75 -17.34 32.24
C PHE G 91 -22.15 -16.09 32.87
N PHE G 92 -22.24 -14.96 32.19
CA PHE G 92 -21.56 -13.76 32.65
C PHE G 92 -22.06 -13.22 33.99
N PRO G 93 -23.39 -13.19 34.21
CA PRO G 93 -23.87 -12.76 35.54
C PRO G 93 -23.43 -13.69 36.68
N ALA G 94 -23.11 -14.94 36.37
CA ALA G 94 -22.58 -15.88 37.35
C ALA G 94 -21.11 -15.65 37.74
N CYS G 95 -20.41 -14.76 37.03
CA CYS G 95 -18.97 -14.57 37.23
C CYS G 95 -18.68 -13.46 38.20
N GLU G 96 -17.98 -13.79 39.27
CA GLU G 96 -17.39 -12.79 40.16
CA GLU G 96 -17.39 -12.78 40.15
C GLU G 96 -16.24 -12.09 39.41
N LYS G 97 -15.45 -12.89 38.69
CA LYS G 97 -14.35 -12.40 37.86
C LYS G 97 -14.44 -13.07 36.51
N ILE G 98 -14.01 -12.36 35.48
CA ILE G 98 -14.07 -12.87 34.11
C ILE G 98 -13.00 -12.21 33.25
N VAL G 99 -12.27 -13.01 32.48
CA VAL G 99 -11.45 -12.50 31.38
C VAL G 99 -11.57 -13.46 30.20
N VAL G 100 -11.71 -12.88 29.00
CA VAL G 100 -11.86 -13.62 27.77
C VAL G 100 -10.88 -13.04 26.76
N LEU G 101 -10.05 -13.89 26.16
CA LEU G 101 -9.20 -13.51 25.02
C LEU G 101 -9.57 -14.33 23.81
N ASN G 102 -9.56 -13.68 22.65
CA ASN G 102 -9.78 -14.33 21.37
C ASN G 102 -8.56 -14.00 20.54
N TYR G 103 -7.89 -15.01 19.99
CA TYR G 103 -6.67 -14.78 19.23
CA TYR G 103 -6.66 -14.78 19.24
C TYR G 103 -6.47 -15.76 18.10
N ILE G 104 -5.83 -15.28 17.03
CA ILE G 104 -5.45 -16.14 15.93
C ILE G 104 -4.19 -16.89 16.38
N ILE G 105 -4.20 -18.21 16.22
CA ILE G 105 -3.12 -19.08 16.69
C ILE G 105 -1.83 -18.83 15.90
N ASN G 106 -0.73 -18.67 16.63
CA ASN G 106 0.62 -18.64 16.08
C ASN G 106 1.45 -19.78 16.69
N GLU G 107 2.26 -20.44 15.85
CA GLU G 107 3.27 -21.39 16.34
C GLU G 107 4.51 -20.62 16.82
N GLY H 1 -5.18 -37.04 37.46
CA GLY H 1 -5.61 -38.47 37.36
C GLY H 1 -4.55 -39.40 36.81
N ASN H 2 -4.97 -40.57 36.33
CA ASN H 2 -4.06 -41.59 35.80
C ASN H 2 -3.55 -41.16 34.41
N PRO H 3 -2.22 -40.94 34.27
CA PRO H 3 -1.69 -40.50 32.96
C PRO H 3 -1.66 -41.65 31.92
N PRO H 4 -1.59 -41.35 30.62
CA PRO H 4 -1.51 -39.99 30.08
C PRO H 4 -2.83 -39.23 30.11
N GLU H 5 -2.74 -37.93 30.38
CA GLU H 5 -3.90 -37.02 30.37
C GLU H 5 -3.41 -35.60 30.22
N ILE H 6 -4.17 -34.78 29.50
CA ILE H 6 -3.67 -33.47 29.13
C ILE H 6 -3.81 -32.46 30.28
N VAL H 7 -2.70 -31.82 30.62
CA VAL H 7 -2.70 -30.64 31.47
C VAL H 7 -2.39 -29.46 30.58
N ARG H 8 -3.21 -28.42 30.70
CA ARG H 8 -3.01 -27.20 29.97
CA ARG H 8 -3.02 -27.20 29.95
C ARG H 8 -2.48 -26.11 30.87
N HIS H 9 -1.53 -25.33 30.33
CA HIS H 9 -0.86 -24.26 31.03
C HIS H 9 -1.07 -23.01 30.18
N ILE H 10 -1.98 -22.13 30.63
CA ILE H 10 -2.37 -20.94 29.87
C ILE H 10 -1.95 -19.70 30.63
N VAL H 11 -1.28 -18.79 29.91
CA VAL H 11 -0.82 -17.52 30.45
C VAL H 11 -1.46 -16.40 29.64
N PHE H 12 -2.04 -15.41 30.32
CA PHE H 12 -2.44 -14.16 29.72
C PHE H 12 -1.53 -13.07 30.28
N ASN H 13 -1.07 -12.15 29.44
CA ASN H 13 -0.34 -11.00 29.99
C ASN H 13 -0.62 -9.71 29.22
N ARG H 14 -0.13 -8.62 29.82
CA ARG H 14 -0.04 -7.32 29.19
C ARG H 14 1.38 -6.88 29.44
N TYR H 15 2.05 -6.37 28.41
CA TYR H 15 3.46 -5.95 28.56
C TYR H 15 3.53 -4.54 29.11
N LYS H 16 4.61 -4.25 29.82
CA LYS H 16 4.86 -2.90 30.30
C LYS H 16 4.96 -1.93 29.12
N SER H 17 4.49 -0.70 29.32
CA SER H 17 4.41 0.28 28.24
C SER H 17 5.75 0.83 27.76
N GLN H 18 6.82 0.65 28.56
CA GLN H 18 8.16 1.18 28.24
CA GLN H 18 8.11 1.22 28.16
C GLN H 18 8.95 0.28 27.30
N LEU H 19 8.48 -0.95 27.10
CA LEU H 19 9.14 -1.89 26.20
C LEU H 19 8.83 -1.52 24.76
N SER H 20 9.85 -1.60 23.91
CA SER H 20 9.66 -1.48 22.46
C SER H 20 8.97 -2.75 21.96
N GLN H 21 8.26 -2.64 20.83
CA GLN H 21 7.69 -3.84 20.19
C GLN H 21 8.81 -4.81 19.81
N LYS H 22 9.99 -4.30 19.43
CA LYS H 22 11.17 -5.13 19.16
C LYS H 22 11.54 -6.03 20.35
N GLN H 23 11.55 -5.42 21.53
CA GLN H 23 11.83 -6.14 22.77
C GLN H 23 10.75 -7.16 23.11
N ILE H 24 9.49 -6.78 22.91
CA ILE H 24 8.35 -7.68 23.11
C ILE H 24 8.49 -8.89 22.19
N ASP H 25 8.80 -8.63 20.91
CA ASP H 25 9.03 -9.71 19.93
C ASP H 25 10.11 -10.69 20.37
N GLN H 26 11.20 -10.17 20.96
CA GLN H 26 12.30 -11.01 21.46
C GLN H 26 11.89 -11.88 22.66
N ILE H 27 11.11 -11.30 23.58
CA ILE H 27 10.57 -12.08 24.72
C ILE H 27 9.69 -13.21 24.20
N ILE H 28 8.83 -12.92 23.23
CA ILE H 28 7.93 -13.94 22.66
C ILE H 28 8.74 -15.03 21.93
N ALA H 29 9.77 -14.63 21.19
CA ALA H 29 10.69 -15.58 20.55
C ALA H 29 11.36 -16.50 21.59
N ASP H 30 11.82 -15.91 22.69
CA ASP H 30 12.43 -16.67 23.78
C ASP H 30 11.44 -17.64 24.40
N TYR H 31 10.20 -17.19 24.60
CA TYR H 31 9.14 -18.06 25.08
C TYR H 31 8.93 -19.25 24.12
N GLY H 32 8.90 -18.96 22.82
CA GLY H 32 8.70 -19.98 21.80
C GLY H 32 9.79 -21.05 21.69
N ASN H 33 10.98 -20.73 22.19
CA ASN H 33 12.10 -21.68 22.19
CA ASN H 33 12.13 -21.65 22.23
C ASN H 33 12.13 -22.53 23.48
N LEU H 34 11.30 -22.20 24.47
CA LEU H 34 11.25 -23.01 25.69
C LEU H 34 10.94 -24.49 25.42
N GLN H 35 9.98 -24.75 24.55
CA GLN H 35 9.64 -26.11 24.10
C GLN H 35 10.84 -26.91 23.58
N ASN H 36 11.82 -26.24 22.99
CA ASN H 36 13.02 -26.91 22.44
C ASN H 36 13.99 -27.39 23.51
N ILE H 37 13.91 -26.83 24.72
CA ILE H 37 14.80 -27.20 25.81
C ILE H 37 14.07 -27.88 27.00
N ALA H 38 12.73 -27.93 26.97
CA ALA H 38 11.92 -28.55 28.03
C ALA H 38 11.18 -29.74 27.43
N PRO H 39 11.68 -30.97 27.68
CA PRO H 39 11.04 -32.10 27.00
C PRO H 39 9.57 -32.34 27.41
N GLU H 40 9.17 -31.85 28.59
CA GLU H 40 7.79 -32.01 29.07
C GLU H 40 6.77 -31.20 28.28
N MET H 41 7.17 -30.02 27.78
CA MET H 41 6.26 -29.12 27.08
C MET H 41 6.06 -29.64 25.66
N LYS H 42 4.85 -30.12 25.35
CA LYS H 42 4.62 -30.90 24.11
C LYS H 42 4.12 -30.10 22.94
N GLU H 43 3.35 -29.07 23.21
CA GLU H 43 2.97 -28.13 22.19
C GLU H 43 3.04 -26.77 22.87
N TRP H 44 3.24 -25.74 22.06
CA TRP H 44 3.22 -24.36 22.49
C TRP H 44 2.67 -23.49 21.37
N LYS H 45 1.71 -22.62 21.71
CA LYS H 45 1.17 -21.64 20.76
C LYS H 45 0.90 -20.33 21.48
N TRP H 46 0.69 -19.28 20.71
CA TRP H 46 0.43 -17.97 21.24
C TRP H 46 -0.34 -17.10 20.28
N GLY H 47 -0.81 -15.97 20.78
CA GLY H 47 -1.43 -14.98 19.92
C GLY H 47 -1.81 -13.73 20.66
N THR H 48 -2.26 -12.72 19.91
CA THR H 48 -2.68 -11.46 20.48
C THR H 48 -4.20 -11.37 20.44
N ASP H 49 -4.78 -10.78 21.49
CA ASP H 49 -6.23 -10.59 21.52
C ASP H 49 -6.71 -9.77 20.31
N LEU H 50 -7.83 -10.18 19.75
CA LEU H 50 -8.38 -9.57 18.54
C LEU H 50 -9.00 -8.16 18.70
N GLY H 51 -9.26 -7.75 19.94
CA GLY H 51 -9.74 -6.41 20.23
C GLY H 51 -11.24 -6.30 20.38
N PRO H 52 -11.72 -5.12 20.86
CA PRO H 52 -13.12 -4.92 21.26
C PRO H 52 -14.16 -5.08 20.16
N ALA H 53 -13.77 -4.90 18.90
CA ALA H 53 -14.69 -5.14 17.77
C ALA H 53 -15.06 -6.62 17.60
N VAL H 54 -14.24 -7.51 18.16
CA VAL H 54 -14.54 -8.95 18.16
C VAL H 54 -15.23 -9.34 19.45
N GLU H 55 -14.58 -9.04 20.57
CA GLU H 55 -15.19 -9.17 21.91
C GLU H 55 -14.44 -8.26 22.89
N ASP H 56 -15.17 -7.65 23.83
CA ASP H 56 -14.56 -6.65 24.72
C ASP H 56 -14.47 -7.09 26.19
N ARG H 57 -13.92 -8.28 26.42
CA ARG H 57 -13.79 -8.82 27.78
C ARG H 57 -12.36 -9.21 28.14
N ALA H 58 -11.36 -8.69 27.42
CA ALA H 58 -9.97 -9.00 27.72
C ALA H 58 -9.40 -8.25 28.93
N ASP H 59 -10.10 -7.22 29.40
CA ASP H 59 -9.74 -6.47 30.61
C ASP H 59 -8.25 -6.05 30.64
N GLY H 60 -7.77 -5.55 29.51
CA GLY H 60 -6.41 -5.05 29.37
C GLY H 60 -5.33 -6.07 29.04
N PHE H 61 -5.65 -7.37 29.13
CA PHE H 61 -4.70 -8.41 28.67
C PHE H 61 -4.65 -8.38 27.15
N THR H 62 -3.45 -8.49 26.62
CA THR H 62 -3.21 -8.38 25.18
C THR H 62 -2.71 -9.65 24.51
N HIS H 63 -2.09 -10.56 25.26
CA HIS H 63 -1.45 -11.75 24.69
C HIS H 63 -1.84 -12.98 25.46
N ALA H 64 -1.95 -14.11 24.75
CA ALA H 64 -2.16 -15.42 25.36
C ALA H 64 -1.07 -16.37 24.88
N TYR H 65 -0.70 -17.32 25.73
CA TYR H 65 0.30 -18.36 25.42
C TYR H 65 -0.21 -19.66 26.01
N GLU H 66 -0.16 -20.74 25.24
CA GLU H 66 -0.76 -22.01 25.68
C GLU H 66 0.22 -23.14 25.50
N SER H 67 0.34 -23.99 26.53
CA SER H 67 1.32 -25.08 26.59
C SER H 67 0.57 -26.36 26.98
N THR H 68 0.98 -27.50 26.40
CA THR H 68 0.35 -28.78 26.67
C THR H 68 1.34 -29.72 27.35
N PHE H 69 0.86 -30.42 28.38
CA PHE H 69 1.62 -31.43 29.10
C PHE H 69 0.80 -32.72 29.13
N HIS H 70 1.47 -33.86 29.13
CA HIS H 70 0.78 -35.14 29.03
C HIS H 70 0.58 -35.86 30.35
N SER H 71 0.98 -35.23 31.45
CA SER H 71 0.58 -35.67 32.80
C SER H 71 0.82 -34.57 33.82
N VAL H 72 0.23 -34.74 35.00
CA VAL H 72 0.46 -33.79 36.10
C VAL H 72 1.93 -33.81 36.53
N ALA H 73 2.49 -35.01 36.67
CA ALA H 73 3.91 -35.18 37.02
C ALA H 73 4.83 -34.40 36.06
N ASP H 74 4.57 -34.54 34.76
CA ASP H 74 5.31 -33.81 33.72
C ASP H 74 5.20 -32.30 33.88
N PHE H 75 3.98 -31.80 34.11
CA PHE H 75 3.81 -30.37 34.30
C PHE H 75 4.56 -29.87 35.55
N LEU H 76 4.45 -30.59 36.66
CA LEU H 76 5.12 -30.15 37.90
C LEU H 76 6.64 -30.18 37.76
N ASN H 77 7.17 -31.21 37.10
CA ASN H 77 8.60 -31.30 36.82
C ASN H 77 9.05 -30.11 35.98
N PHE H 78 8.30 -29.82 34.91
CA PHE H 78 8.55 -28.65 34.09
C PHE H 78 8.55 -27.35 34.88
N PHE H 79 7.50 -27.15 35.70
CA PHE H 79 7.25 -25.88 36.37
C PHE H 79 8.43 -25.45 37.24
N TYR H 80 9.03 -26.40 37.94
CA TYR H 80 10.15 -26.12 38.84
C TYR H 80 11.52 -26.47 38.23
N SER H 81 11.57 -26.71 36.92
CA SER H 81 12.83 -27.01 36.22
C SER H 81 13.56 -25.72 35.89
N PRO H 82 14.91 -25.77 35.80
CA PRO H 82 15.67 -24.55 35.47
C PRO H 82 15.23 -23.75 34.23
N PRO H 83 14.94 -24.41 33.08
CA PRO H 83 14.46 -23.66 31.90
C PRO H 83 13.23 -22.79 32.16
N ALA H 84 12.25 -23.35 32.85
CA ALA H 84 11.01 -22.63 33.17
C ALA H 84 11.27 -21.53 34.18
N LEU H 85 12.03 -21.82 35.24
CA LEU H 85 12.30 -20.83 36.29
C LEU H 85 13.15 -19.67 35.74
N GLU H 86 14.09 -19.98 34.87
CA GLU H 86 14.93 -18.94 34.25
C GLU H 86 14.16 -18.10 33.22
N PHE H 87 13.29 -18.73 32.42
CA PHE H 87 12.45 -17.94 31.52
C PHE H 87 11.47 -17.06 32.30
N ALA H 88 10.92 -17.60 33.39
CA ALA H 88 10.07 -16.83 34.31
C ALA H 88 10.72 -15.52 34.76
N LYS H 89 12.02 -15.53 35.00
CA LYS H 89 12.78 -14.33 35.39
C LYS H 89 12.84 -13.28 34.29
N GLU H 90 12.93 -13.72 33.04
CA GLU H 90 12.84 -12.83 31.88
C GLU H 90 11.42 -12.29 31.67
N PHE H 91 10.43 -13.17 31.83
CA PHE H 91 9.06 -12.88 31.41
C PHE H 91 8.27 -12.04 32.40
N PHE H 92 8.20 -12.46 33.66
CA PHE H 92 7.34 -11.80 34.64
C PHE H 92 7.63 -10.30 34.85
N PRO H 93 8.91 -9.90 34.97
CA PRO H 93 9.22 -8.46 35.11
C PRO H 93 8.88 -7.61 33.88
N ALA H 94 8.68 -8.23 32.72
CA ALA H 94 8.18 -7.54 31.52
C ALA H 94 6.65 -7.33 31.51
N CYS H 95 5.93 -7.93 32.46
CA CYS H 95 4.48 -7.85 32.48
C CYS H 95 3.96 -6.69 33.33
N GLU H 96 3.03 -5.92 32.77
CA GLU H 96 2.21 -5.01 33.55
CA GLU H 96 2.21 -5.01 33.58
C GLU H 96 1.22 -5.85 34.38
N LYS H 97 0.61 -6.84 33.72
CA LYS H 97 -0.38 -7.74 34.31
C LYS H 97 -0.08 -9.17 33.84
N ILE H 98 -0.32 -10.15 34.71
CA ILE H 98 -0.23 -11.56 34.32
C ILE H 98 -1.26 -12.41 35.10
N VAL H 99 -1.83 -13.40 34.42
CA VAL H 99 -2.65 -14.41 35.08
C VAL H 99 -2.26 -15.73 34.43
N VAL H 100 -2.15 -16.77 35.24
CA VAL H 100 -1.74 -18.10 34.80
C VAL H 100 -2.75 -19.10 35.36
N LEU H 101 -3.35 -19.91 34.49
CA LEU H 101 -4.25 -20.97 34.93
C LEU H 101 -3.73 -22.30 34.38
N ASN H 102 -3.55 -23.26 35.28
CA ASN H 102 -3.09 -24.61 34.96
C ASN H 102 -4.21 -25.58 35.29
N TYR H 103 -4.60 -26.45 34.36
CA TYR H 103 -5.74 -27.34 34.60
CA TYR H 103 -5.73 -27.35 34.59
C TYR H 103 -5.66 -28.66 33.82
N ILE H 104 -6.18 -29.71 34.45
CA ILE H 104 -6.36 -30.99 33.84
C ILE H 104 -7.62 -30.88 32.97
N ILE H 105 -7.49 -31.22 31.69
CA ILE H 105 -8.60 -31.11 30.74
C ILE H 105 -9.79 -32.01 31.10
N ASN H 106 -10.98 -31.41 31.00
CA ASN H 106 -12.28 -32.11 30.93
C ASN H 106 -12.93 -31.78 29.58
N GLU H 107 -13.64 -32.76 29.02
CA GLU H 107 -14.42 -32.55 27.79
C GLU H 107 -15.89 -32.88 28.03
N PRO I 4 -21.05 4.74 22.94
CA PRO I 4 -21.30 4.40 21.53
C PRO I 4 -20.01 4.36 20.68
N GLU I 5 -19.65 3.16 20.21
CA GLU I 5 -18.47 2.97 19.38
C GLU I 5 -18.78 3.33 17.92
N ILE I 6 -18.32 4.49 17.48
CA ILE I 6 -18.49 4.92 16.09
C ILE I 6 -17.29 4.44 15.28
N VAL I 7 -17.55 3.77 14.15
CA VAL I 7 -16.50 3.18 13.32
C VAL I 7 -16.35 3.96 12.01
N ARG I 8 -15.12 4.32 11.67
CA ARG I 8 -14.80 4.93 10.39
C ARG I 8 -14.21 3.87 9.50
N HIS I 9 -14.64 3.89 8.24
CA HIS I 9 -14.23 2.94 7.24
C HIS I 9 -13.61 3.77 6.12
N ILE I 10 -12.29 3.70 5.99
CA ILE I 10 -11.53 4.53 5.04
C ILE I 10 -10.82 3.64 4.03
N VAL I 11 -11.00 3.96 2.74
CA VAL I 11 -10.39 3.24 1.63
C VAL I 11 -9.59 4.23 0.77
N PHE I 12 -8.34 3.89 0.49
CA PHE I 12 -7.55 4.57 -0.54
C PHE I 12 -7.35 3.60 -1.69
N ASN I 13 -7.45 4.06 -2.93
CA ASN I 13 -7.08 3.20 -4.06
C ASN I 13 -6.37 3.98 -5.18
N ARG I 14 -5.80 3.21 -6.10
CA ARG I 14 -5.32 3.68 -7.39
C ARG I 14 -5.97 2.76 -8.41
N TYR I 15 -6.60 3.34 -9.43
CA TYR I 15 -7.25 2.53 -10.47
C TYR I 15 -6.27 2.01 -11.51
N LYS I 16 -6.60 0.86 -12.10
CA LYS I 16 -5.78 0.28 -13.16
C LYS I 16 -5.85 1.16 -14.41
N SER I 17 -4.73 1.26 -15.12
CA SER I 17 -4.59 2.11 -16.31
C SER I 17 -5.51 1.73 -17.47
N GLN I 18 -5.98 0.47 -17.49
CA GLN I 18 -6.88 -0.01 -18.55
C GLN I 18 -8.30 0.56 -18.46
N LEU I 19 -8.69 1.12 -17.31
CA LEU I 19 -9.97 1.81 -17.19
C LEU I 19 -9.93 3.22 -17.77
N SER I 20 -11.07 3.65 -18.31
CA SER I 20 -11.29 5.02 -18.72
C SER I 20 -11.83 5.81 -17.55
N GLN I 21 -11.82 7.14 -17.66
CA GLN I 21 -12.41 7.99 -16.63
C GLN I 21 -13.92 7.80 -16.54
N LYS I 22 -14.59 7.66 -17.68
CA LYS I 22 -16.04 7.40 -17.73
C LYS I 22 -16.41 6.18 -16.87
N GLN I 23 -15.63 5.11 -17.01
CA GLN I 23 -15.80 3.90 -16.23
C GLN I 23 -15.50 4.11 -14.74
N ILE I 24 -14.45 4.87 -14.44
CA ILE I 24 -14.12 5.23 -13.06
C ILE I 24 -15.26 6.04 -12.44
N ASP I 25 -15.82 6.98 -13.19
CA ASP I 25 -16.95 7.78 -12.69
C ASP I 25 -18.15 6.92 -12.28
N GLN I 26 -18.40 5.83 -13.03
CA GLN I 26 -19.50 4.91 -12.72
C GLN I 26 -19.18 4.03 -11.52
N ILE I 27 -17.96 3.50 -11.42
CA ILE I 27 -17.52 2.73 -10.24
C ILE I 27 -17.69 3.55 -8.96
N ILE I 28 -17.35 4.84 -9.04
CA ILE I 28 -17.52 5.78 -7.92
C ILE I 28 -19.02 6.07 -7.66
N ALA I 29 -19.76 6.34 -8.73
CA ALA I 29 -21.22 6.55 -8.63
C ALA I 29 -21.93 5.35 -7.97
N ASP I 30 -21.55 4.14 -8.39
CA ASP I 30 -22.05 2.89 -7.79
C ASP I 30 -21.77 2.84 -6.29
N TYR I 31 -20.51 3.11 -5.93
CA TYR I 31 -20.07 3.14 -4.53
C TYR I 31 -20.92 4.13 -3.72
N GLY I 32 -21.18 5.30 -4.28
CA GLY I 32 -22.04 6.29 -3.63
C GLY I 32 -23.50 5.94 -3.52
N ASN I 33 -23.95 4.96 -4.30
CA ASN I 33 -25.32 4.39 -4.20
C ASN I 33 -25.43 3.19 -3.25
N LEU I 34 -24.30 2.56 -2.92
CA LEU I 34 -24.27 1.44 -1.97
C LEU I 34 -24.94 1.72 -0.62
N GLN I 35 -24.89 2.98 -0.18
CA GLN I 35 -25.64 3.46 0.99
C GLN I 35 -27.17 3.39 0.87
N ASN I 36 -27.69 3.39 -0.36
CA ASN I 36 -29.13 3.26 -0.60
C ASN I 36 -29.61 1.83 -0.26
N ILE I 37 -28.80 0.83 -0.61
CA ILE I 37 -29.01 -0.57 -0.20
C ILE I 37 -28.79 -0.75 1.31
N ALA I 38 -27.72 -0.15 1.83
CA ALA I 38 -27.28 -0.38 3.20
C ALA I 38 -27.54 0.84 4.08
N PRO I 39 -28.58 0.79 4.94
CA PRO I 39 -28.79 1.91 5.85
C PRO I 39 -27.72 2.03 6.96
N GLU I 40 -26.94 0.98 7.20
CA GLU I 40 -25.83 1.01 8.18
C GLU I 40 -24.76 2.05 7.82
N MET I 41 -24.45 2.16 6.52
CA MET I 41 -23.42 3.08 6.03
C MET I 41 -23.90 4.53 6.01
N LYS I 42 -23.25 5.40 6.79
CA LYS I 42 -23.61 6.81 6.92
C LYS I 42 -22.51 7.72 6.41
N GLU I 43 -22.91 8.93 6.02
CA GLU I 43 -21.99 10.02 5.69
C GLU I 43 -20.91 9.65 4.66
N TRP I 44 -21.30 8.88 3.65
CA TRP I 44 -20.38 8.44 2.60
C TRP I 44 -19.89 9.63 1.79
N LYS I 45 -18.58 9.74 1.62
CA LYS I 45 -17.93 10.80 0.83
C LYS I 45 -16.74 10.23 0.10
N TRP I 46 -16.28 10.95 -0.92
CA TRP I 46 -15.08 10.56 -1.65
C TRP I 46 -14.33 11.78 -2.17
N GLY I 47 -13.13 11.55 -2.68
CA GLY I 47 -12.37 12.62 -3.32
C GLY I 47 -11.10 12.15 -3.97
N THR I 48 -10.46 13.03 -4.73
CA THR I 48 -9.18 12.72 -5.36
C THR I 48 -8.07 13.50 -4.67
N ASP I 49 -6.92 12.87 -4.55
CA ASP I 49 -5.78 13.48 -3.88
C ASP I 49 -5.33 14.73 -4.65
N LEU I 50 -4.98 15.77 -3.89
CA LEU I 50 -4.62 17.06 -4.46
C LEU I 50 -3.22 17.15 -5.08
N GLY I 51 -2.41 16.10 -4.98
CA GLY I 51 -1.12 16.04 -5.63
C GLY I 51 -0.03 16.77 -4.85
N PRO I 52 1.14 16.99 -5.47
CA PRO I 52 2.30 17.52 -4.74
C PRO I 52 2.31 19.03 -4.33
N ALA I 53 1.15 19.70 -4.25
CA ALA I 53 1.07 21.06 -3.69
C ALA I 53 1.62 21.13 -2.27
N VAL I 54 1.34 20.07 -1.50
CA VAL I 54 2.08 19.78 -0.27
C VAL I 54 2.90 18.51 -0.56
N GLU I 55 3.91 18.23 0.26
CA GLU I 55 4.75 17.03 0.05
C GLU I 55 3.92 15.80 -0.34
N ASP I 56 4.27 15.18 -1.46
CA ASP I 56 3.56 14.01 -1.95
C ASP I 56 3.89 12.79 -1.09
N ARG I 57 2.98 12.46 -0.18
CA ARG I 57 3.06 11.24 0.62
CA ARG I 57 3.05 11.25 0.64
C ARG I 57 1.92 10.28 0.28
N ALA I 58 1.27 10.50 -0.87
CA ALA I 58 0.18 9.64 -1.31
C ALA I 58 0.64 8.28 -1.88
N ASP I 59 1.93 8.17 -2.21
CA ASP I 59 2.53 6.90 -2.62
C ASP I 59 1.79 6.23 -3.79
N GLY I 60 1.33 7.03 -4.75
CA GLY I 60 0.57 6.55 -5.91
C GLY I 60 -0.92 6.34 -5.74
N PHE I 61 -1.44 6.41 -4.52
CA PHE I 61 -2.87 6.35 -4.30
C PHE I 61 -3.48 7.67 -4.78
N THR I 62 -4.60 7.56 -5.51
CA THR I 62 -5.24 8.73 -6.15
C THR I 62 -6.60 9.11 -5.59
N HIS I 63 -7.33 8.15 -5.00
CA HIS I 63 -8.69 8.37 -4.50
C HIS I 63 -8.85 7.91 -3.06
N ALA I 64 -9.70 8.60 -2.33
CA ALA I 64 -10.09 8.24 -0.97
C ALA I 64 -11.61 8.16 -0.88
N TYR I 65 -12.10 7.24 -0.05
CA TYR I 65 -13.54 7.08 0.18
C TYR I 65 -13.73 6.86 1.67
N GLU I 66 -14.73 7.50 2.24
CA GLU I 66 -14.92 7.50 3.70
C GLU I 66 -16.37 7.30 4.05
N SER I 67 -16.61 6.56 5.13
CA SER I 67 -17.96 6.37 5.64
C SER I 67 -17.92 6.09 7.11
N THR I 68 -19.08 6.23 7.75
CA THR I 68 -19.24 6.14 9.19
C THR I 68 -20.33 5.12 9.52
N PHE I 69 -20.07 4.34 10.58
CA PHE I 69 -21.02 3.37 11.13
C PHE I 69 -21.23 3.68 12.60
N HIS I 70 -22.48 3.66 13.05
CA HIS I 70 -22.83 4.11 14.40
C HIS I 70 -22.66 3.03 15.48
N SER I 71 -22.24 1.83 15.10
CA SER I 71 -21.88 0.79 16.05
C SER I 71 -20.98 -0.23 15.38
N VAL I 72 -20.25 -0.98 16.19
CA VAL I 72 -19.49 -2.13 15.70
C VAL I 72 -20.41 -3.15 14.96
N ALA I 73 -21.59 -3.44 15.53
CA ALA I 73 -22.51 -4.43 14.94
C ALA I 73 -22.97 -4.01 13.52
N ASP I 74 -23.33 -2.73 13.36
CA ASP I 74 -23.67 -2.15 12.06
C ASP I 74 -22.56 -2.32 11.02
N PHE I 75 -21.32 -2.09 11.46
CA PHE I 75 -20.16 -2.20 10.60
C PHE I 75 -19.91 -3.65 10.18
N LEU I 76 -19.95 -4.58 11.14
CA LEU I 76 -19.73 -6.00 10.84
C LEU I 76 -20.83 -6.60 9.96
N ASN I 77 -22.08 -6.19 10.23
CA ASN I 77 -23.22 -6.59 9.41
C ASN I 77 -23.03 -6.17 7.96
N PHE I 78 -22.66 -4.89 7.79
CA PHE I 78 -22.37 -4.34 6.47
C PHE I 78 -21.23 -5.11 5.78
N PHE I 79 -20.06 -5.18 6.43
CA PHE I 79 -18.89 -5.80 5.78
C PHE I 79 -19.14 -7.23 5.32
N TYR I 80 -19.75 -8.05 6.16
CA TYR I 80 -19.99 -9.46 5.86
C TYR I 80 -21.27 -9.72 5.02
N SER I 81 -21.99 -8.65 4.63
CA SER I 81 -23.16 -8.79 3.75
CA SER I 81 -23.16 -8.78 3.74
C SER I 81 -22.75 -9.07 2.30
N PRO I 82 -23.64 -9.73 1.52
CA PRO I 82 -23.25 -9.97 0.11
C PRO I 82 -23.03 -8.73 -0.79
N PRO I 83 -23.82 -7.64 -0.62
CA PRO I 83 -23.54 -6.40 -1.38
C PRO I 83 -22.10 -5.86 -1.19
N ALA I 84 -21.63 -5.84 0.06
CA ALA I 84 -20.29 -5.35 0.36
C ALA I 84 -19.22 -6.38 -0.06
N LEU I 85 -19.52 -7.66 0.11
CA LEU I 85 -18.61 -8.73 -0.38
C LEU I 85 -18.44 -8.69 -1.88
N GLU I 86 -19.56 -8.49 -2.59
CA GLU I 86 -19.55 -8.51 -4.06
C GLU I 86 -18.96 -7.22 -4.63
N PHE I 87 -19.35 -6.08 -4.08
CA PHE I 87 -18.69 -4.80 -4.41
C PHE I 87 -17.18 -4.94 -4.25
N ALA I 88 -16.74 -5.50 -3.12
CA ALA I 88 -15.31 -5.67 -2.83
C ALA I 88 -14.56 -6.55 -3.83
N LYS I 89 -15.23 -7.58 -4.37
CA LYS I 89 -14.64 -8.42 -5.43
C LYS I 89 -14.83 -7.86 -6.85
N GLU I 90 -15.82 -6.96 -7.02
CA GLU I 90 -15.97 -6.17 -8.28
C GLU I 90 -15.05 -4.93 -8.31
N PHE I 91 -14.79 -4.34 -7.15
CA PHE I 91 -13.96 -3.15 -7.02
C PHE I 91 -12.47 -3.50 -7.05
N PHE I 92 -12.08 -4.58 -6.39
CA PHE I 92 -10.67 -5.01 -6.33
C PHE I 92 -9.96 -5.19 -7.69
N PRO I 93 -10.63 -5.83 -8.68
CA PRO I 93 -10.00 -5.96 -10.01
C PRO I 93 -9.83 -4.64 -10.78
N ALA I 94 -10.62 -3.61 -10.42
CA ALA I 94 -10.43 -2.25 -10.93
C ALA I 94 -9.22 -1.51 -10.31
N CYS I 95 -8.66 -2.02 -9.20
CA CYS I 95 -7.60 -1.35 -8.45
C CYS I 95 -6.21 -1.86 -8.82
N GLU I 96 -5.27 -0.96 -9.09
CA GLU I 96 -3.85 -1.30 -9.14
C GLU I 96 -3.31 -1.57 -7.73
N LYS I 97 -3.74 -0.72 -6.78
CA LYS I 97 -3.50 -0.94 -5.35
C LYS I 97 -4.69 -0.45 -4.53
N ILE I 98 -4.83 -1.01 -3.33
CA ILE I 98 -5.87 -0.61 -2.38
C ILE I 98 -5.33 -0.78 -0.96
N VAL I 99 -5.76 0.09 -0.07
CA VAL I 99 -5.55 -0.09 1.36
C VAL I 99 -6.82 0.35 2.07
N VAL I 100 -7.23 -0.42 3.08
CA VAL I 100 -8.47 -0.16 3.81
C VAL I 100 -8.16 -0.19 5.30
N LEU I 101 -8.59 0.85 6.02
CA LEU I 101 -8.48 0.91 7.48
C LEU I 101 -9.83 1.19 8.09
N ASN I 102 -10.16 0.42 9.11
CA ASN I 102 -11.40 0.56 9.84
C ASN I 102 -11.01 0.80 11.27
N TYR I 103 -11.56 1.82 11.90
CA TYR I 103 -11.22 2.15 13.29
C TYR I 103 -12.38 2.70 14.09
N ILE I 104 -12.39 2.35 15.37
CA ILE I 104 -13.28 2.98 16.32
C ILE I 104 -12.72 4.37 16.63
N ILE I 105 -13.56 5.40 16.53
CA ILE I 105 -13.13 6.79 16.69
C ILE I 105 -12.64 7.08 18.10
N ASN I 106 -11.53 7.82 18.17
CA ASN I 106 -11.09 8.58 19.35
C ASN I 106 -11.08 10.07 18.97
N GLU I 107 -11.61 10.91 19.86
CA GLU I 107 -11.70 12.36 19.62
C GLU I 107 -10.91 13.17 20.66
N GLU J 5 -15.45 24.43 -0.39
CA GLU J 5 -14.51 23.29 -0.66
C GLU J 5 -13.77 22.85 0.61
N ILE J 6 -14.43 21.98 1.38
CA ILE J 6 -13.84 21.40 2.59
C ILE J 6 -12.79 20.36 2.16
N VAL J 7 -11.64 20.39 2.82
CA VAL J 7 -10.51 19.51 2.49
C VAL J 7 -10.30 18.54 3.64
N ARG J 8 -10.21 17.25 3.33
CA ARG J 8 -9.89 16.23 4.31
C ARG J 8 -8.42 15.82 4.16
N HIS J 9 -7.73 15.65 5.29
CA HIS J 9 -6.35 15.20 5.36
C HIS J 9 -6.38 13.92 6.17
N ILE J 10 -6.14 12.78 5.51
CA ILE J 10 -6.12 11.50 6.19
C ILE J 10 -4.74 10.86 6.10
N VAL J 11 -4.24 10.46 7.26
CA VAL J 11 -2.95 9.80 7.41
C VAL J 11 -3.17 8.36 7.88
N PHE J 12 -2.54 7.38 7.21
CA PHE J 12 -2.36 6.03 7.77
C PHE J 12 -0.88 5.86 8.10
N ASN J 13 -0.59 5.27 9.26
CA ASN J 13 0.78 4.88 9.55
C ASN J 13 0.91 3.56 10.30
N ARG J 14 2.14 3.08 10.33
CA ARG J 14 2.60 2.02 11.20
C ARG J 14 3.85 2.57 11.87
N TYR J 15 3.98 2.41 13.19
CA TYR J 15 5.15 2.92 13.92
C TYR J 15 6.33 1.95 13.87
N LYS J 16 7.53 2.50 13.96
CA LYS J 16 8.75 1.70 13.99
C LYS J 16 8.80 0.82 15.24
N SER J 17 9.35 -0.37 15.09
CA SER J 17 9.38 -1.36 16.17
C SER J 17 10.22 -0.94 17.38
N GLN J 18 11.19 -0.02 17.21
CA GLN J 18 11.99 0.46 18.34
C GLN J 18 11.28 1.40 19.31
N LEU J 19 10.12 1.96 18.90
CA LEU J 19 9.33 2.79 19.80
C LEU J 19 8.53 1.91 20.78
N SER J 20 8.41 2.39 22.00
CA SER J 20 7.55 1.81 23.01
C SER J 20 6.13 2.34 22.82
N GLN J 21 5.13 1.67 23.40
CA GLN J 21 3.77 2.20 23.39
C GLN J 21 3.69 3.55 24.10
N LYS J 22 4.49 3.73 25.15
CA LYS J 22 4.54 5.01 25.87
C LYS J 22 4.98 6.14 24.93
N GLN J 23 5.95 5.86 24.08
CA GLN J 23 6.41 6.83 23.08
C GLN J 23 5.37 7.10 22.01
N ILE J 24 4.69 6.04 21.57
CA ILE J 24 3.59 6.17 20.61
C ILE J 24 2.47 7.01 21.20
N ASP J 25 2.09 6.73 22.44
CA ASP J 25 1.06 7.49 23.13
C ASP J 25 1.38 8.99 23.17
N GLN J 26 2.64 9.31 23.44
CA GLN J 26 3.09 10.72 23.48
C GLN J 26 2.94 11.42 22.12
N ILE J 27 3.35 10.73 21.04
CA ILE J 27 3.23 11.26 19.69
C ILE J 27 1.77 11.54 19.33
N ILE J 28 0.88 10.58 19.65
CA ILE J 28 -0.54 10.72 19.37
C ILE J 28 -1.14 11.87 20.20
N ALA J 29 -0.75 11.94 21.47
CA ALA J 29 -1.18 13.06 22.32
C ALA J 29 -0.73 14.42 21.73
N ASP J 30 0.52 14.50 21.26
CA ASP J 30 1.02 15.73 20.62
C ASP J 30 0.28 16.05 19.32
N TYR J 31 -0.07 15.01 18.56
CA TYR J 31 -0.86 15.17 17.34
C TYR J 31 -2.21 15.77 17.68
N GLY J 32 -2.83 15.24 18.74
CA GLY J 32 -4.13 15.74 19.23
C GLY J 32 -4.18 17.20 19.64
N ASN J 33 -3.05 17.74 20.08
CA ASN J 33 -2.97 19.16 20.49
C ASN J 33 -2.80 20.15 19.34
N LEU J 34 -2.60 19.65 18.13
CA LEU J 34 -2.27 20.48 17.00
C LEU J 34 -3.49 21.29 16.57
N GLN J 35 -4.68 20.67 16.61
CA GLN J 35 -5.94 21.39 16.36
C GLN J 35 -6.16 22.61 17.28
N ASN J 36 -5.56 22.56 18.46
CA ASN J 36 -5.68 23.64 19.46
C ASN J 36 -4.79 24.85 19.20
N ILE J 37 -3.56 24.63 18.73
CA ILE J 37 -2.66 25.74 18.37
C ILE J 37 -2.69 26.11 16.88
N ALA J 38 -3.31 25.25 16.06
CA ALA J 38 -3.60 25.56 14.66
C ALA J 38 -5.11 25.75 14.45
N PRO J 39 -5.57 27.01 14.31
CA PRO J 39 -7.00 27.26 14.10
C PRO J 39 -7.56 26.84 12.73
N GLU J 40 -6.68 26.60 11.75
CA GLU J 40 -7.10 26.09 10.44
C GLU J 40 -7.65 24.66 10.52
N MET J 41 -7.19 23.90 11.50
CA MET J 41 -7.50 22.48 11.64
C MET J 41 -8.62 22.21 12.64
N LYS J 42 -9.61 21.42 12.23
CA LYS J 42 -10.65 20.94 13.16
C LYS J 42 -10.94 19.47 12.99
N GLU J 43 -11.90 19.03 13.79
CA GLU J 43 -12.52 17.72 13.65
C GLU J 43 -11.47 16.62 13.66
N TRP J 44 -10.40 16.84 14.41
CA TRP J 44 -9.34 15.88 14.46
C TRP J 44 -9.85 14.62 15.13
N LYS J 45 -9.57 13.47 14.53
CA LYS J 45 -9.88 12.19 15.15
C LYS J 45 -8.87 11.15 14.71
N TRP J 46 -8.83 10.05 15.46
CA TRP J 46 -7.90 8.96 15.16
C TRP J 46 -8.36 7.63 15.75
N GLY J 47 -7.76 6.56 15.26
CA GLY J 47 -7.94 5.28 15.90
C GLY J 47 -7.05 4.22 15.34
N THR J 48 -7.16 3.02 15.90
CA THR J 48 -6.37 1.88 15.49
C THR J 48 -7.21 0.97 14.60
N ASP J 49 -6.57 0.39 13.59
CA ASP J 49 -7.25 -0.54 12.69
C ASP J 49 -7.76 -1.78 13.45
N LEU J 50 -8.92 -2.27 13.04
CA LEU J 50 -9.55 -3.44 13.66
C LEU J 50 -8.91 -4.80 13.32
N GLY J 51 -8.02 -4.83 12.34
CA GLY J 51 -7.30 -6.04 11.97
C GLY J 51 -8.24 -7.06 11.34
N PRO J 52 -7.99 -8.36 11.58
CA PRO J 52 -8.82 -9.44 11.01
C PRO J 52 -10.26 -9.64 11.55
N ALA J 53 -10.80 -8.71 12.34
CA ALA J 53 -12.26 -8.66 12.62
C ALA J 53 -13.06 -8.70 11.31
N VAL J 54 -12.48 -8.08 10.30
CA VAL J 54 -13.02 -7.97 8.96
C VAL J 54 -11.84 -8.40 8.07
N GLU J 55 -12.06 -8.72 6.80
CA GLU J 55 -10.95 -9.10 5.93
C GLU J 55 -9.84 -8.04 6.02
N ASP J 56 -8.64 -8.46 6.37
CA ASP J 56 -7.53 -7.54 6.67
C ASP J 56 -6.91 -7.02 5.38
N ARG J 57 -7.27 -5.79 5.02
CA ARG J 57 -6.70 -5.09 3.85
C ARG J 57 -5.95 -3.81 4.25
N ALA J 58 -5.49 -3.76 5.50
CA ALA J 58 -4.76 -2.60 6.00
C ALA J 58 -3.26 -2.62 5.65
N ASP J 59 -2.77 -3.73 5.08
CA ASP J 59 -1.39 -3.84 4.58
C ASP J 59 -0.32 -3.47 5.63
N GLY J 60 -0.57 -3.81 6.89
CA GLY J 60 0.35 -3.50 7.99
C GLY J 60 0.21 -2.11 8.62
N PHE J 61 -0.58 -1.20 8.01
CA PHE J 61 -0.91 0.07 8.67
C PHE J 61 -1.78 -0.20 9.89
N THR J 62 -1.44 0.45 11.00
CA THR J 62 -2.08 0.18 12.29
C THR J 62 -2.95 1.30 12.80
N HIS J 63 -2.71 2.53 12.33
CA HIS J 63 -3.37 3.73 12.84
C HIS J 63 -3.86 4.60 11.69
N ALA J 64 -4.97 5.30 11.94
CA ALA J 64 -5.47 6.33 11.04
C ALA J 64 -5.76 7.61 11.83
N TYR J 65 -5.55 8.75 11.17
CA TYR J 65 -5.79 10.07 11.76
C TYR J 65 -6.41 10.97 10.70
N GLU J 66 -7.51 11.64 11.05
CA GLU J 66 -8.19 12.52 10.10
C GLU J 66 -8.20 13.94 10.61
N SER J 67 -7.93 14.89 9.71
CA SER J 67 -8.00 16.33 9.97
C SER J 67 -8.89 16.98 8.91
N THR J 68 -9.65 18.00 9.30
CA THR J 68 -10.55 18.71 8.37
C THR J 68 -10.18 20.18 8.31
N PHE J 69 -10.21 20.72 7.09
CA PHE J 69 -9.91 22.13 6.81
C PHE J 69 -11.06 22.69 5.97
N HIS J 70 -11.46 23.94 6.21
CA HIS J 70 -12.63 24.49 5.52
C HIS J 70 -12.32 25.20 4.20
N SER J 71 -11.05 25.19 3.81
CA SER J 71 -10.65 25.65 2.48
C SER J 71 -9.31 25.08 2.08
N VAL J 72 -9.05 25.09 0.78
CA VAL J 72 -7.74 24.79 0.22
C VAL J 72 -6.69 25.75 0.81
N ALA J 73 -7.05 27.02 0.93
CA ALA J 73 -6.17 28.04 1.51
C ALA J 73 -5.78 27.73 2.96
N ASP J 74 -6.75 27.39 3.80
CA ASP J 74 -6.51 27.03 5.21
C ASP J 74 -5.57 25.82 5.32
N PHE J 75 -5.88 24.83 4.50
CA PHE J 75 -5.07 23.61 4.37
C PHE J 75 -3.60 23.95 4.10
N LEU J 76 -3.34 24.78 3.09
CA LEU J 76 -1.95 25.18 2.76
C LEU J 76 -1.28 25.98 3.87
N ASN J 77 -2.00 26.97 4.40
CA ASN J 77 -1.51 27.75 5.54
C ASN J 77 -1.09 26.85 6.70
N PHE J 78 -1.91 25.87 7.04
CA PHE J 78 -1.57 24.91 8.09
C PHE J 78 -0.29 24.12 7.79
N PHE J 79 -0.20 23.55 6.60
CA PHE J 79 0.90 22.64 6.33
CA PHE J 79 0.91 22.64 6.22
C PHE J 79 2.26 23.34 6.26
N TYR J 80 2.27 24.60 5.81
CA TYR J 80 3.50 25.38 5.81
C TYR J 80 3.72 26.21 7.09
N SER J 81 2.88 26.05 8.12
CA SER J 81 2.99 26.78 9.41
CA SER J 81 3.07 26.83 9.36
C SER J 81 4.02 26.13 10.35
N PRO J 82 4.62 26.92 11.27
CA PRO J 82 5.62 26.33 12.20
C PRO J 82 5.17 25.16 13.09
N PRO J 83 3.96 25.21 13.68
CA PRO J 83 3.57 24.05 14.51
C PRO J 83 3.44 22.75 13.72
N ALA J 84 2.88 22.84 12.51
CA ALA J 84 2.77 21.67 11.62
C ALA J 84 4.14 21.16 11.18
N LEU J 85 5.02 22.09 10.80
CA LEU J 85 6.39 21.74 10.42
C LEU J 85 7.16 21.08 11.55
N GLU J 86 7.02 21.62 12.76
CA GLU J 86 7.65 21.05 13.96
C GLU J 86 7.12 19.65 14.25
N PHE J 87 5.79 19.47 14.20
CA PHE J 87 5.21 18.15 14.51
C PHE J 87 5.62 17.10 13.47
N ALA J 88 5.63 17.48 12.20
CA ALA J 88 6.09 16.61 11.10
C ALA J 88 7.46 15.98 11.36
N LYS J 89 8.38 16.77 11.93
CA LYS J 89 9.73 16.27 12.31
C LYS J 89 9.73 15.22 13.41
N GLU J 90 8.69 15.21 14.23
CA GLU J 90 8.47 14.23 15.29
C GLU J 90 7.73 13.00 14.74
N PHE J 91 6.72 13.25 13.92
CA PHE J 91 5.80 12.20 13.49
C PHE J 91 6.34 11.31 12.39
N PHE J 92 6.76 11.88 11.27
CA PHE J 92 7.09 11.09 10.08
C PHE J 92 8.29 10.13 10.27
N PRO J 93 9.37 10.59 10.92
CA PRO J 93 10.49 9.69 11.22
C PRO J 93 10.16 8.49 12.13
N ALA J 94 9.12 8.62 12.94
CA ALA J 94 8.61 7.52 13.75
C ALA J 94 7.82 6.46 12.97
N CYS J 95 7.55 6.69 11.68
CA CYS J 95 6.74 5.79 10.88
C CYS J 95 7.58 4.76 10.16
N GLU J 96 7.25 3.49 10.36
CA GLU J 96 7.74 2.42 9.51
C GLU J 96 7.10 2.53 8.13
N LYS J 97 5.80 2.81 8.09
CA LYS J 97 5.02 2.99 6.86
C LYS J 97 4.17 4.25 6.98
N ILE J 98 3.92 4.92 5.85
CA ILE J 98 3.13 6.16 5.82
C ILE J 98 2.39 6.30 4.48
N VAL J 99 1.13 6.69 4.54
CA VAL J 99 0.40 7.20 3.39
C VAL J 99 -0.49 8.34 3.85
N VAL J 100 -0.50 9.41 3.06
CA VAL J 100 -1.30 10.60 3.34
C VAL J 100 -2.03 11.01 2.09
N LEU J 101 -3.36 11.15 2.16
CA LEU J 101 -4.14 11.72 1.07
C LEU J 101 -4.84 12.98 1.53
N ASN J 102 -4.82 13.99 0.66
CA ASN J 102 -5.49 15.27 0.90
C ASN J 102 -6.48 15.45 -0.22
N TYR J 103 -7.76 15.68 0.11
CA TYR J 103 -8.77 15.77 -0.93
C TYR J 103 -9.94 16.68 -0.59
N ILE J 104 -10.48 17.30 -1.63
CA ILE J 104 -11.72 18.06 -1.52
C ILE J 104 -12.86 17.03 -1.46
N ILE J 105 -13.72 17.22 -0.47
CA ILE J 105 -14.81 16.29 -0.19
C ILE J 105 -15.90 16.39 -1.25
N ASN J 106 -16.35 15.25 -1.74
CA ASN J 106 -17.48 15.15 -2.68
C ASN J 106 -18.59 14.28 -2.10
N GLU J 107 -19.83 14.69 -2.34
CA GLU J 107 -21.02 13.96 -1.89
C GLU J 107 -21.34 12.79 -2.83
N PRO K 4 19.92 32.41 -32.25
CA PRO K 4 19.13 33.42 -32.95
C PRO K 4 17.63 33.41 -32.57
N GLU K 5 16.71 33.07 -33.49
CA GLU K 5 15.26 33.13 -33.26
C GLU K 5 14.67 31.74 -32.96
N ILE K 6 13.70 31.70 -32.04
CA ILE K 6 13.09 30.48 -31.54
C ILE K 6 11.55 30.64 -31.57
N VAL K 7 10.84 29.63 -32.07
CA VAL K 7 9.37 29.60 -32.07
C VAL K 7 8.92 28.52 -31.09
N ARG K 8 8.01 28.86 -30.18
CA ARG K 8 7.43 27.89 -29.27
C ARG K 8 6.03 27.52 -29.73
N HIS K 9 5.71 26.24 -29.64
CA HIS K 9 4.42 25.67 -29.98
C HIS K 9 3.92 25.05 -28.69
N ILE K 10 2.90 25.63 -28.06
CA ILE K 10 2.33 25.07 -26.83
C ILE K 10 0.89 24.66 -27.06
N VAL K 11 0.59 23.42 -26.68
CA VAL K 11 -0.73 22.83 -26.77
C VAL K 11 -1.22 22.59 -25.35
N PHE K 12 -2.46 23.02 -25.06
CA PHE K 12 -3.19 22.52 -23.89
C PHE K 12 -4.34 21.66 -24.42
N ASN K 13 -4.60 20.53 -23.78
CA ASN K 13 -5.82 19.77 -24.11
C ASN K 13 -6.46 19.14 -22.90
N ARG K 14 -7.63 18.56 -23.16
CA ARG K 14 -8.32 17.70 -22.24
C ARG K 14 -8.76 16.51 -23.09
N TYR K 15 -8.59 15.30 -22.55
CA TYR K 15 -8.93 14.06 -23.25
C TYR K 15 -10.39 13.71 -23.04
N LYS K 16 -10.97 13.01 -24.03
CA LYS K 16 -12.33 12.50 -23.87
C LYS K 16 -12.37 11.46 -22.76
N SER K 17 -13.50 11.42 -22.05
CA SER K 17 -13.65 10.56 -20.88
C SER K 17 -13.61 9.05 -21.18
N GLN K 18 -13.89 8.66 -22.43
CA GLN K 18 -13.94 7.23 -22.79
C GLN K 18 -12.59 6.58 -23.06
N LEU K 19 -11.51 7.38 -23.12
CA LEU K 19 -10.19 6.82 -23.34
C LEU K 19 -9.67 6.24 -22.04
N SER K 20 -9.02 5.09 -22.11
CA SER K 20 -8.28 4.56 -20.97
C SER K 20 -7.02 5.40 -20.74
N GLN K 21 -6.53 5.45 -19.50
CA GLN K 21 -5.24 6.09 -19.24
C GLN K 21 -4.12 5.42 -20.04
N LYS K 22 -4.21 4.11 -20.28
CA LYS K 22 -3.23 3.42 -21.12
C LYS K 22 -3.24 3.95 -22.55
N GLN K 23 -4.43 4.23 -23.08
CA GLN K 23 -4.57 4.82 -24.42
C GLN K 23 -3.99 6.24 -24.47
N ILE K 24 -4.26 7.02 -23.42
CA ILE K 24 -3.71 8.37 -23.28
C ILE K 24 -2.17 8.32 -23.22
N ASP K 25 -1.64 7.40 -22.41
CA ASP K 25 -0.19 7.22 -22.28
C ASP K 25 0.46 6.95 -23.65
N GLN K 26 -0.18 6.09 -24.44
CA GLN K 26 0.32 5.76 -25.77
C GLN K 26 0.30 6.97 -26.73
N ILE K 27 -0.79 7.74 -26.71
CA ILE K 27 -0.92 8.96 -27.53
C ILE K 27 0.20 9.93 -27.18
N ILE K 28 0.46 10.09 -25.89
CA ILE K 28 1.50 11.01 -25.43
C ILE K 28 2.89 10.53 -25.87
N ALA K 29 3.13 9.22 -25.79
CA ALA K 29 4.39 8.64 -26.26
C ALA K 29 4.63 8.83 -27.76
N ASP K 30 3.56 8.63 -28.54
CA ASP K 30 3.60 8.82 -29.98
C ASP K 30 3.88 10.28 -30.33
N TYR K 31 3.26 11.20 -29.60
CA TYR K 31 3.49 12.64 -29.78
C TYR K 31 4.98 12.95 -29.61
N GLY K 32 5.54 12.52 -28.48
CA GLY K 32 6.96 12.71 -28.19
C GLY K 32 7.87 12.10 -29.24
N ASN K 33 7.53 10.88 -29.66
CA ASN K 33 8.29 10.15 -30.69
C ASN K 33 8.44 10.89 -32.03
N LEU K 34 7.53 11.80 -32.35
CA LEU K 34 7.67 12.63 -33.57
C LEU K 34 8.98 13.42 -33.61
N GLN K 35 9.51 13.80 -32.44
CA GLN K 35 10.81 14.50 -32.39
C GLN K 35 11.97 13.63 -32.94
N ASN K 36 11.83 12.31 -32.88
CA ASN K 36 12.85 11.41 -33.46
C ASN K 36 12.83 11.32 -34.98
N ILE K 37 11.68 11.57 -35.60
CA ILE K 37 11.57 11.56 -37.07
C ILE K 37 11.72 12.96 -37.66
N ALA K 38 11.20 13.98 -36.98
CA ALA K 38 11.20 15.35 -37.50
C ALA K 38 12.38 16.14 -36.94
N PRO K 39 13.39 16.44 -37.78
CA PRO K 39 14.46 17.28 -37.24
C PRO K 39 14.02 18.68 -36.79
N GLU K 40 12.89 19.18 -37.28
CA GLU K 40 12.41 20.52 -36.94
C GLU K 40 11.94 20.65 -35.49
N MET K 41 11.37 19.57 -34.96
CA MET K 41 10.70 19.58 -33.65
C MET K 41 11.73 19.26 -32.57
N LYS K 42 11.96 20.21 -31.67
CA LYS K 42 12.99 20.10 -30.65
CA LYS K 42 12.98 20.08 -30.64
C LYS K 42 12.41 20.38 -29.25
N GLU K 43 13.10 19.87 -28.22
CA GLU K 43 12.83 20.21 -26.82
C GLU K 43 11.41 19.88 -26.35
N TRP K 44 10.90 18.75 -26.80
CA TRP K 44 9.56 18.31 -26.44
C TRP K 44 9.50 18.01 -24.95
N LYS K 45 8.47 18.55 -24.31
CA LYS K 45 8.20 18.26 -22.91
C LYS K 45 6.70 18.34 -22.69
N TRP K 46 6.23 17.73 -21.62
CA TRP K 46 4.80 17.75 -21.34
C TRP K 46 4.56 17.50 -19.86
N GLY K 47 3.32 17.70 -19.45
CA GLY K 47 2.90 17.31 -18.12
C GLY K 47 1.44 17.54 -17.87
N THR K 48 1.00 17.13 -16.69
CA THR K 48 -0.37 17.34 -16.25
C THR K 48 -0.47 18.51 -15.28
N ASP K 49 -1.56 19.26 -15.38
CA ASP K 49 -1.80 20.38 -14.49
C ASP K 49 -1.82 19.93 -13.03
N LEU K 50 -1.19 20.72 -12.17
CA LEU K 50 -1.01 20.39 -10.75
C LEU K 50 -2.25 20.61 -9.88
N GLY K 51 -3.28 21.22 -10.43
CA GLY K 51 -4.60 21.22 -9.82
C GLY K 51 -4.81 22.41 -8.90
N PRO K 52 -6.01 22.50 -8.29
CA PRO K 52 -6.45 23.72 -7.58
C PRO K 52 -5.71 24.05 -6.28
N ALA K 53 -4.98 23.09 -5.70
CA ALA K 53 -4.13 23.39 -4.54
C ALA K 53 -2.89 24.19 -4.94
N VAL K 54 -2.50 24.13 -6.21
CA VAL K 54 -1.43 24.97 -6.74
C VAL K 54 -2.03 26.28 -7.31
N GLU K 55 -2.89 26.14 -8.31
CA GLU K 55 -3.59 27.29 -8.91
C GLU K 55 -4.81 26.79 -9.66
N ASP K 56 -5.88 27.57 -9.68
CA ASP K 56 -7.18 27.08 -10.21
C ASP K 56 -7.69 27.88 -11.42
N ARG K 57 -6.83 28.03 -12.44
CA ARG K 57 -7.19 28.74 -13.66
C ARG K 57 -6.94 27.92 -14.92
N ALA K 58 -6.89 26.59 -14.78
CA ALA K 58 -6.67 25.70 -15.92
C ALA K 58 -7.91 25.54 -16.81
N ASP K 59 -9.08 25.99 -16.34
CA ASP K 59 -10.30 25.99 -17.15
C ASP K 59 -10.65 24.64 -17.80
N GLY K 60 -10.38 23.55 -17.09
CA GLY K 60 -10.66 22.21 -17.54
C GLY K 60 -9.62 21.55 -18.43
N PHE K 61 -8.54 22.27 -18.77
CA PHE K 61 -7.43 21.67 -19.50
C PHE K 61 -6.58 20.88 -18.50
N THR K 62 -6.18 19.67 -18.88
CA THR K 62 -5.45 18.78 -17.97
C THR K 62 -4.00 18.58 -18.32
N HIS K 63 -3.64 18.78 -19.59
CA HIS K 63 -2.31 18.48 -20.08
C HIS K 63 -1.76 19.64 -20.89
N ALA K 64 -0.44 19.86 -20.78
CA ALA K 64 0.29 20.78 -21.65
C ALA K 64 1.41 20.04 -22.35
N TYR K 65 1.70 20.46 -23.58
CA TYR K 65 2.81 19.92 -24.38
C TYR K 65 3.53 21.08 -25.05
N GLU K 66 4.85 21.13 -24.89
CA GLU K 66 5.68 22.18 -25.47
C GLU K 66 6.65 21.59 -26.50
N SER K 67 6.80 22.30 -27.62
CA SER K 67 7.86 22.00 -28.57
C SER K 67 8.45 23.29 -29.10
N THR K 68 9.67 23.16 -29.63
CA THR K 68 10.45 24.31 -30.07
C THR K 68 10.86 24.11 -31.52
N PHE K 69 10.80 25.18 -32.29
CA PHE K 69 11.18 25.20 -33.70
C PHE K 69 12.13 26.37 -33.94
N HIS K 70 13.00 26.24 -34.94
CA HIS K 70 13.96 27.33 -35.19
C HIS K 70 13.44 28.43 -36.11
N SER K 71 12.29 28.22 -36.73
CA SER K 71 11.64 29.28 -37.52
C SER K 71 10.16 28.94 -37.71
N VAL K 72 9.39 29.91 -38.14
CA VAL K 72 7.97 29.66 -38.44
C VAL K 72 7.86 28.67 -39.60
N ALA K 73 8.68 28.86 -40.63
CA ALA K 73 8.72 27.96 -41.79
C ALA K 73 8.99 26.52 -41.38
N ASP K 74 9.95 26.33 -40.48
CA ASP K 74 10.26 24.98 -39.97
C ASP K 74 9.06 24.34 -39.25
N PHE K 75 8.33 25.14 -38.48
CA PHE K 75 7.12 24.64 -37.85
C PHE K 75 6.11 24.18 -38.91
N LEU K 76 5.87 25.02 -39.90
CA LEU K 76 4.90 24.71 -40.95
C LEU K 76 5.31 23.49 -41.76
N ASN K 77 6.59 23.38 -42.09
CA ASN K 77 7.12 22.20 -42.78
C ASN K 77 6.89 20.92 -41.97
N PHE K 78 7.10 21.01 -40.65
CA PHE K 78 6.79 19.90 -39.76
C PHE K 78 5.28 19.58 -39.73
N PHE K 79 4.47 20.62 -39.54
CA PHE K 79 3.05 20.43 -39.32
C PHE K 79 2.36 19.67 -40.46
N TYR K 80 2.73 20.00 -41.68
CA TYR K 80 2.13 19.37 -42.86
C TYR K 80 2.95 18.19 -43.41
N SER K 81 3.93 17.72 -42.64
CA SER K 81 4.68 16.52 -43.00
C SER K 81 3.79 15.28 -42.77
N PRO K 82 4.00 14.20 -43.55
CA PRO K 82 3.17 13.00 -43.38
C PRO K 82 3.08 12.45 -41.93
N PRO K 83 4.21 12.31 -41.22
CA PRO K 83 4.13 11.82 -39.82
C PRO K 83 3.31 12.71 -38.87
N ALA K 84 3.43 14.03 -39.00
CA ALA K 84 2.66 14.97 -38.17
C ALA K 84 1.18 14.88 -38.49
N LEU K 85 0.83 14.90 -39.78
CA LEU K 85 -0.57 14.80 -40.20
C LEU K 85 -1.20 13.48 -39.74
N GLU K 86 -0.44 12.39 -39.82
CA GLU K 86 -0.94 11.08 -39.37
C GLU K 86 -1.17 11.08 -37.87
N PHE K 87 -0.23 11.61 -37.09
CA PHE K 87 -0.42 11.72 -35.65
C PHE K 87 -1.61 12.60 -35.30
N ALA K 88 -1.76 13.73 -35.98
CA ALA K 88 -2.89 14.64 -35.76
C ALA K 88 -4.27 13.94 -35.87
N LYS K 89 -4.39 13.03 -36.83
CA LYS K 89 -5.63 12.26 -36.99
C LYS K 89 -5.95 11.30 -35.84
N GLU K 90 -4.95 10.96 -35.03
CA GLU K 90 -5.13 10.23 -33.77
C GLU K 90 -5.33 11.15 -32.58
N PHE K 91 -4.63 12.28 -32.57
CA PHE K 91 -4.69 13.23 -31.45
C PHE K 91 -6.00 14.00 -31.39
N PHE K 92 -6.41 14.61 -32.50
CA PHE K 92 -7.60 15.49 -32.50
C PHE K 92 -8.89 14.78 -32.04
N PRO K 93 -9.18 13.56 -32.54
CA PRO K 93 -10.37 12.84 -32.03
C PRO K 93 -10.30 12.42 -30.56
N ALA K 94 -9.10 12.38 -29.98
CA ALA K 94 -8.94 12.09 -28.56
C ALA K 94 -9.18 13.29 -27.65
N CYS K 95 -9.17 14.50 -28.22
CA CYS K 95 -9.38 15.72 -27.44
C CYS K 95 -10.85 16.07 -27.28
N GLU K 96 -11.26 16.27 -26.03
CA GLU K 96 -12.53 16.91 -25.71
CA GLU K 96 -12.55 16.92 -25.72
C GLU K 96 -12.42 18.39 -26.10
N LYS K 97 -11.26 18.98 -25.82
CA LYS K 97 -10.95 20.33 -26.26
C LYS K 97 -9.45 20.56 -26.31
N ILE K 98 -9.08 21.63 -27.00
CA ILE K 98 -7.69 21.92 -27.30
C ILE K 98 -7.53 23.43 -27.50
N VAL K 99 -6.39 23.95 -27.09
CA VAL K 99 -5.99 25.30 -27.44
C VAL K 99 -4.50 25.26 -27.75
N VAL K 100 -4.10 26.00 -28.79
CA VAL K 100 -2.72 26.00 -29.25
C VAL K 100 -2.26 27.39 -29.59
N LEU K 101 -1.08 27.78 -29.09
CA LEU K 101 -0.43 29.02 -29.50
C LEU K 101 0.95 28.73 -30.09
N ASN K 102 1.31 29.51 -31.11
CA ASN K 102 2.62 29.49 -31.72
C ASN K 102 3.16 30.90 -31.63
N TYR K 103 4.36 31.05 -31.07
CA TYR K 103 4.90 32.40 -30.88
C TYR K 103 6.40 32.45 -30.93
N ILE K 104 6.92 33.54 -31.48
CA ILE K 104 8.34 33.82 -31.43
C ILE K 104 8.67 34.24 -30.01
N ILE K 105 9.70 33.65 -29.45
CA ILE K 105 10.13 33.88 -28.08
C ILE K 105 10.74 35.28 -27.92
N ASN K 106 10.31 35.98 -26.87
CA ASN K 106 10.91 37.24 -26.43
C ASN K 106 11.38 37.15 -24.99
N GLU K 107 12.41 37.92 -24.65
CA GLU K 107 12.96 38.02 -23.29
C GLU K 107 12.40 39.23 -22.55
N PRO L 4 14.86 15.93 -9.46
CA PRO L 4 14.33 17.31 -9.44
C PRO L 4 12.99 17.45 -10.16
N GLU L 5 11.98 17.95 -9.45
CA GLU L 5 10.65 18.16 -10.02
C GLU L 5 10.50 19.62 -10.45
N ILE L 6 10.95 19.87 -11.68
CA ILE L 6 10.95 21.20 -12.27
C ILE L 6 9.57 21.53 -12.80
N VAL L 7 9.06 22.70 -12.45
CA VAL L 7 7.70 23.13 -12.78
C VAL L 7 7.71 24.18 -13.90
N ARG L 8 6.84 23.99 -14.89
CA ARG L 8 6.56 25.01 -15.88
C ARG L 8 5.24 25.68 -15.55
N HIS L 9 5.21 27.01 -15.65
CA HIS L 9 4.04 27.83 -15.42
C HIS L 9 3.76 28.50 -16.75
N ILE L 10 2.67 28.11 -17.41
CA ILE L 10 2.34 28.63 -18.74
C ILE L 10 1.02 29.37 -18.67
N VAL L 11 1.03 30.61 -19.13
CA VAL L 11 -0.13 31.47 -19.14
C VAL L 11 -0.48 31.84 -20.59
N PHE L 12 -1.74 31.70 -20.98
CA PHE L 12 -2.25 32.32 -22.21
C PHE L 12 -3.26 33.38 -21.81
N ASN L 13 -3.21 34.54 -22.46
CA ASN L 13 -4.25 35.55 -22.20
C ASN L 13 -4.67 36.32 -23.45
N ARG L 14 -5.73 37.09 -23.26
CA ARG L 14 -6.20 38.06 -24.22
C ARG L 14 -6.47 39.30 -23.39
N TYR L 15 -5.96 40.45 -23.82
CA TYR L 15 -6.13 41.71 -23.09
C TYR L 15 -7.48 42.34 -23.39
N LYS L 16 -8.05 43.03 -22.39
CA LYS L 16 -9.27 43.82 -22.64
C LYS L 16 -9.05 44.88 -23.72
N SER L 17 -10.08 45.11 -24.54
CA SER L 17 -9.96 45.94 -25.74
C SER L 17 -9.64 47.41 -25.45
N GLN L 18 -9.99 47.87 -24.25
CA GLN L 18 -9.75 49.25 -23.85
CA GLN L 18 -9.72 49.26 -23.82
C GLN L 18 -8.24 49.57 -23.77
N LEU L 19 -7.41 48.54 -23.47
CA LEU L 19 -5.99 48.75 -23.30
C LEU L 19 -5.25 49.04 -24.60
N SER L 20 -4.40 50.08 -24.57
CA SER L 20 -3.56 50.41 -25.71
C SER L 20 -2.36 49.44 -25.74
N GLN L 21 -1.66 49.40 -26.86
CA GLN L 21 -0.43 48.61 -26.96
C GLN L 21 0.61 49.07 -25.96
N LYS L 22 0.68 50.40 -25.73
CA LYS L 22 1.56 50.95 -24.72
C LYS L 22 1.29 50.34 -23.33
N GLN L 23 0.02 50.25 -22.97
CA GLN L 23 -0.39 49.68 -21.69
C GLN L 23 -0.13 48.17 -21.60
N ILE L 24 -0.31 47.47 -22.72
CA ILE L 24 0.03 46.03 -22.79
C ILE L 24 1.54 45.85 -22.60
N ASP L 25 2.33 46.64 -23.32
CA ASP L 25 3.79 46.61 -23.17
C ASP L 25 4.21 46.82 -21.72
N GLN L 26 3.54 47.72 -21.01
CA GLN L 26 3.88 48.02 -19.62
C GLN L 26 3.60 46.84 -18.69
N ILE L 27 2.47 46.19 -18.89
CA ILE L 27 2.10 45.02 -18.09
C ILE L 27 3.12 43.89 -18.32
N ILE L 28 3.50 43.70 -19.58
CA ILE L 28 4.44 42.62 -19.93
C ILE L 28 5.82 42.89 -19.34
N ALA L 29 6.28 44.16 -19.42
CA ALA L 29 7.56 44.55 -18.84
C ALA L 29 7.56 44.34 -17.32
N ASP L 30 6.47 44.72 -16.67
CA ASP L 30 6.33 44.51 -15.23
C ASP L 30 6.26 43.04 -14.84
N TYR L 31 5.64 42.21 -15.69
CA TYR L 31 5.62 40.77 -15.45
C TYR L 31 7.07 40.26 -15.45
N GLY L 32 7.80 40.56 -16.52
CA GLY L 32 9.20 40.16 -16.62
C GLY L 32 10.08 40.65 -15.48
N ASN L 33 9.84 41.87 -15.01
CA ASN L 33 10.65 42.47 -13.95
CA ASN L 33 10.65 42.47 -13.94
C ASN L 33 10.50 41.76 -12.60
N LEU L 34 9.43 40.98 -12.42
CA LEU L 34 9.28 40.13 -11.23
C LEU L 34 10.48 39.22 -10.98
N GLN L 35 11.15 38.78 -12.04
CA GLN L 35 12.33 37.93 -11.91
C GLN L 35 13.52 38.64 -11.25
N ASN L 36 13.54 39.97 -11.30
CA ASN L 36 14.62 40.77 -10.72
C ASN L 36 14.54 40.98 -9.21
N ILE L 37 13.38 40.77 -8.61
CA ILE L 37 13.18 41.07 -7.18
C ILE L 37 13.23 39.84 -6.27
N ALA L 38 13.17 38.65 -6.87
CA ALA L 38 13.49 37.40 -6.18
C ALA L 38 13.88 36.34 -7.21
N PRO L 39 14.74 35.36 -6.83
CA PRO L 39 15.32 34.44 -7.82
C PRO L 39 14.47 33.21 -8.23
N GLU L 40 13.29 33.02 -7.63
CA GLU L 40 12.49 31.80 -7.86
C GLU L 40 12.02 31.65 -9.32
N MET L 41 11.55 32.73 -9.93
CA MET L 41 11.07 32.71 -11.32
C MET L 41 12.24 32.74 -12.30
N LYS L 42 12.40 31.64 -13.04
CA LYS L 42 13.50 31.48 -13.99
C LYS L 42 12.98 31.35 -15.42
N GLU L 43 13.85 31.64 -16.39
CA GLU L 43 13.60 31.43 -17.82
C GLU L 43 12.33 32.12 -18.33
N TRP L 44 12.00 33.29 -17.79
CA TRP L 44 10.77 33.97 -18.17
C TRP L 44 10.87 34.38 -19.62
N LYS L 45 9.87 34.00 -20.41
CA LYS L 45 9.76 34.38 -21.81
C LYS L 45 8.31 34.65 -22.13
N TRP L 46 8.08 35.37 -23.22
CA TRP L 46 6.73 35.63 -23.69
C TRP L 46 6.69 35.77 -25.20
N GLY L 47 5.47 35.76 -25.74
CA GLY L 47 5.28 36.10 -27.14
C GLY L 47 3.85 36.23 -27.55
N THR L 48 3.68 36.70 -28.78
CA THR L 48 2.36 36.90 -29.35
C THR L 48 2.09 35.76 -30.33
N ASP L 49 0.90 35.18 -30.22
CA ASP L 49 0.47 34.15 -31.14
C ASP L 49 0.54 34.68 -32.58
N LEU L 50 1.00 33.81 -33.48
CA LEU L 50 1.28 34.15 -34.88
C LEU L 50 0.05 34.16 -35.79
N GLY L 51 -1.09 33.72 -35.27
CA GLY L 51 -2.37 33.90 -35.95
C GLY L 51 -2.73 32.77 -36.89
N PRO L 52 -3.92 32.87 -37.51
CA PRO L 52 -4.50 31.75 -38.26
C PRO L 52 -3.80 31.36 -39.55
N ALA L 53 -2.93 32.22 -40.08
CA ALA L 53 -2.09 31.84 -41.23
C ALA L 53 -1.07 30.77 -40.85
N VAL L 54 -0.76 30.66 -39.56
CA VAL L 54 0.18 29.64 -39.06
C VAL L 54 -0.57 28.46 -38.47
N GLU L 55 -1.48 28.73 -37.54
CA GLU L 55 -2.40 27.72 -37.01
C GLU L 55 -3.57 28.43 -36.36
N ASP L 56 -4.77 27.90 -36.51
CA ASP L 56 -5.98 28.63 -36.09
C ASP L 56 -6.68 27.89 -34.95
N ARG L 57 -5.93 27.65 -33.88
CA ARG L 57 -6.45 26.96 -32.70
C ARG L 57 -6.25 27.75 -31.41
N ALA L 58 -5.98 29.05 -31.54
CA ALA L 58 -5.67 29.87 -30.37
C ALA L 58 -6.92 30.36 -29.65
N ASP L 59 -8.10 30.20 -30.27
CA ASP L 59 -9.39 30.47 -29.62
C ASP L 59 -9.46 31.85 -28.94
N GLY L 60 -8.93 32.86 -29.60
CA GLY L 60 -8.96 34.23 -29.10
C GLY L 60 -7.85 34.65 -28.15
N PHE L 61 -7.04 33.70 -27.67
CA PHE L 61 -5.85 34.03 -26.89
C PHE L 61 -4.82 34.63 -27.83
N THR L 62 -4.20 35.73 -27.41
CA THR L 62 -3.24 36.45 -28.24
C THR L 62 -1.80 36.38 -27.75
N HIS L 63 -1.61 36.10 -26.47
CA HIS L 63 -0.31 36.16 -25.83
C HIS L 63 -0.03 34.89 -25.00
N ALA L 64 1.24 34.53 -24.91
CA ALA L 64 1.71 33.42 -24.08
C ALA L 64 2.87 33.88 -23.22
N TYR L 65 2.96 33.35 -22.01
CA TYR L 65 4.05 33.67 -21.06
C TYR L 65 4.48 32.37 -20.40
N GLU L 66 5.78 32.17 -20.30
CA GLU L 66 6.33 30.91 -19.77
C GLU L 66 7.35 31.21 -18.71
N SER L 67 7.35 30.42 -17.66
CA SER L 67 8.41 30.52 -16.66
C SER L 67 8.65 29.16 -16.03
N THR L 68 9.81 29.03 -15.42
CA THR L 68 10.28 27.76 -14.87
C THR L 68 10.61 27.96 -13.39
N PHE L 69 10.23 26.98 -12.59
CA PHE L 69 10.50 26.97 -11.16
C PHE L 69 11.17 25.63 -10.84
N HIS L 70 12.22 25.68 -10.02
CA HIS L 70 13.02 24.47 -9.80
C HIS L 70 12.39 23.48 -8.82
N SER L 71 11.30 23.88 -8.16
CA SER L 71 10.51 22.99 -7.31
C SER L 71 9.10 23.54 -7.14
N VAL L 72 8.19 22.67 -6.69
CA VAL L 72 6.82 23.08 -6.37
C VAL L 72 6.84 24.13 -5.25
N ALA L 73 7.70 23.94 -4.27
CA ALA L 73 7.88 24.90 -3.17
C ALA L 73 8.31 26.28 -3.66
N ASP L 74 9.26 26.31 -4.59
CA ASP L 74 9.70 27.56 -5.22
C ASP L 74 8.57 28.27 -5.93
N PHE L 75 7.73 27.53 -6.66
CA PHE L 75 6.53 28.13 -7.27
C PHE L 75 5.59 28.72 -6.22
N LEU L 76 5.28 27.96 -5.17
CA LEU L 76 4.38 28.46 -4.14
C LEU L 76 4.95 29.69 -3.43
N ASN L 77 6.24 29.65 -3.09
CA ASN L 77 6.88 30.81 -2.45
C ASN L 77 6.78 32.04 -3.32
N PHE L 78 6.98 31.87 -4.63
CA PHE L 78 6.81 32.97 -5.58
C PHE L 78 5.36 33.45 -5.65
N PHE L 79 4.43 32.52 -5.87
CA PHE L 79 3.00 32.84 -6.07
C PHE L 79 2.41 33.64 -4.90
N TYR L 80 2.76 33.25 -3.69
CA TYR L 80 2.26 33.93 -2.48
C TYR L 80 3.17 35.06 -1.96
N SER L 81 4.24 35.39 -2.70
CA SER L 81 5.09 36.54 -2.36
C SER L 81 4.31 37.85 -2.57
N PRO L 82 4.57 38.87 -1.71
CA PRO L 82 3.87 40.14 -1.87
C PRO L 82 3.98 40.78 -3.27
N PRO L 83 5.17 40.75 -3.89
CA PRO L 83 5.26 41.32 -5.24
C PRO L 83 4.43 40.61 -6.30
N ALA L 84 4.39 39.27 -6.26
CA ALA L 84 3.54 38.49 -7.17
C ALA L 84 2.05 38.68 -6.91
N LEU L 85 1.66 38.76 -5.64
CA LEU L 85 0.26 39.05 -5.29
C LEU L 85 -0.17 40.41 -5.80
N GLU L 86 0.70 41.41 -5.67
CA GLU L 86 0.42 42.76 -6.15
C GLU L 86 0.34 42.80 -7.67
N PHE L 87 1.28 42.14 -8.36
CA PHE L 87 1.22 42.09 -9.83
C PHE L 87 -0.01 41.34 -10.36
N ALA L 88 -0.40 40.23 -9.71
CA ALA L 88 -1.63 39.52 -10.08
C ALA L 88 -2.87 40.43 -10.06
N LYS L 89 -2.91 41.37 -9.12
CA LYS L 89 -4.02 42.31 -9.02
C LYS L 89 -4.09 43.30 -10.19
N GLU L 90 -2.96 43.56 -10.83
CA GLU L 90 -2.92 44.34 -12.07
C GLU L 90 -3.19 43.45 -13.29
N PHE L 91 -2.56 42.27 -13.31
CA PHE L 91 -2.62 41.42 -14.50
C PHE L 91 -4.01 40.86 -14.78
N PHE L 92 -4.65 40.26 -13.78
CA PHE L 92 -5.92 39.57 -14.00
C PHE L 92 -7.08 40.46 -14.47
N PRO L 93 -7.30 41.64 -13.85
CA PRO L 93 -8.33 42.53 -14.41
C PRO L 93 -8.00 43.12 -15.79
N ALA L 94 -6.74 43.08 -16.21
CA ALA L 94 -6.38 43.43 -17.59
C ALA L 94 -6.77 42.37 -18.64
N CYS L 95 -7.13 41.16 -18.19
CA CYS L 95 -7.44 40.05 -19.10
C CYS L 95 -8.92 39.98 -19.47
N GLU L 96 -9.20 39.96 -20.77
CA GLU L 96 -10.51 39.51 -21.25
C GLU L 96 -10.65 38.00 -21.06
N LYS L 97 -9.58 37.26 -21.39
CA LYS L 97 -9.53 35.80 -21.23
C LYS L 97 -8.22 35.42 -20.58
N ILE L 98 -8.22 34.32 -19.83
CA ILE L 98 -7.01 33.81 -19.16
C ILE L 98 -7.08 32.30 -18.99
N VAL L 99 -5.98 31.61 -19.26
CA VAL L 99 -5.82 30.21 -18.88
C VAL L 99 -4.38 29.97 -18.43
N VAL L 100 -4.23 29.23 -17.34
CA VAL L 100 -2.94 28.98 -16.71
C VAL L 100 -2.84 27.50 -16.38
N LEU L 101 -1.75 26.87 -16.81
CA LEU L 101 -1.42 25.51 -16.40
C LEU L 101 -0.06 25.49 -15.75
N ASN L 102 0.04 24.74 -14.67
CA ASN L 102 1.30 24.48 -13.98
C ASN L 102 1.53 22.99 -14.00
N TYR L 103 2.69 22.57 -14.45
CA TYR L 103 2.98 21.14 -14.58
C TYR L 103 4.45 20.80 -14.30
N ILE L 104 4.65 19.63 -13.71
CA ILE L 104 5.99 19.07 -13.56
C ILE L 104 6.42 18.49 -14.90
N ILE L 105 7.60 18.89 -15.36
CA ILE L 105 8.14 18.50 -16.66
C ILE L 105 8.34 16.98 -16.77
N ASN L 106 7.81 16.42 -17.86
CA ASN L 106 8.17 15.11 -18.38
C ASN L 106 8.82 15.32 -19.75
N GLU L 107 9.85 14.52 -20.05
CA GLU L 107 10.59 14.64 -21.32
C GLU L 107 10.81 13.26 -21.94
O1 HEZ M . -4.06 27.37 41.39
C1 HEZ M . -4.16 27.21 39.97
C2 HEZ M . -3.51 28.35 39.22
C3 HEZ M . -2.64 27.83 38.09
C4 HEZ M . -1.30 27.28 38.61
C5 HEZ M . -0.98 25.93 37.98
C6 HEZ M . 0.19 25.27 38.71
O6 HEZ M . -0.32 24.41 39.74
O1 HEZ N . -27.04 33.68 36.21
C1 HEZ N . -26.06 33.25 37.18
C2 HEZ N . -26.19 31.89 37.89
C3 HEZ N . -27.34 31.52 38.83
C4 HEZ N . -28.73 32.00 38.43
C5 HEZ N . -29.35 31.16 37.34
C6 HEZ N . -30.51 31.91 36.70
O6 HEZ N . -30.08 32.92 35.76
O1 HEZ O . -23.96 23.08 18.49
C1 HEZ O . -23.92 21.81 19.15
C2 HEZ O . -22.47 21.38 19.37
C3 HEZ O . -22.31 20.35 20.50
C4 HEZ O . -21.28 20.80 21.54
C5 HEZ O . -20.84 19.64 22.46
C6 HEZ O . -19.73 20.07 23.41
O6 HEZ O . -20.26 20.51 24.67
O1 HEZ P . 7.63 -33.82 -46.97
C1 HEZ P . 7.81 -34.87 -47.92
C2 HEZ P . 6.53 -35.69 -48.08
C3 HEZ P . 5.36 -34.85 -48.60
C4 HEZ P . 5.62 -34.11 -49.90
C5 HEZ P . 6.28 -34.94 -51.03
C6 HEZ P . 6.52 -34.09 -52.27
O6 HEZ P . 7.24 -34.81 -53.29
O1 HEZ Q . -7.98 -24.44 -30.82
C1 HEZ Q . -9.06 -24.01 -31.63
C2 HEZ Q . -8.65 -22.92 -32.62
C3 HEZ Q . -7.91 -21.75 -32.00
C4 HEZ Q . -8.74 -20.97 -30.98
C5 HEZ Q . -7.88 -20.05 -30.12
C6 HEZ Q . -8.33 -19.98 -28.67
O6 HEZ Q . -8.20 -21.26 -28.02
O1 HEZ R . -3.72 -27.49 -15.16
C1 HEZ R . -4.39 -27.78 -16.40
C2 HEZ R . -5.92 -27.67 -16.29
C3 HEZ R . -6.49 -26.46 -17.03
C4 HEZ R . -7.88 -25.99 -16.60
C5 HEZ R . -7.82 -24.85 -15.57
C6 HEZ R . -9.17 -24.24 -15.24
O6 HEZ R . -9.24 -23.96 -13.83
O1 HEZ S . 16.84 -20.15 -11.46
C1 HEZ S . 15.82 -21.06 -11.90
C2 HEZ S . 16.47 -22.17 -12.72
C3 HEZ S . 16.91 -23.32 -11.82
C4 HEZ S . 15.74 -24.23 -11.41
C5 HEZ S . 16.29 -25.53 -10.85
C6 HEZ S . 15.20 -26.51 -10.44
O6 HEZ S . 15.63 -27.84 -10.77
O1 HEZ T . 10.98 -31.54 0.10
C1 HEZ T . 12.35 -31.09 0.05
C2 HEZ T . 12.45 -29.62 0.40
C3 HEZ T . 11.48 -29.19 1.51
C4 HEZ T . 11.91 -27.89 2.19
C5 HEZ T . 10.90 -27.45 3.24
C6 HEZ T . 11.35 -26.18 3.95
O6 HEZ T . 10.66 -26.01 5.21
O1 HEZ U . 37.22 -8.56 -11.22
C1 HEZ U . 38.36 -9.38 -11.02
C2 HEZ U . 38.39 -9.99 -9.62
C3 HEZ U . 38.21 -8.99 -8.49
C4 HEZ U . 39.42 -8.07 -8.31
C5 HEZ U . 39.05 -6.90 -7.38
C6 HEZ U . 39.81 -5.61 -7.67
O6 HEZ U . 39.52 -5.14 -8.98
O1 HEZ V . 40.62 -15.25 -16.40
C1 HEZ V . 41.06 -14.10 -15.67
C2 HEZ V . 42.55 -14.07 -15.40
C3 HEZ V . 42.93 -13.91 -13.93
C4 HEZ V . 43.95 -14.94 -13.45
C5 HEZ V . 43.39 -15.97 -12.46
C6 HEZ V . 43.50 -17.41 -12.99
O6 HEZ V . 42.46 -18.25 -12.42
O1 HEZ W . 37.26 -24.98 6.59
C1 HEZ W . 35.88 -24.72 6.29
C2 HEZ W . 35.34 -23.53 7.08
C3 HEZ W . 35.47 -22.22 6.31
C4 HEZ W . 35.25 -20.91 7.09
C5 HEZ W . 36.07 -20.76 8.38
C6 HEZ W . 36.79 -19.42 8.57
O6 HEZ W . 36.19 -18.32 7.88
O1 HEZ X . -18.30 -15.15 24.69
C1 HEZ X . -19.67 -14.73 24.67
C2 HEZ X . -20.67 -15.72 24.10
C3 HEZ X . -20.60 -17.16 24.57
C4 HEZ X . -20.34 -17.31 26.07
C5 HEZ X . -19.15 -18.23 26.37
C6 HEZ X . -18.32 -17.71 27.53
O6 HEZ X . -17.38 -16.73 27.07
O1 HEZ Y . 24.63 -4.13 17.32
C1 HEZ Y . 24.02 -4.07 18.61
C2 HEZ Y . 23.78 -2.64 19.05
C3 HEZ Y . 23.01 -2.56 20.36
C4 HEZ Y . 22.88 -1.12 20.85
C5 HEZ Y . 21.49 -0.89 21.46
C6 HEZ Y . 21.44 0.38 22.29
O6 HEZ Y . 20.22 0.47 23.04
O1 HEZ Z . 5.34 -21.12 30.55
C1 HEZ Z . 6.62 -20.75 31.06
C2 HEZ Z . 6.57 -19.40 31.78
C3 HEZ Z . 5.51 -19.31 32.89
C4 HEZ Z . 5.57 -20.45 33.91
C5 HEZ Z . 6.93 -20.58 34.59
C6 HEZ Z . 6.89 -21.63 35.69
O6 HEZ Z . 8.15 -21.74 36.38
O1 HEZ AA . -17.28 0.02 1.52
C1 HEZ AA . -17.22 -1.21 0.78
C2 HEZ AA . -16.05 -2.05 1.29
C3 HEZ AA . -15.29 -2.76 0.17
C4 HEZ AA . -14.06 -1.95 -0.29
C5 HEZ AA . -13.18 -2.74 -1.25
C6 HEZ AA . -12.33 -3.80 -0.55
O6 HEZ AA . -11.52 -4.55 -1.47
O1 HEZ BA . -0.87 15.20 9.69
C1 HEZ BA . 0.46 14.71 9.63
C2 HEZ BA . 1.43 15.81 10.08
C3 HEZ BA . 1.11 17.11 9.35
C4 HEZ BA . 2.28 18.11 9.34
C5 HEZ BA . 2.95 18.26 7.97
C6 HEZ BA . 3.23 19.73 7.58
O6 HEZ BA . 4.41 20.29 8.15
O1 HEZ CA . -17.82 8.86 -60.67
C1 HEZ CA . -18.30 10.20 -60.60
C2 HEZ CA . -17.31 11.06 -59.82
C3 HEZ CA . -17.90 12.45 -59.56
C4 HEZ CA . -16.78 13.48 -59.34
C5 HEZ CA . -17.32 14.76 -58.69
C6 HEZ CA . -17.40 14.67 -57.16
O6 HEZ CA . -17.30 15.98 -56.60
O1 HEZ DA . -2.57 20.87 -33.29
C1 HEZ DA . -1.25 21.17 -32.83
C2 HEZ DA . -0.89 20.13 -31.79
C3 HEZ DA . -1.21 18.67 -32.10
C4 HEZ DA . -0.77 18.14 -33.47
C5 HEZ DA . 0.63 17.52 -33.41
C6 HEZ DA . 1.17 17.17 -34.80
O6 HEZ DA . 1.24 18.32 -35.64
O1 HEZ EA . 0.80 35.24 -9.85
C1 HEZ EA . 1.85 36.16 -10.22
C2 HEZ EA . 2.02 36.21 -11.74
C3 HEZ EA . 0.84 36.89 -12.44
C4 HEZ EA . -0.35 36.01 -12.78
C5 HEZ EA . -0.05 34.95 -13.86
C6 HEZ EA . -0.65 33.57 -13.55
O6 HEZ EA . -0.49 33.16 -12.18
#